data_7M6M
#
_entry.id   7M6M
#
_cell.length_a   1.00
_cell.length_b   1.00
_cell.length_c   1.00
_cell.angle_alpha   90.00
_cell.angle_beta   90.00
_cell.angle_gamma   90.00
#
_symmetry.space_group_name_H-M   'P 1'
#
loop_
_entity.id
_entity.type
_entity.pdbx_description
1 polymer 'Glycine receptor subunit alphaZ1'
2 branched 2-acetamido-2-deoxy-beta-D-glucopyranose-(1-4)-2-acetamido-2-deoxy-beta-D-glucopyranose
3 non-polymer (6aR,10aR)-6,6,9-trimethyl-3-pentyl-6a,7,8,10a-tetrahydro-6H-benzo[c]chromen-1-ol
#
_entity_poly.entity_id   1
_entity_poly.type   'polypeptide(L)'
_entity_poly.pdbx_seq_one_letter_code
;MFALGIYLWETIVFFSLAASQQAAARKAASPMPPSEFLDKLMGKVSGYDARIRPNFKGPPVNVTCNIFINSFGSIAETTM
DYRVNIFLRQQWNDPRLAYSEYPDDSLDLDPSMLDSIWKPDLFFANEKGANFHEVTTDNKLLRISKNGNVLYSIRITLVL
ACPMDLKNFPMDVQTCIMQLESFGYTMNDLIFEWDEKGAVQVADGLTLPQFILKEEKDLRYCTKHYNTGKFTCIEARFHL
ERQMGYYLIQMYIPSLLIVILSWVSFWINMDAAPARVGLGITTVLTMTTQSSGSRASLPKVSYVKAIDIWMAVCLLFVFS
ALLEYAAVNFIARQHKELLRFQRRRRHLKEDEAGDGRFSFAAYGMGPACLQAKDGMAIKGNNNNAPTSTNPPEKTVEEMR
KLFISRAKRIDTVSRVAFPLVFLIFNIFYWITYKIIRSEDIHKQ
;
_entity_poly.pdbx_strand_id   A,B,C,E,D
#
loop_
_chem_comp.id
_chem_comp.type
_chem_comp.name
_chem_comp.formula
NAG D-saccharide, beta linking 2-acetamido-2-deoxy-beta-D-glucopyranose 'C8 H15 N O6'
TCI non-polymer (6aR,10aR)-6,6,9-trimethyl-3-pentyl-6a,7,8,10a-tetrahydro-6H-benzo[c]chromen-1-ol 'C21 H30 O2'
#
# COMPACT_ATOMS: atom_id res chain seq x y z
N MET A 32 24.75 -21.68 -46.25
CA MET A 32 23.30 -21.82 -46.21
C MET A 32 22.77 -20.96 -45.06
N PRO A 33 21.45 -20.71 -44.99
CA PRO A 33 20.90 -19.83 -43.92
C PRO A 33 21.23 -20.38 -42.54
N PRO A 34 21.78 -19.55 -41.64
CA PRO A 34 22.23 -20.08 -40.34
C PRO A 34 21.15 -20.77 -39.53
N SER A 35 19.92 -20.25 -39.56
CA SER A 35 18.87 -20.81 -38.71
C SER A 35 18.58 -22.25 -39.09
N GLU A 36 18.50 -22.52 -40.41
CA GLU A 36 18.09 -23.85 -40.85
C GLU A 36 19.12 -24.89 -40.44
N PHE A 37 20.39 -24.47 -40.35
CA PHE A 37 21.46 -25.37 -39.92
C PHE A 37 21.16 -25.87 -38.50
N LEU A 38 20.66 -24.95 -37.66
CA LEU A 38 20.25 -25.30 -36.31
C LEU A 38 19.09 -26.25 -36.37
N ASP A 39 18.16 -26.00 -37.32
CA ASP A 39 17.00 -26.89 -37.46
C ASP A 39 17.52 -28.29 -37.75
N LYS A 40 18.59 -28.37 -38.58
CA LYS A 40 19.13 -29.66 -38.99
C LYS A 40 19.65 -30.37 -37.76
N LEU A 41 20.33 -29.58 -36.90
CA LEU A 41 20.98 -30.11 -35.70
C LEU A 41 19.97 -30.67 -34.71
N MET A 42 18.93 -29.89 -34.41
CA MET A 42 18.00 -30.25 -33.35
C MET A 42 16.67 -30.80 -33.86
N GLY A 43 16.57 -31.05 -35.14
CA GLY A 43 15.33 -31.50 -35.72
C GLY A 43 15.07 -32.95 -35.50
N LYS A 44 13.86 -33.38 -35.88
CA LYS A 44 13.40 -34.74 -35.66
C LYS A 44 14.31 -35.76 -36.34
N VAL A 45 14.91 -35.37 -37.48
CA VAL A 45 15.75 -36.24 -38.30
C VAL A 45 16.91 -36.78 -37.47
N SER A 46 17.51 -35.93 -36.67
CA SER A 46 18.67 -36.30 -35.86
C SER A 46 18.11 -36.68 -34.50
N GLY A 47 18.78 -37.59 -33.81
CA GLY A 47 18.16 -38.02 -32.58
C GLY A 47 18.45 -37.19 -31.34
N TYR A 48 17.97 -35.95 -31.32
CA TYR A 48 18.11 -35.12 -30.13
C TYR A 48 16.76 -35.04 -29.47
N ASP A 49 16.64 -35.54 -28.25
CA ASP A 49 15.41 -35.41 -27.50
C ASP A 49 15.66 -34.43 -26.37
N ALA A 50 15.06 -33.23 -26.45
CA ALA A 50 15.30 -32.19 -25.43
C ALA A 50 15.04 -32.57 -23.98
N ARG A 51 14.41 -33.72 -23.76
CA ARG A 51 13.99 -34.23 -22.47
C ARG A 51 15.03 -35.13 -21.84
N ILE A 52 16.12 -35.40 -22.55
CA ILE A 52 17.19 -36.27 -22.11
C ILE A 52 18.44 -35.47 -21.79
N ARG A 53 19.02 -35.71 -20.62
CA ARG A 53 20.20 -34.99 -20.19
C ARG A 53 21.39 -35.33 -21.09
N PRO A 54 22.24 -34.35 -21.40
CA PRO A 54 23.52 -34.64 -22.06
C PRO A 54 24.39 -35.57 -21.23
N ASN A 55 25.08 -36.51 -21.90
CA ASN A 55 25.82 -37.60 -21.25
C ASN A 55 24.90 -38.45 -20.39
N PHE A 56 23.82 -38.93 -21.01
CA PHE A 56 22.87 -39.80 -20.34
C PHE A 56 23.54 -41.10 -19.95
N LYS A 57 23.19 -41.60 -18.75
CA LYS A 57 23.81 -42.76 -18.11
C LYS A 57 25.32 -42.61 -18.01
N GLY A 58 25.78 -41.41 -17.63
CA GLY A 58 27.18 -41.09 -17.66
C GLY A 58 27.63 -40.11 -16.59
N PRO A 59 28.83 -39.55 -16.76
CA PRO A 59 29.37 -38.58 -15.81
C PRO A 59 28.50 -37.34 -15.70
N PRO A 60 28.43 -36.73 -14.51
CA PRO A 60 27.54 -35.59 -14.27
C PRO A 60 27.86 -34.35 -15.13
N VAL A 61 26.80 -33.67 -15.57
CA VAL A 61 26.97 -32.44 -16.34
C VAL A 61 27.38 -31.31 -15.40
N ASN A 62 28.43 -30.58 -15.77
CA ASN A 62 28.94 -29.52 -14.92
C ASN A 62 28.48 -28.18 -15.49
N VAL A 63 27.85 -27.34 -14.67
CA VAL A 63 27.30 -26.07 -15.15
C VAL A 63 27.99 -24.90 -14.46
N THR A 64 28.64 -24.04 -15.24
CA THR A 64 29.24 -22.84 -14.69
C THR A 64 28.17 -21.74 -14.53
N CYS A 65 28.17 -21.05 -13.39
CA CYS A 65 27.15 -20.06 -13.10
C CYS A 65 27.73 -18.68 -12.83
N ASN A 66 27.26 -17.66 -13.57
CA ASN A 66 27.67 -16.28 -13.39
C ASN A 66 26.46 -15.39 -13.12
N ILE A 67 26.55 -14.51 -12.12
CA ILE A 67 25.43 -13.65 -11.74
C ILE A 67 25.90 -12.20 -11.76
N PHE A 68 25.13 -11.32 -12.41
CA PHE A 68 25.36 -9.88 -12.45
C PHE A 68 24.14 -9.19 -11.86
N ILE A 69 24.33 -8.32 -10.86
CA ILE A 69 23.22 -7.65 -10.20
C ILE A 69 23.07 -6.24 -10.77
N ASN A 70 22.01 -6.02 -11.55
CA ASN A 70 21.69 -4.68 -12.04
C ASN A 70 21.19 -3.77 -10.93
N SER A 71 20.24 -4.23 -10.13
CA SER A 71 19.65 -3.40 -9.10
C SER A 71 19.31 -4.24 -7.88
N PHE A 72 19.61 -3.67 -6.71
CA PHE A 72 19.38 -4.30 -5.42
C PHE A 72 18.62 -3.29 -4.60
N GLY A 73 17.50 -3.69 -4.01
CA GLY A 73 16.76 -2.75 -3.21
C GLY A 73 15.43 -3.31 -2.73
N SER A 74 14.60 -2.39 -2.24
CA SER A 74 13.25 -2.64 -1.73
C SER A 74 13.25 -3.64 -0.58
N ILE A 75 14.21 -3.51 0.34
CA ILE A 75 14.23 -4.36 1.53
C ILE A 75 13.07 -3.97 2.43
N ALA A 76 12.26 -4.94 2.79
CA ALA A 76 11.07 -4.75 3.60
C ALA A 76 11.16 -5.62 4.84
N GLU A 77 11.14 -4.99 6.01
CA GLU A 77 11.25 -5.74 7.26
C GLU A 77 9.98 -6.52 7.57
N THR A 78 8.81 -5.98 7.25
CA THR A 78 7.55 -6.66 7.56
C THR A 78 7.40 -7.99 6.82
N THR A 79 7.37 -7.95 5.49
CA THR A 79 7.24 -9.17 4.71
C THR A 79 8.51 -10.01 4.62
N MET A 80 9.66 -9.44 5.01
CA MET A 80 10.99 -10.10 5.06
C MET A 80 11.52 -10.53 3.70
N ASP A 81 11.44 -9.63 2.71
CA ASP A 81 11.92 -9.94 1.37
C ASP A 81 12.54 -8.69 0.73
N TYR A 82 13.47 -8.92 -0.20
CA TYR A 82 14.10 -7.85 -0.95
C TYR A 82 14.00 -8.20 -2.43
N ARG A 83 14.08 -7.19 -3.29
CA ARG A 83 13.94 -7.36 -4.72
C ARG A 83 15.24 -7.10 -5.46
N VAL A 84 15.62 -8.01 -6.35
CA VAL A 84 16.81 -7.89 -7.19
C VAL A 84 16.46 -8.12 -8.64
N ASN A 85 17.19 -7.45 -9.51
CA ASN A 85 17.17 -7.63 -10.96
C ASN A 85 18.54 -8.16 -11.34
N ILE A 86 18.59 -9.37 -11.92
CA ILE A 86 19.87 -10.00 -12.19
C ILE A 86 19.97 -10.49 -13.63
N PHE A 87 21.18 -10.89 -14.00
CA PHE A 87 21.57 -11.44 -15.30
C PHE A 87 22.17 -12.82 -15.08
N LEU A 88 21.31 -13.83 -14.96
CA LEU A 88 21.77 -15.20 -14.77
C LEU A 88 22.46 -15.71 -16.03
N ARG A 89 23.63 -16.31 -15.88
CA ARG A 89 24.43 -16.78 -17.01
C ARG A 89 24.96 -18.19 -16.74
N GLN A 90 24.31 -19.19 -17.32
CA GLN A 90 24.74 -20.58 -17.17
C GLN A 90 25.61 -21.04 -18.34
N GLN A 91 26.73 -21.69 -18.04
CA GLN A 91 27.61 -22.29 -19.03
C GLN A 91 27.73 -23.78 -18.77
N TRP A 92 27.45 -24.61 -19.77
CA TRP A 92 27.63 -26.04 -19.62
C TRP A 92 28.05 -26.62 -20.96
N ASN A 93 28.64 -27.81 -20.92
CA ASN A 93 29.16 -28.44 -22.11
C ASN A 93 28.22 -29.58 -22.50
N ASP A 94 27.92 -29.65 -23.79
CA ASP A 94 27.07 -30.70 -24.33
C ASP A 94 27.94 -31.52 -25.28
N PRO A 95 28.15 -32.82 -25.01
CA PRO A 95 28.89 -33.71 -25.93
C PRO A 95 28.40 -33.69 -27.37
N ARG A 96 27.10 -33.87 -27.56
CA ARG A 96 26.48 -33.79 -28.87
C ARG A 96 26.22 -32.32 -29.18
N LEU A 97 25.53 -32.04 -30.30
CA LEU A 97 25.22 -30.69 -30.79
C LEU A 97 26.50 -29.95 -31.15
N ALA A 98 27.50 -30.67 -31.63
CA ALA A 98 28.74 -30.04 -32.07
C ALA A 98 28.80 -30.26 -33.57
N TYR A 99 28.60 -29.17 -34.30
CA TYR A 99 28.48 -29.21 -35.75
C TYR A 99 29.81 -29.48 -36.45
N SER A 100 30.81 -28.66 -36.16
CA SER A 100 32.18 -28.73 -36.70
C SER A 100 32.27 -28.69 -38.23
N GLU A 101 31.23 -28.21 -38.93
CA GLU A 101 31.26 -28.05 -40.39
C GLU A 101 30.47 -26.81 -40.78
N TYR A 102 31.02 -25.63 -40.48
CA TYR A 102 30.36 -24.36 -40.77
C TYR A 102 31.40 -23.25 -40.67
N PRO A 103 31.29 -22.21 -41.49
CA PRO A 103 32.21 -21.07 -41.34
C PRO A 103 32.05 -20.31 -40.03
N ASP A 104 30.80 -20.12 -39.58
CA ASP A 104 30.51 -19.37 -38.37
C ASP A 104 31.08 -20.07 -37.15
N ASP A 105 31.63 -19.29 -36.22
CA ASP A 105 32.22 -19.92 -35.05
C ASP A 105 31.19 -20.13 -33.94
N SER A 106 30.07 -19.41 -33.98
CA SER A 106 29.02 -19.58 -33.00
C SER A 106 27.67 -19.48 -33.68
N LEU A 107 26.63 -20.01 -33.04
CA LEU A 107 25.28 -19.97 -33.56
C LEU A 107 24.37 -19.37 -32.50
N ASP A 108 23.52 -18.42 -32.89
CA ASP A 108 22.56 -17.80 -31.98
C ASP A 108 21.17 -18.36 -32.23
N LEU A 109 20.64 -19.07 -31.23
CA LEU A 109 19.30 -19.64 -31.34
C LEU A 109 18.25 -18.55 -31.12
N ASP A 110 17.14 -18.64 -31.85
CA ASP A 110 15.99 -17.77 -31.65
C ASP A 110 15.44 -17.94 -30.25
N PRO A 111 15.19 -16.84 -29.51
CA PRO A 111 14.58 -16.95 -28.17
C PRO A 111 13.19 -17.56 -28.12
N SER A 112 12.37 -17.44 -29.17
CA SER A 112 11.03 -18.02 -29.15
C SER A 112 11.07 -19.54 -29.07
N MET A 113 11.93 -20.15 -29.87
CA MET A 113 12.05 -21.61 -29.92
C MET A 113 13.17 -22.12 -28.99
N LEU A 114 12.99 -21.82 -27.70
CA LEU A 114 13.94 -22.26 -26.69
C LEU A 114 13.62 -23.63 -26.12
N ASP A 115 12.46 -24.20 -26.47
CA ASP A 115 12.11 -25.52 -25.99
C ASP A 115 13.04 -26.59 -26.55
N SER A 116 13.60 -26.34 -27.73
CA SER A 116 14.41 -27.32 -28.43
C SER A 116 15.67 -27.74 -27.65
N ILE A 117 16.40 -26.79 -27.09
CA ILE A 117 17.62 -27.12 -26.36
C ILE A 117 17.26 -27.60 -24.96
N TRP A 118 18.09 -28.50 -24.41
CA TRP A 118 17.91 -28.95 -23.04
C TRP A 118 18.54 -27.91 -22.13
N LYS A 119 17.75 -27.39 -21.20
CA LYS A 119 18.19 -26.39 -20.27
C LYS A 119 18.14 -26.97 -18.87
N PRO A 120 19.16 -26.75 -18.04
CA PRO A 120 19.10 -27.24 -16.66
C PRO A 120 18.03 -26.52 -15.85
N ASP A 121 17.33 -27.29 -15.03
CA ASP A 121 16.22 -26.78 -14.23
C ASP A 121 16.74 -26.20 -12.92
N LEU A 122 17.26 -24.99 -13.01
CA LEU A 122 17.85 -24.29 -11.89
C LEU A 122 16.77 -23.40 -11.30
N PHE A 123 16.50 -23.55 -10.00
CA PHE A 123 15.54 -22.66 -9.37
C PHE A 123 16.18 -22.03 -8.13
N PHE A 124 15.43 -21.16 -7.47
CA PHE A 124 15.87 -20.47 -6.27
C PHE A 124 15.10 -21.02 -5.08
N ALA A 125 15.83 -21.50 -4.07
CA ALA A 125 15.22 -22.12 -2.91
C ALA A 125 14.37 -21.15 -2.10
N ASN A 126 14.74 -19.87 -2.05
CA ASN A 126 14.02 -18.89 -1.25
C ASN A 126 13.47 -17.82 -2.18
N GLU A 127 12.37 -18.16 -2.84
CA GLU A 127 11.74 -17.31 -3.83
C GLU A 127 10.28 -17.06 -3.45
N LYS A 128 9.94 -15.80 -3.19
CA LYS A 128 8.53 -15.45 -3.09
C LYS A 128 7.88 -15.41 -4.46
N GLY A 129 8.46 -14.64 -5.38
CA GLY A 129 7.96 -14.56 -6.74
C GLY A 129 9.00 -14.04 -7.70
N ALA A 130 9.00 -14.55 -8.92
CA ALA A 130 9.91 -14.05 -9.95
C ALA A 130 9.26 -14.18 -11.31
N ASN A 131 9.63 -13.27 -12.21
CA ASN A 131 9.14 -13.36 -13.57
C ASN A 131 10.17 -12.78 -14.55
N PHE A 132 10.01 -13.19 -15.80
CA PHE A 132 10.84 -12.78 -16.92
C PHE A 132 10.45 -11.38 -17.37
N HIS A 133 11.25 -10.83 -18.28
CA HIS A 133 11.00 -9.51 -18.85
C HIS A 133 10.62 -9.63 -20.32
N GLU A 134 9.60 -8.87 -20.72
CA GLU A 134 9.22 -8.72 -22.11
C GLU A 134 9.06 -7.23 -22.39
N VAL A 135 10.18 -6.51 -22.44
CA VAL A 135 10.08 -5.08 -22.73
C VAL A 135 9.79 -4.82 -24.22
N THR A 136 10.55 -5.45 -25.11
CA THR A 136 10.28 -5.39 -26.54
C THR A 136 10.36 -6.76 -27.18
N THR A 137 11.42 -7.49 -26.82
CA THR A 137 11.72 -8.86 -27.20
C THR A 137 12.09 -9.62 -25.93
N ASP A 138 12.15 -10.95 -26.06
CA ASP A 138 12.55 -11.78 -24.93
C ASP A 138 13.97 -11.44 -24.52
N ASN A 139 14.19 -11.21 -23.23
CA ASN A 139 15.54 -10.93 -22.74
C ASN A 139 16.27 -12.23 -22.49
N LYS A 140 16.34 -13.10 -23.49
CA LYS A 140 16.97 -14.40 -23.40
C LYS A 140 17.92 -14.56 -24.58
N LEU A 141 19.16 -14.94 -24.29
CA LEU A 141 20.14 -15.16 -25.35
C LEU A 141 20.79 -16.51 -25.15
N LEU A 142 20.79 -17.34 -26.19
CA LEU A 142 21.47 -18.62 -26.15
C LEU A 142 22.41 -18.70 -27.34
N ARG A 143 23.67 -19.05 -27.07
CA ARG A 143 24.70 -19.13 -28.10
C ARG A 143 25.40 -20.47 -27.99
N ILE A 144 25.58 -21.15 -29.13
CA ILE A 144 26.20 -22.48 -29.17
C ILE A 144 27.55 -22.36 -29.86
N SER A 145 28.60 -22.76 -29.15
CA SER A 145 29.94 -22.70 -29.72
C SER A 145 30.19 -23.89 -30.63
N LYS A 146 31.32 -23.83 -31.33
CA LYS A 146 31.73 -24.88 -32.26
C LYS A 146 31.93 -26.22 -31.56
N ASN A 147 32.66 -26.22 -30.45
CA ASN A 147 32.93 -27.46 -29.73
C ASN A 147 31.71 -28.04 -29.05
N GLY A 148 30.76 -27.21 -28.63
CA GLY A 148 29.60 -27.72 -27.91
C GLY A 148 29.32 -27.01 -26.60
N ASN A 149 30.09 -25.97 -26.30
CA ASN A 149 29.77 -25.12 -25.17
C ASN A 149 28.48 -24.35 -25.43
N VAL A 150 27.63 -24.25 -24.42
CA VAL A 150 26.38 -23.51 -24.53
C VAL A 150 26.40 -22.37 -23.52
N LEU A 151 26.16 -21.16 -24.02
CA LEU A 151 26.08 -19.95 -23.20
C LEU A 151 24.64 -19.48 -23.17
N TYR A 152 24.04 -19.46 -21.97
CA TYR A 152 22.64 -19.11 -21.81
C TYR A 152 22.50 -17.98 -20.81
N SER A 153 21.91 -16.87 -21.25
CA SER A 153 21.77 -15.67 -20.43
C SER A 153 20.32 -15.25 -20.30
N ILE A 154 19.88 -14.99 -19.08
CA ILE A 154 18.47 -14.71 -18.77
C ILE A 154 18.45 -13.51 -17.83
N ARG A 155 17.65 -12.50 -18.14
CA ARG A 155 17.47 -11.37 -17.23
C ARG A 155 16.20 -11.61 -16.41
N ILE A 156 16.32 -11.59 -15.08
CA ILE A 156 15.26 -12.01 -14.17
C ILE A 156 15.12 -10.94 -13.10
N THR A 157 13.89 -10.72 -12.63
CA THR A 157 13.65 -9.98 -11.40
C THR A 157 13.07 -10.92 -10.36
N LEU A 158 13.59 -10.85 -9.14
CA LEU A 158 13.34 -11.85 -8.12
C LEU A 158 12.94 -11.21 -6.81
N VAL A 159 12.04 -11.87 -6.08
CA VAL A 159 11.73 -11.42 -4.74
C VAL A 159 12.26 -12.51 -3.81
N LEU A 160 13.51 -12.38 -3.40
CA LEU A 160 14.12 -13.41 -2.57
C LEU A 160 13.76 -13.20 -1.11
N ALA A 161 13.55 -14.29 -0.38
CA ALA A 161 13.20 -14.19 1.03
C ALA A 161 14.39 -14.49 1.92
N CYS A 162 14.80 -13.52 2.74
CA CYS A 162 15.87 -13.74 3.68
C CYS A 162 15.42 -13.47 5.11
N PRO A 163 15.58 -14.42 6.02
CA PRO A 163 15.25 -14.18 7.42
C PRO A 163 16.17 -13.12 8.01
N MET A 164 15.60 -12.17 8.73
CA MET A 164 16.39 -11.13 9.36
C MET A 164 15.83 -10.88 10.75
N ASP A 165 16.64 -10.24 11.59
CA ASP A 165 16.25 -10.00 12.96
C ASP A 165 16.71 -8.62 13.40
N LEU A 166 16.02 -8.09 14.39
CA LEU A 166 16.28 -6.74 14.88
C LEU A 166 16.44 -6.77 16.39
N LYS A 167 17.34 -7.64 16.86
CA LYS A 167 17.65 -7.67 18.28
C LYS A 167 18.34 -6.38 18.69
N ASN A 168 19.19 -5.85 17.81
CA ASN A 168 19.87 -4.59 18.00
C ASN A 168 19.63 -3.70 16.77
N PHE A 169 18.46 -3.06 16.75
CA PHE A 169 17.96 -2.41 15.53
C PHE A 169 18.83 -1.28 14.97
N PRO A 170 19.31 -0.29 15.76
CA PRO A 170 20.17 0.75 15.13
C PRO A 170 21.49 0.21 14.60
N MET A 171 22.05 -0.82 15.20
CA MET A 171 23.34 -1.37 14.79
C MET A 171 23.14 -2.84 14.51
N ASP A 172 22.61 -3.15 13.32
CA ASP A 172 22.42 -4.54 12.91
C ASP A 172 23.07 -4.77 11.56
N VAL A 173 23.53 -6.00 11.35
CA VAL A 173 24.19 -6.36 10.11
C VAL A 173 23.41 -7.55 9.56
N GLN A 174 22.53 -7.32 8.58
CA GLN A 174 21.75 -8.44 8.09
C GLN A 174 22.47 -9.11 6.94
N THR A 175 22.19 -10.39 6.71
CA THR A 175 22.78 -11.09 5.58
C THR A 175 21.71 -11.55 4.61
N CYS A 176 21.85 -11.18 3.33
CA CYS A 176 20.94 -11.62 2.29
C CYS A 176 21.48 -12.87 1.61
N ILE A 177 20.74 -13.96 1.64
CA ILE A 177 21.24 -15.23 1.12
C ILE A 177 20.55 -15.51 -0.20
N MET A 178 21.34 -15.71 -1.25
CA MET A 178 20.83 -16.09 -2.57
C MET A 178 21.38 -17.47 -2.86
N GLN A 179 20.48 -18.43 -3.05
CA GLN A 179 20.89 -19.82 -3.27
C GLN A 179 20.20 -20.42 -4.48
N LEU A 180 21.00 -21.05 -5.34
CA LEU A 180 20.57 -21.67 -6.58
C LEU A 180 20.60 -23.16 -6.36
N GLU A 181 19.50 -23.85 -6.62
CA GLU A 181 19.47 -25.29 -6.38
C GLU A 181 18.77 -25.97 -7.56
N SER A 182 19.09 -27.24 -7.76
CA SER A 182 18.44 -28.03 -8.80
C SER A 182 17.08 -28.50 -8.33
N PHE A 183 16.26 -28.90 -9.30
CA PHE A 183 14.90 -29.38 -9.01
C PHE A 183 14.76 -30.77 -9.62
N GLY A 184 14.90 -31.81 -8.81
CA GLY A 184 14.70 -33.15 -9.33
C GLY A 184 15.90 -33.84 -9.93
N TYR A 185 17.07 -33.20 -9.94
CA TYR A 185 18.27 -33.84 -10.45
C TYR A 185 19.27 -34.04 -9.32
N THR A 186 19.83 -35.25 -9.23
CA THR A 186 20.77 -35.63 -8.20
C THR A 186 22.21 -35.25 -8.58
N MET A 187 23.13 -35.42 -7.63
CA MET A 187 24.54 -35.10 -7.84
C MET A 187 25.15 -35.92 -8.94
N ASN A 188 24.76 -37.20 -9.04
CA ASN A 188 25.28 -38.03 -10.12
C ASN A 188 24.80 -37.54 -11.49
N ASP A 189 23.61 -36.94 -11.56
CA ASP A 189 23.14 -36.36 -12.82
C ASP A 189 23.69 -34.96 -13.09
N LEU A 190 23.29 -33.98 -12.28
CA LEU A 190 23.65 -32.58 -12.54
C LEU A 190 24.36 -31.95 -11.35
N ILE A 191 25.51 -31.31 -11.62
CA ILE A 191 26.29 -30.55 -10.64
C ILE A 191 26.51 -29.15 -11.19
N PHE A 192 26.26 -28.12 -10.38
CA PHE A 192 26.68 -26.79 -10.79
C PHE A 192 27.42 -26.07 -9.68
N GLU A 193 28.41 -25.27 -10.08
CA GLU A 193 29.25 -24.52 -9.17
C GLU A 193 29.53 -23.15 -9.76
N TRP A 194 30.15 -22.30 -8.96
CA TRP A 194 30.46 -20.94 -9.36
C TRP A 194 31.60 -20.87 -10.36
N ASP A 195 31.61 -19.77 -11.12
CA ASP A 195 32.70 -19.48 -12.03
C ASP A 195 33.96 -19.15 -11.23
N GLU A 196 35.10 -19.45 -11.84
CA GLU A 196 36.39 -19.29 -11.15
C GLU A 196 36.69 -17.83 -10.79
N LYS A 197 36.49 -16.91 -11.72
CA LYS A 197 36.71 -15.50 -11.43
C LYS A 197 35.51 -14.66 -11.86
N GLY A 198 35.22 -13.63 -11.07
CA GLY A 198 34.08 -12.76 -11.32
C GLY A 198 32.75 -13.46 -11.30
N ALA A 199 32.54 -14.37 -10.34
CA ALA A 199 31.30 -15.11 -10.25
C ALA A 199 30.10 -14.21 -9.93
N VAL A 200 30.27 -13.25 -9.04
CA VAL A 200 29.21 -12.30 -8.70
C VAL A 200 29.74 -10.89 -8.93
N GLN A 201 29.01 -10.12 -9.73
CA GLN A 201 29.34 -8.74 -10.03
C GLN A 201 28.15 -7.86 -9.73
N VAL A 202 28.42 -6.61 -9.35
CA VAL A 202 27.37 -5.65 -8.98
C VAL A 202 27.65 -4.36 -9.73
N ALA A 203 26.61 -3.83 -10.38
CA ALA A 203 26.70 -2.53 -11.03
C ALA A 203 26.87 -1.44 -9.97
N ASP A 204 27.72 -0.46 -10.28
CA ASP A 204 28.07 0.55 -9.30
C ASP A 204 26.97 1.59 -9.10
N GLY A 205 26.96 2.17 -7.91
CA GLY A 205 26.05 3.21 -7.48
C GLY A 205 24.64 2.74 -7.14
N LEU A 206 24.52 1.87 -6.15
CA LEU A 206 23.21 1.36 -5.75
C LEU A 206 22.38 2.42 -5.05
N THR A 207 23.01 3.23 -4.19
CA THR A 207 22.40 4.29 -3.38
C THR A 207 21.22 3.83 -2.52
N LEU A 208 21.38 2.67 -1.87
CA LEU A 208 20.32 2.07 -1.06
C LEU A 208 19.87 3.05 0.03
N PRO A 209 18.56 3.14 0.31
CA PRO A 209 18.07 4.09 1.34
C PRO A 209 18.57 3.85 2.75
N GLN A 210 18.60 2.62 3.24
CA GLN A 210 19.05 2.41 4.61
C GLN A 210 20.37 1.67 4.72
N PHE A 211 20.49 0.50 4.10
CA PHE A 211 21.68 -0.31 4.23
C PHE A 211 22.78 0.14 3.25
N ILE A 212 23.99 -0.35 3.49
CA ILE A 212 25.10 -0.22 2.56
C ILE A 212 25.54 -1.62 2.18
N LEU A 213 25.66 -1.88 0.88
CA LEU A 213 26.10 -3.18 0.41
C LEU A 213 27.61 -3.28 0.51
N LYS A 214 28.09 -4.31 1.19
CA LYS A 214 29.51 -4.58 1.33
C LYS A 214 30.03 -5.35 0.11
N GLU A 215 31.36 -5.36 -0.04
CA GLU A 215 32.01 -5.99 -1.19
C GLU A 215 32.66 -7.34 -0.92
N GLU A 216 32.46 -7.97 0.24
CA GLU A 216 33.06 -9.30 0.44
C GLU A 216 32.47 -10.35 -0.49
N LYS A 217 31.13 -10.48 -0.51
CA LYS A 217 30.37 -11.37 -1.41
C LYS A 217 30.86 -12.82 -1.40
N ASP A 218 30.99 -13.37 -0.20
CA ASP A 218 31.52 -14.72 -0.02
C ASP A 218 30.61 -15.80 -0.62
N LEU A 219 31.24 -16.81 -1.20
CA LEU A 219 30.57 -17.91 -1.88
C LEU A 219 30.81 -19.22 -1.13
N ARG A 220 29.79 -20.08 -1.08
CA ARG A 220 29.89 -21.38 -0.44
C ARG A 220 29.07 -22.39 -1.21
N TYR A 221 28.98 -23.58 -0.64
CA TYR A 221 28.29 -24.71 -1.21
C TYR A 221 27.19 -25.14 -0.24
N CYS A 222 26.11 -25.68 -0.78
CA CYS A 222 25.18 -26.47 0.01
C CYS A 222 24.86 -27.75 -0.74
N THR A 223 24.62 -28.80 0.00
CA THR A 223 24.20 -30.07 -0.59
C THR A 223 22.94 -30.50 0.16
N LYS A 224 21.80 -30.37 -0.50
CA LYS A 224 20.53 -30.71 0.13
C LYS A 224 20.43 -32.23 0.22
N HIS A 225 20.72 -32.76 1.41
CA HIS A 225 20.59 -34.19 1.65
C HIS A 225 19.14 -34.50 1.98
N TYR A 226 18.47 -35.22 1.09
CA TYR A 226 17.06 -35.57 1.27
C TYR A 226 16.93 -37.09 1.35
N ASN A 227 15.68 -37.54 1.37
CA ASN A 227 15.40 -38.96 1.32
C ASN A 227 15.79 -39.57 -0.02
N THR A 228 15.59 -38.82 -1.11
CA THR A 228 15.85 -39.34 -2.44
C THR A 228 17.35 -39.38 -2.73
N GLY A 229 18.08 -38.38 -2.28
CA GLY A 229 19.51 -38.31 -2.52
C GLY A 229 19.99 -36.89 -2.36
N LYS A 230 21.29 -36.73 -2.63
CA LYS A 230 21.90 -35.40 -2.53
C LYS A 230 21.53 -34.55 -3.74
N PHE A 231 21.21 -33.29 -3.49
CA PHE A 231 20.93 -32.31 -4.52
C PHE A 231 21.94 -31.18 -4.46
N THR A 232 22.28 -30.63 -5.63
CA THR A 232 23.31 -29.60 -5.66
C THR A 232 22.75 -28.23 -5.31
N CYS A 233 23.59 -27.40 -4.72
CA CYS A 233 23.22 -26.03 -4.43
C CYS A 233 24.47 -25.17 -4.29
N ILE A 234 24.41 -23.94 -4.75
CA ILE A 234 25.45 -22.96 -4.52
C ILE A 234 24.82 -21.71 -3.94
N GLU A 235 25.59 -20.97 -3.16
CA GLU A 235 25.02 -19.92 -2.33
C GLU A 235 25.94 -18.71 -2.31
N ALA A 236 25.40 -17.55 -2.61
CA ALA A 236 26.12 -16.29 -2.54
C ALA A 236 25.42 -15.40 -1.54
N ARG A 237 26.13 -14.98 -0.50
CA ARG A 237 25.51 -14.06 0.46
C ARG A 237 26.16 -12.68 0.44
N PHE A 238 25.33 -11.69 0.80
CA PHE A 238 25.70 -10.28 0.80
C PHE A 238 25.51 -9.70 2.20
N HIS A 239 26.49 -8.92 2.64
CA HIS A 239 26.46 -8.27 3.95
C HIS A 239 25.97 -6.83 3.84
N LEU A 240 24.99 -6.47 4.66
CA LEU A 240 24.41 -5.14 4.70
C LEU A 240 24.64 -4.47 6.04
N GLU A 241 25.18 -3.26 6.03
CA GLU A 241 25.45 -2.49 7.25
C GLU A 241 24.58 -1.24 7.26
N ARG A 242 23.73 -1.13 8.27
CA ARG A 242 22.77 -0.02 8.41
C ARG A 242 23.42 1.26 8.88
N GLN A 243 23.20 2.34 8.13
CA GLN A 243 23.70 3.68 8.46
C GLN A 243 22.95 4.31 9.63
N MET A 244 23.71 4.89 10.56
CA MET A 244 23.21 5.54 11.76
C MET A 244 23.10 7.05 11.67
N GLY A 245 23.05 7.62 10.47
CA GLY A 245 22.88 9.06 10.34
C GLY A 245 21.65 9.67 10.98
N TYR A 246 20.48 9.32 10.44
CA TYR A 246 19.21 9.81 10.96
C TYR A 246 18.94 9.27 12.35
N TYR A 247 19.36 8.04 12.62
CA TYR A 247 19.17 7.41 13.91
C TYR A 247 19.99 8.09 14.99
N LEU A 248 21.23 8.47 14.69
CA LEU A 248 21.98 9.21 15.69
C LEU A 248 21.47 10.63 15.87
N ILE A 249 21.22 11.37 14.77
CA ILE A 249 20.84 12.78 14.89
C ILE A 249 19.48 12.96 15.56
N GLN A 250 18.50 12.12 15.24
CA GLN A 250 17.16 12.18 15.79
C GLN A 250 17.06 11.06 16.79
N MET A 251 16.21 11.24 17.82
CA MET A 251 15.96 10.29 18.91
C MET A 251 17.12 10.21 19.90
N TYR A 252 18.32 9.76 19.50
CA TYR A 252 19.39 9.59 20.48
C TYR A 252 19.85 10.93 21.06
N ILE A 253 20.11 11.92 20.22
CA ILE A 253 20.59 13.24 20.65
C ILE A 253 19.51 14.04 21.41
N PRO A 254 18.24 14.14 20.93
CA PRO A 254 17.24 14.86 21.73
C PRO A 254 16.94 14.27 23.08
N SER A 255 16.82 12.94 23.18
CA SER A 255 16.56 12.28 24.47
C SER A 255 17.63 12.67 25.48
N LEU A 256 18.91 12.50 25.09
CA LEU A 256 20.05 12.92 25.90
C LEU A 256 19.89 14.36 26.39
N LEU A 257 19.56 15.28 25.48
CA LEU A 257 19.40 16.69 25.86
C LEU A 257 18.25 16.89 26.85
N ILE A 258 17.14 16.17 26.66
CA ILE A 258 16.01 16.28 27.57
C ILE A 258 16.36 15.76 28.95
N VAL A 259 17.19 14.72 29.04
CA VAL A 259 17.66 14.24 30.35
C VAL A 259 18.54 15.29 31.02
N ILE A 260 19.37 15.98 30.22
CA ILE A 260 20.22 17.05 30.77
C ILE A 260 19.33 18.17 31.30
N LEU A 261 18.32 18.58 30.52
CA LEU A 261 17.37 19.58 31.01
C LEU A 261 16.54 19.09 32.18
N SER A 262 16.38 17.78 32.33
CA SER A 262 15.70 17.29 33.52
C SER A 262 16.53 17.57 34.75
N TRP A 263 17.85 17.45 34.62
CA TRP A 263 18.68 17.67 35.82
C TRP A 263 18.82 19.12 36.28
N VAL A 264 18.36 20.12 35.53
CA VAL A 264 18.46 21.51 36.01
C VAL A 264 17.58 21.77 37.23
N SER A 265 16.50 20.99 37.41
CA SER A 265 15.63 21.11 38.58
C SER A 265 16.41 20.97 39.89
N PHE A 266 17.48 20.17 39.90
CA PHE A 266 18.35 20.07 41.08
C PHE A 266 18.97 21.42 41.40
N TRP A 267 19.46 22.12 40.39
CA TRP A 267 20.09 23.43 40.60
C TRP A 267 19.06 24.50 40.94
N ILE A 268 17.80 24.29 40.58
CA ILE A 268 16.74 25.23 40.96
C ILE A 268 16.53 25.13 42.47
N ASN A 269 16.35 26.27 43.13
CA ASN A 269 16.09 26.33 44.57
C ASN A 269 14.85 25.58 45.00
N MET A 270 14.95 24.96 46.19
CA MET A 270 13.91 24.08 46.71
C MET A 270 12.58 24.80 46.92
N ASP A 271 12.64 26.08 47.30
CA ASP A 271 11.43 26.85 47.60
C ASP A 271 10.51 27.01 46.39
N ALA A 272 11.05 26.96 45.16
CA ALA A 272 10.23 27.16 43.97
C ALA A 272 9.50 25.88 43.60
N ALA A 273 8.44 25.60 44.37
CA ALA A 273 7.62 24.42 44.13
C ALA A 273 6.90 24.43 42.78
N PRO A 274 6.24 25.52 42.31
CA PRO A 274 5.65 25.48 40.97
C PRO A 274 6.68 25.33 39.86
N ALA A 275 7.82 26.02 39.98
CA ALA A 275 8.84 25.95 38.94
C ALA A 275 9.43 24.55 38.82
N ARG A 276 9.74 23.89 39.95
CA ARG A 276 10.34 22.56 39.82
C ARG A 276 9.32 21.52 39.40
N VAL A 277 8.16 21.45 40.08
CA VAL A 277 7.11 20.49 39.69
C VAL A 277 6.74 20.64 38.22
N GLY A 278 6.49 21.90 37.79
CA GLY A 278 6.14 22.17 36.40
C GLY A 278 7.21 21.72 35.42
N LEU A 279 8.48 22.05 35.71
CA LEU A 279 9.58 21.65 34.84
C LEU A 279 9.71 20.14 34.76
N GLY A 280 9.64 19.45 35.90
CA GLY A 280 9.85 18.02 35.93
C GLY A 280 8.79 17.26 35.16
N ILE A 281 7.52 17.62 35.39
CA ILE A 281 6.44 16.92 34.70
C ILE A 281 6.48 17.26 33.21
N THR A 282 6.83 18.51 32.86
CA THR A 282 6.87 18.91 31.47
C THR A 282 7.94 18.12 30.72
N THR A 283 9.10 17.90 31.35
CA THR A 283 10.15 17.07 30.74
C THR A 283 9.68 15.63 30.55
N VAL A 284 8.94 15.09 31.52
CA VAL A 284 8.36 13.75 31.38
C VAL A 284 7.40 13.69 30.19
N LEU A 285 6.58 14.74 30.04
CA LEU A 285 5.66 14.84 28.92
C LEU A 285 6.43 14.92 27.61
N THR A 286 7.54 15.66 27.62
CA THR A 286 8.35 15.90 26.44
C THR A 286 8.91 14.58 25.92
N MET A 287 9.49 13.77 26.82
CA MET A 287 10.02 12.49 26.38
C MET A 287 8.91 11.54 25.95
N THR A 288 7.78 11.54 26.65
CA THR A 288 6.66 10.69 26.24
C THR A 288 6.19 11.03 24.82
N THR A 289 6.12 12.32 24.50
CA THR A 289 5.82 12.76 23.13
C THR A 289 6.88 12.34 22.12
N GLN A 290 8.16 12.46 22.49
CA GLN A 290 9.21 12.04 21.56
C GLN A 290 9.17 10.56 21.25
N SER A 291 8.98 9.72 22.27
CA SER A 291 8.90 8.28 22.04
C SER A 291 7.67 7.93 21.23
N SER A 292 6.53 8.58 21.55
CA SER A 292 5.29 8.31 20.84
C SER A 292 5.40 8.69 19.37
N GLY A 293 6.01 9.85 19.08
CA GLY A 293 6.20 10.21 17.69
C GLY A 293 7.18 9.30 16.96
N SER A 294 8.26 8.91 17.63
CA SER A 294 9.29 8.12 16.95
C SER A 294 8.88 6.69 16.65
N ARG A 295 7.97 6.10 17.45
CA ARG A 295 7.58 4.70 17.18
C ARG A 295 6.92 4.54 15.82
N ALA A 296 6.20 5.55 15.35
CA ALA A 296 5.57 5.49 14.03
C ALA A 296 6.61 5.33 12.93
N SER A 297 7.73 6.06 13.03
CA SER A 297 8.84 5.89 12.10
C SER A 297 9.51 4.53 12.24
N LEU A 298 9.59 4.00 13.48
CA LEU A 298 10.33 2.77 13.70
C LEU A 298 9.62 1.56 13.08
N PRO A 299 10.37 0.48 12.79
CA PRO A 299 9.74 -0.76 12.30
C PRO A 299 8.71 -1.34 13.27
N LYS A 300 7.75 -2.05 12.69
CA LYS A 300 6.62 -2.64 13.43
C LYS A 300 6.87 -4.10 13.78
N VAL A 301 7.70 -4.31 14.79
CA VAL A 301 8.01 -5.65 15.26
C VAL A 301 7.59 -5.75 16.72
N SER A 302 7.51 -6.98 17.21
CA SER A 302 7.03 -7.26 18.55
C SER A 302 8.10 -7.51 19.59
N TYR A 303 9.29 -7.96 19.21
CA TYR A 303 10.33 -8.16 20.22
C TYR A 303 11.04 -6.84 20.52
N VAL A 304 11.70 -6.80 21.68
CA VAL A 304 12.42 -5.62 22.11
C VAL A 304 13.61 -5.36 21.19
N LYS A 305 14.01 -4.09 21.10
CA LYS A 305 15.15 -3.66 20.31
C LYS A 305 16.09 -2.84 21.19
N ALA A 306 17.04 -2.14 20.60
CA ALA A 306 17.99 -1.34 21.36
C ALA A 306 17.44 0.05 21.65
N ILE A 307 16.78 0.63 20.65
CA ILE A 307 16.18 1.95 20.79
C ILE A 307 15.10 1.92 21.87
N ASP A 308 14.39 0.81 22.01
CA ASP A 308 13.36 0.66 23.04
C ASP A 308 13.99 0.69 24.43
N ILE A 309 15.15 0.05 24.59
CA ILE A 309 15.87 0.06 25.86
C ILE A 309 16.32 1.46 26.20
N TRP A 310 16.81 2.19 25.19
CA TRP A 310 17.27 3.57 25.38
C TRP A 310 16.13 4.49 25.80
N MET A 311 14.96 4.36 25.16
CA MET A 311 13.80 5.16 25.50
C MET A 311 13.26 4.82 26.88
N ALA A 312 13.25 3.53 27.24
CA ALA A 312 12.78 3.11 28.57
C ALA A 312 13.70 3.65 29.65
N VAL A 313 15.00 3.61 29.42
CA VAL A 313 15.99 4.10 30.38
C VAL A 313 15.84 5.62 30.55
N CYS A 314 15.65 6.35 29.45
CA CYS A 314 15.44 7.80 29.57
C CYS A 314 14.16 8.11 30.35
N LEU A 315 13.10 7.30 30.15
CA LEU A 315 11.86 7.52 30.91
C LEU A 315 12.12 7.28 32.39
N LEU A 316 12.98 6.31 32.70
CA LEU A 316 13.36 6.06 34.09
C LEU A 316 14.05 7.28 34.68
N PHE A 317 14.98 7.89 33.92
CA PHE A 317 15.77 9.03 34.43
C PHE A 317 14.89 10.23 34.74
N VAL A 318 13.96 10.55 33.83
CA VAL A 318 13.03 11.66 34.05
C VAL A 318 12.09 11.33 35.23
N PHE A 319 11.65 10.07 35.32
CA PHE A 319 10.74 9.68 36.37
C PHE A 319 11.42 9.72 37.72
N SER A 320 12.64 9.22 37.81
CA SER A 320 13.39 9.24 39.06
C SER A 320 13.69 10.67 39.51
N ALA A 321 13.97 11.56 38.55
CA ALA A 321 14.24 12.95 38.91
C ALA A 321 12.99 13.67 39.42
N LEU A 322 11.81 13.32 38.93
CA LEU A 322 10.59 13.88 39.50
C LEU A 322 10.38 13.33 40.92
N LEU A 323 10.59 12.01 41.08
CA LEU A 323 10.37 11.34 42.37
C LEU A 323 11.22 11.94 43.46
N GLU A 324 12.49 12.26 43.16
CA GLU A 324 13.31 12.82 44.23
C GLU A 324 12.79 14.17 44.67
N TYR A 325 12.28 14.98 43.71
CA TYR A 325 11.75 16.28 44.11
C TYR A 325 10.56 16.09 45.05
N ALA A 326 9.76 15.06 44.80
CA ALA A 326 8.64 14.87 45.70
C ALA A 326 9.05 14.16 46.98
N ALA A 327 10.25 13.61 47.00
CA ALA A 327 10.83 12.94 48.15
C ALA A 327 11.60 13.89 49.05
N VAL A 328 12.04 15.01 48.50
CA VAL A 328 12.74 16.07 49.22
C VAL A 328 11.79 17.14 49.77
N ASN A 329 10.75 17.52 49.03
CA ASN A 329 9.83 18.55 49.50
C ASN A 329 9.08 18.08 50.74
N PHE A 330 8.72 16.80 50.80
CA PHE A 330 8.08 16.26 51.98
C PHE A 330 8.99 16.39 53.20
N ILE A 331 10.28 16.15 53.01
CA ILE A 331 11.25 16.20 54.09
C ILE A 331 11.36 17.59 54.70
N ALA A 332 11.32 18.65 53.88
CA ALA A 332 11.51 19.96 54.48
C ALA A 332 10.28 20.61 55.09
N ARG A 333 9.06 20.14 54.88
CA ARG A 333 7.98 20.82 55.59
C ARG A 333 7.86 20.35 57.03
N GLN A 334 7.99 19.05 57.27
CA GLN A 334 7.96 18.51 58.62
C GLN A 334 9.13 19.02 59.47
N LYS A 401 15.50 22.57 61.72
CA LYS A 401 16.41 23.05 60.70
C LYS A 401 17.27 21.85 60.23
N LEU A 402 17.14 20.76 60.99
CA LEU A 402 17.82 19.52 60.63
C LEU A 402 17.28 18.97 59.31
N PHE A 403 15.96 19.03 59.16
CA PHE A 403 15.33 18.55 57.93
C PHE A 403 15.78 19.37 56.74
N ILE A 404 15.89 20.68 56.92
CA ILE A 404 16.39 21.60 55.89
C ILE A 404 17.80 21.20 55.44
N SER A 405 18.68 20.95 56.42
CA SER A 405 20.03 20.48 56.13
C SER A 405 20.03 19.15 55.38
N ARG A 406 19.22 18.20 55.84
CA ARG A 406 19.10 16.89 55.21
C ARG A 406 18.59 17.00 53.79
N ALA A 407 17.59 17.86 53.56
CA ALA A 407 17.05 18.11 52.23
C ALA A 407 18.10 18.66 51.29
N LYS A 408 18.82 19.69 51.72
CA LYS A 408 19.87 20.27 50.88
C LYS A 408 21.00 19.27 50.60
N ARG A 409 21.31 18.42 51.58
CA ARG A 409 22.26 17.31 51.37
C ARG A 409 21.78 16.37 50.28
N ILE A 410 20.51 15.95 50.35
CA ILE A 410 19.91 15.06 49.36
C ILE A 410 19.97 15.69 47.97
N ASP A 411 19.69 17.00 47.89
CA ASP A 411 19.76 17.76 46.65
C ASP A 411 21.16 17.69 46.04
N THR A 412 22.20 18.06 46.81
CA THR A 412 23.57 18.05 46.31
C THR A 412 24.04 16.64 45.91
N VAL A 413 23.73 15.64 46.75
CA VAL A 413 24.05 14.24 46.44
C VAL A 413 23.44 13.81 45.12
N SER A 414 22.13 14.03 44.92
CA SER A 414 21.55 13.62 43.65
C SER A 414 22.00 14.48 42.48
N ARG A 415 22.49 15.70 42.77
CA ARG A 415 23.02 16.61 41.76
C ARG A 415 24.27 16.04 41.13
N VAL A 416 25.17 15.51 41.96
CA VAL A 416 26.36 14.90 41.39
C VAL A 416 26.16 13.42 41.07
N ALA A 417 25.11 12.81 41.60
CA ALA A 417 24.86 11.39 41.36
C ALA A 417 24.34 11.14 39.95
N PHE A 418 23.21 11.77 39.59
CA PHE A 418 22.53 11.49 38.32
C PHE A 418 23.33 11.61 37.03
N PRO A 419 24.12 12.67 36.76
CA PRO A 419 24.99 12.64 35.57
C PRO A 419 25.95 11.48 35.56
N LEU A 420 26.60 11.18 36.69
CA LEU A 420 27.64 10.15 36.71
C LEU A 420 27.04 8.77 36.45
N VAL A 421 25.87 8.49 37.04
CA VAL A 421 25.18 7.22 36.78
C VAL A 421 24.72 7.14 35.33
N PHE A 422 24.26 8.27 34.76
CA PHE A 422 23.89 8.28 33.35
C PHE A 422 25.09 8.00 32.45
N LEU A 423 26.26 8.53 32.84
CA LEU A 423 27.50 8.26 32.12
C LEU A 423 27.88 6.79 32.18
N ILE A 424 27.77 6.17 33.37
CA ILE A 424 28.06 4.74 33.52
C ILE A 424 27.14 3.90 32.65
N PHE A 425 25.85 4.27 32.61
CA PHE A 425 24.89 3.56 31.75
C PHE A 425 25.30 3.70 30.29
N ASN A 426 25.65 4.93 29.86
CA ASN A 426 25.97 5.18 28.46
C ASN A 426 27.17 4.35 28.04
N ILE A 427 28.20 4.31 28.89
CA ILE A 427 29.42 3.60 28.56
C ILE A 427 29.12 2.13 28.41
N PHE A 428 28.36 1.55 29.36
CA PHE A 428 28.05 0.12 29.28
C PHE A 428 27.20 -0.20 28.05
N TYR A 429 26.19 0.63 27.79
CA TYR A 429 25.26 0.37 26.68
C TYR A 429 25.98 0.40 25.34
N TRP A 430 26.81 1.43 25.13
CA TRP A 430 27.51 1.55 23.86
C TRP A 430 28.55 0.47 23.70
N ILE A 431 29.28 0.15 24.78
CA ILE A 431 30.32 -0.87 24.72
C ILE A 431 29.69 -2.21 24.38
N THR A 432 28.56 -2.54 25.02
CA THR A 432 27.90 -3.83 24.81
C THR A 432 27.43 -3.95 23.36
N TYR A 433 26.82 -2.89 22.82
CA TYR A 433 26.36 -2.96 21.44
C TYR A 433 27.52 -3.05 20.45
N LYS A 434 28.63 -2.32 20.69
CA LYS A 434 29.79 -2.44 19.81
C LYS A 434 30.35 -3.86 19.84
N ILE A 435 30.44 -4.46 21.03
CA ILE A 435 30.97 -5.82 21.15
C ILE A 435 30.05 -6.81 20.42
N ILE A 436 28.73 -6.66 20.58
CA ILE A 436 27.80 -7.62 19.97
C ILE A 436 27.82 -7.50 18.44
N ARG A 437 27.88 -6.26 17.89
CA ARG A 437 27.97 -6.09 16.44
C ARG A 437 29.28 -6.64 15.90
N SER A 438 30.37 -6.43 16.65
CA SER A 438 31.67 -6.97 16.26
C SER A 438 31.62 -8.50 16.25
N GLU A 439 30.92 -9.08 17.23
CA GLU A 439 30.75 -10.53 17.28
C GLU A 439 29.99 -11.00 16.05
N ASP A 440 28.96 -10.24 15.65
CA ASP A 440 28.17 -10.58 14.47
C ASP A 440 29.03 -10.57 13.21
N ILE A 441 29.92 -9.59 13.11
CA ILE A 441 30.79 -9.48 11.93
C ILE A 441 32.14 -10.10 12.25
N MET B 32 15.73 -48.19 -25.50
CA MET B 32 15.15 -47.19 -26.39
C MET B 32 15.04 -45.87 -25.60
N PRO B 33 14.78 -44.73 -26.29
CA PRO B 33 14.72 -43.43 -25.59
C PRO B 33 13.66 -43.45 -24.51
N PRO B 34 13.99 -43.03 -23.27
CA PRO B 34 13.00 -43.15 -22.17
C PRO B 34 11.69 -42.43 -22.42
N SER B 35 11.74 -41.25 -23.05
CA SER B 35 10.52 -40.45 -23.20
C SER B 35 9.50 -41.20 -24.07
N GLU B 36 9.99 -41.80 -25.17
CA GLU B 36 9.05 -42.41 -26.11
C GLU B 36 8.35 -43.59 -25.47
N PHE B 37 9.02 -44.25 -24.51
CA PHE B 37 8.40 -45.36 -23.80
C PHE B 37 7.15 -44.87 -23.07
N LEU B 38 7.26 -43.67 -22.49
CA LEU B 38 6.13 -43.03 -21.83
C LEU B 38 5.05 -42.74 -22.85
N ASP B 39 5.48 -42.28 -24.05
CA ASP B 39 4.51 -41.99 -25.10
C ASP B 39 3.74 -43.27 -25.39
N LYS B 40 4.45 -44.42 -25.39
CA LYS B 40 3.83 -45.69 -25.72
C LYS B 40 2.77 -45.99 -24.69
N LEU B 41 3.12 -45.71 -23.42
CA LEU B 41 2.26 -46.03 -22.28
C LEU B 41 0.97 -45.21 -22.30
N MET B 42 1.10 -43.90 -22.49
CA MET B 42 -0.05 -43.00 -22.38
C MET B 42 -0.60 -42.53 -23.71
N GLY B 43 -0.14 -43.09 -24.80
CA GLY B 43 -0.55 -42.65 -26.11
C GLY B 43 -1.89 -43.19 -26.50
N LYS B 44 -2.39 -42.68 -27.64
CA LYS B 44 -3.71 -43.02 -28.14
C LYS B 44 -3.85 -44.52 -28.38
N VAL B 45 -2.75 -45.19 -28.75
CA VAL B 45 -2.74 -46.61 -29.09
C VAL B 45 -3.25 -47.45 -27.93
N SER B 46 -2.84 -47.09 -26.72
CA SER B 46 -3.21 -47.82 -25.52
C SER B 46 -4.41 -47.10 -24.95
N GLY B 47 -5.29 -47.84 -24.29
CA GLY B 47 -6.49 -47.14 -23.86
C GLY B 47 -6.42 -46.41 -22.54
N TYR B 48 -5.62 -45.35 -22.46
CA TYR B 48 -5.56 -44.53 -21.27
C TYR B 48 -6.27 -43.24 -21.58
N ASP B 49 -7.36 -42.97 -20.88
CA ASP B 49 -8.05 -41.70 -21.03
C ASP B 49 -7.81 -40.89 -19.76
N ALA B 50 -7.02 -39.81 -19.84
CA ALA B 50 -6.69 -39.01 -18.66
C ALA B 50 -7.86 -38.46 -17.84
N ARG B 51 -9.07 -38.56 -18.39
CA ARG B 51 -10.28 -38.03 -17.82
C ARG B 51 -11.01 -39.05 -16.97
N ILE B 52 -10.50 -40.29 -16.91
CA ILE B 52 -11.11 -41.38 -16.17
C ILE B 52 -10.26 -41.72 -14.96
N ARG B 53 -10.90 -41.83 -13.80
CA ARG B 53 -10.22 -42.13 -12.56
C ARG B 53 -9.62 -43.53 -12.60
N PRO B 54 -8.44 -43.74 -12.04
CA PRO B 54 -7.91 -45.10 -11.83
C PRO B 54 -8.82 -45.93 -10.96
N ASN B 55 -8.97 -47.23 -11.29
CA ASN B 55 -9.96 -48.12 -10.67
C ASN B 55 -11.38 -47.58 -10.82
N PHE B 56 -11.74 -47.30 -12.08
CA PHE B 56 -13.07 -46.82 -12.39
C PHE B 56 -14.10 -47.89 -12.06
N LYS B 57 -15.24 -47.44 -11.52
CA LYS B 57 -16.31 -48.30 -10.99
C LYS B 57 -15.79 -49.29 -9.95
N GLY B 58 -14.92 -48.80 -9.07
CA GLY B 58 -14.22 -49.66 -8.14
C GLY B 58 -13.90 -49.03 -6.80
N PRO B 59 -12.99 -49.67 -6.05
CA PRO B 59 -12.59 -49.14 -4.74
C PRO B 59 -11.94 -47.78 -4.84
N PRO B 60 -12.14 -46.93 -3.83
CA PRO B 60 -11.63 -45.54 -3.86
C PRO B 60 -10.12 -45.42 -3.97
N VAL B 61 -9.67 -44.43 -4.75
CA VAL B 61 -8.23 -44.17 -4.88
C VAL B 61 -7.74 -43.48 -3.62
N ASN B 62 -6.65 -43.99 -3.05
CA ASN B 62 -6.11 -43.43 -1.81
C ASN B 62 -4.91 -42.58 -2.15
N VAL B 63 -4.88 -41.33 -1.68
CA VAL B 63 -3.80 -40.41 -2.02
C VAL B 63 -3.04 -39.99 -0.76
N THR B 64 -1.75 -40.29 -0.71
CA THR B 64 -0.92 -39.84 0.41
C THR B 64 -0.48 -38.39 0.18
N CYS B 65 -0.56 -37.55 1.22
CA CYS B 65 -0.26 -36.14 1.09
C CYS B 65 0.86 -35.69 2.03
N ASN B 66 1.91 -35.08 1.48
CA ASN B 66 3.02 -34.53 2.25
C ASN B 66 3.20 -33.04 1.96
N ILE B 67 3.37 -32.23 3.00
CA ILE B 67 3.50 -30.79 2.85
C ILE B 67 4.80 -30.32 3.53
N PHE B 68 5.59 -29.53 2.81
CA PHE B 68 6.81 -28.90 3.33
C PHE B 68 6.65 -27.39 3.21
N ILE B 69 6.85 -26.67 4.31
CA ILE B 69 6.68 -25.21 4.32
C ILE B 69 8.05 -24.54 4.20
N ASN B 70 8.31 -23.94 3.04
CA ASN B 70 9.53 -23.16 2.85
C ASN B 70 9.49 -21.85 3.64
N SER B 71 8.40 -21.10 3.52
CA SER B 71 8.31 -19.80 4.17
C SER B 71 6.89 -19.55 4.64
N PHE B 72 6.78 -19.00 5.83
CA PHE B 72 5.53 -18.68 6.48
C PHE B 72 5.63 -17.24 6.92
N GLY B 73 4.65 -16.41 6.56
CA GLY B 73 4.73 -15.02 6.97
C GLY B 73 3.63 -14.18 6.36
N SER B 74 3.83 -12.87 6.49
CA SER B 74 2.94 -11.83 5.99
C SER B 74 1.52 -11.92 6.56
N ILE B 75 1.44 -12.21 7.86
CA ILE B 75 0.14 -12.23 8.53
C ILE B 75 -0.40 -10.81 8.60
N ALA B 76 -1.62 -10.62 8.10
CA ALA B 76 -2.26 -9.32 8.03
C ALA B 76 -3.59 -9.38 8.77
N GLU B 77 -3.75 -8.57 9.80
CA GLU B 77 -4.97 -8.58 10.59
C GLU B 77 -6.14 -7.96 9.84
N THR B 78 -5.90 -6.92 9.04
CA THR B 78 -6.99 -6.26 8.32
C THR B 78 -7.67 -7.18 7.30
N THR B 79 -6.93 -7.65 6.30
CA THR B 79 -7.50 -8.55 5.30
C THR B 79 -7.71 -9.98 5.77
N MET B 80 -7.13 -10.36 6.92
CA MET B 80 -7.27 -11.67 7.59
C MET B 80 -6.69 -12.83 6.76
N ASP B 81 -5.49 -12.65 6.23
CA ASP B 81 -4.85 -13.70 5.45
C ASP B 81 -3.35 -13.71 5.70
N TYR B 82 -2.73 -14.88 5.49
CA TYR B 82 -1.29 -15.04 5.61
C TYR B 82 -0.79 -15.75 4.36
N ARG B 83 0.49 -15.57 4.06
CA ARG B 83 1.09 -16.12 2.84
C ARG B 83 2.10 -17.21 3.17
N VAL B 84 1.97 -18.35 2.47
CA VAL B 84 2.89 -19.47 2.61
C VAL B 84 3.39 -19.92 1.25
N ASN B 85 4.62 -20.42 1.24
CA ASN B 85 5.25 -21.06 0.09
C ASN B 85 5.46 -22.52 0.50
N ILE B 86 4.85 -23.45 -0.23
CA ILE B 86 4.88 -24.86 0.16
C ILE B 86 5.31 -25.75 -1.00
N PHE B 87 5.57 -27.01 -0.64
CA PHE B 87 5.97 -28.10 -1.53
C PHE B 87 4.96 -29.23 -1.38
N LEU B 88 3.84 -29.12 -2.10
CA LEU B 88 2.81 -30.14 -2.06
C LEU B 88 3.31 -31.42 -2.73
N ARG B 89 3.10 -32.55 -2.06
CA ARG B 89 3.60 -33.85 -2.55
C ARG B 89 2.53 -34.92 -2.43
N GLN B 90 1.84 -35.21 -3.52
CA GLN B 90 0.81 -36.25 -3.54
C GLN B 90 1.36 -37.60 -4.02
N GLN B 91 1.02 -38.66 -3.29
CA GLN B 91 1.37 -40.03 -3.67
C GLN B 91 0.09 -40.86 -3.80
N TRP B 92 -0.10 -41.49 -4.95
CA TRP B 92 -1.25 -42.37 -5.13
C TRP B 92 -0.84 -43.52 -6.04
N ASN B 93 -1.61 -44.60 -5.99
CA ASN B 93 -1.30 -45.80 -6.74
C ASN B 93 -2.27 -45.90 -7.90
N ASP B 94 -1.73 -46.20 -9.08
CA ASP B 94 -2.51 -46.40 -10.28
C ASP B 94 -2.37 -47.86 -10.69
N PRO B 95 -3.47 -48.62 -10.72
CA PRO B 95 -3.43 -50.02 -11.21
C PRO B 95 -2.79 -50.21 -12.57
N ARG B 96 -3.22 -49.44 -13.55
CA ARG B 96 -2.64 -49.44 -14.88
C ARG B 96 -1.40 -48.55 -14.86
N LEU B 97 -0.80 -48.33 -16.03
CA LEU B 97 0.43 -47.54 -16.21
C LEU B 97 1.61 -48.20 -15.51
N ALA B 98 1.61 -49.52 -15.45
CA ALA B 98 2.71 -50.27 -14.85
C ALA B 98 3.38 -51.02 -15.99
N TYR B 99 4.57 -50.54 -16.35
CA TYR B 99 5.28 -51.03 -17.52
C TYR B 99 5.87 -52.43 -17.31
N SER B 100 6.65 -52.60 -16.25
CA SER B 100 7.30 -53.85 -15.83
C SER B 100 8.20 -54.49 -16.91
N GLU B 101 8.64 -53.74 -17.93
CA GLU B 101 9.56 -54.24 -18.96
C GLU B 101 10.50 -53.10 -19.38
N TYR B 102 11.42 -52.74 -18.49
CA TYR B 102 12.37 -51.67 -18.75
C TYR B 102 13.50 -51.77 -17.75
N PRO B 103 14.74 -51.43 -18.13
CA PRO B 103 15.83 -51.41 -17.13
C PRO B 103 15.66 -50.36 -16.06
N ASP B 104 15.19 -49.17 -16.42
CA ASP B 104 15.02 -48.06 -15.48
C ASP B 104 13.99 -48.39 -14.43
N ASP B 105 14.26 -48.01 -13.19
CA ASP B 105 13.32 -48.32 -12.14
C ASP B 105 12.24 -47.27 -11.99
N SER B 106 12.47 -46.05 -12.49
CA SER B 106 11.48 -44.99 -12.45
C SER B 106 11.53 -44.21 -13.76
N LEU B 107 10.44 -43.51 -14.05
CA LEU B 107 10.35 -42.68 -15.25
C LEU B 107 9.96 -41.27 -14.85
N ASP B 108 10.66 -40.28 -15.39
CA ASP B 108 10.35 -38.88 -15.12
C ASP B 108 9.61 -38.25 -16.31
N LEU B 109 8.35 -37.88 -16.08
CA LEU B 109 7.56 -37.25 -17.13
C LEU B 109 7.98 -35.79 -17.30
N ASP B 110 7.96 -35.31 -18.54
CA ASP B 110 8.18 -33.90 -18.86
C ASP B 110 7.12 -33.04 -18.19
N PRO B 111 7.51 -31.96 -17.49
CA PRO B 111 6.50 -31.06 -16.90
C PRO B 111 5.57 -30.37 -17.86
N SER B 112 5.99 -30.11 -19.11
CA SER B 112 5.11 -29.44 -20.07
C SER B 112 3.89 -30.29 -20.40
N MET B 113 4.10 -31.57 -20.66
CA MET B 113 3.03 -32.49 -21.02
C MET B 113 2.47 -33.22 -19.79
N LEU B 114 1.96 -32.43 -18.86
CA LEU B 114 1.35 -32.97 -17.65
C LEU B 114 -0.13 -33.27 -17.80
N ASP B 115 -0.74 -32.88 -18.92
CA ASP B 115 -2.15 -33.17 -19.15
C ASP B 115 -2.39 -34.66 -19.31
N SER B 116 -1.38 -35.40 -19.76
CA SER B 116 -1.52 -36.82 -20.07
C SER B 116 -1.88 -37.67 -18.85
N ILE B 117 -1.22 -37.46 -17.72
CA ILE B 117 -1.51 -38.25 -16.53
C ILE B 117 -2.75 -37.72 -15.84
N TRP B 118 -3.50 -38.61 -15.19
CA TRP B 118 -4.65 -38.19 -14.40
C TRP B 118 -4.14 -37.72 -13.04
N LYS B 119 -4.47 -36.49 -12.68
CA LYS B 119 -4.06 -35.90 -11.44
C LYS B 119 -5.29 -35.63 -10.59
N PRO B 120 -5.25 -35.93 -9.30
CA PRO B 120 -6.41 -35.63 -8.44
C PRO B 120 -6.60 -34.13 -8.29
N ASP B 121 -7.87 -33.72 -8.32
CA ASP B 121 -8.24 -32.31 -8.25
C ASP B 121 -8.34 -31.87 -6.79
N LEU B 122 -7.18 -31.61 -6.22
CA LEU B 122 -7.07 -31.21 -4.81
C LEU B 122 -7.04 -29.70 -4.80
N PHE B 123 -7.93 -29.07 -4.05
CA PHE B 123 -7.88 -27.63 -3.89
C PHE B 123 -7.86 -27.27 -2.42
N PHE B 124 -7.76 -25.98 -2.13
CA PHE B 124 -7.72 -25.45 -0.78
C PHE B 124 -9.04 -24.72 -0.51
N ALA B 125 -9.74 -25.13 0.55
CA ALA B 125 -11.05 -24.57 0.86
C ALA B 125 -10.99 -23.09 1.22
N ASN B 126 -9.90 -22.64 1.83
CA ASN B 126 -9.80 -21.25 2.28
C ASN B 126 -8.62 -20.62 1.55
N GLU B 127 -8.86 -20.25 0.30
CA GLU B 127 -7.85 -19.70 -0.60
C GLU B 127 -8.30 -18.35 -1.13
N LYS B 128 -7.57 -17.30 -0.78
CA LYS B 128 -7.79 -16.02 -1.46
C LYS B 128 -7.21 -16.06 -2.87
N GLY B 129 -5.93 -16.41 -2.99
CA GLY B 129 -5.29 -16.53 -4.28
C GLY B 129 -4.04 -17.37 -4.23
N ALA B 130 -3.77 -18.14 -5.27
CA ALA B 130 -2.55 -18.92 -5.35
C ALA B 130 -2.11 -19.05 -6.79
N ASN B 131 -0.80 -19.16 -6.98
CA ASN B 131 -0.27 -19.38 -8.32
C ASN B 131 1.02 -20.21 -8.26
N PHE B 132 1.34 -20.80 -9.40
CA PHE B 132 2.51 -21.61 -9.62
C PHE B 132 3.74 -20.72 -9.80
N HIS B 133 4.91 -21.36 -9.85
CA HIS B 133 6.17 -20.66 -10.05
C HIS B 133 6.76 -21.02 -11.40
N GLU B 134 7.25 -20.00 -12.11
CA GLU B 134 8.01 -20.18 -13.34
C GLU B 134 9.28 -19.34 -13.22
N VAL B 135 10.22 -19.78 -12.38
CA VAL B 135 11.46 -19.02 -12.26
C VAL B 135 12.37 -19.25 -13.46
N THR B 136 12.60 -20.51 -13.85
CA THR B 136 13.35 -20.84 -15.06
C THR B 136 12.64 -21.91 -15.87
N THR B 137 12.20 -22.95 -15.16
CA THR B 137 11.42 -24.07 -15.64
C THR B 137 10.26 -24.28 -14.70
N ASP B 138 9.30 -25.11 -15.11
CA ASP B 138 8.17 -25.43 -14.26
C ASP B 138 8.65 -26.12 -12.99
N ASN B 139 8.19 -25.64 -11.84
CA ASN B 139 8.56 -26.30 -10.59
C ASN B 139 7.62 -27.46 -10.31
N LYS B 140 7.51 -28.38 -11.26
CA LYS B 140 6.64 -29.54 -11.17
C LYS B 140 7.44 -30.78 -11.52
N LEU B 141 7.38 -31.79 -10.67
CA LEU B 141 8.08 -33.04 -10.90
C LEU B 141 7.11 -34.20 -10.75
N LEU B 142 7.03 -35.06 -11.76
CA LEU B 142 6.21 -36.26 -11.67
C LEU B 142 7.07 -37.45 -12.01
N ARG B 143 7.05 -38.46 -11.14
CA ARG B 143 7.85 -39.66 -11.31
C ARG B 143 6.96 -40.89 -11.17
N ILE B 144 7.10 -41.84 -12.09
CA ILE B 144 6.28 -43.05 -12.13
C ILE B 144 7.16 -44.24 -11.78
N SER B 145 6.79 -44.96 -10.73
CA SER B 145 7.55 -46.13 -10.33
C SER B 145 7.19 -47.33 -11.19
N LYS B 146 7.97 -48.41 -10.99
CA LYS B 146 7.78 -49.64 -11.74
C LYS B 146 6.40 -50.27 -11.47
N ASN B 147 6.03 -50.36 -10.20
CA ASN B 147 4.76 -50.98 -9.83
C ASN B 147 3.55 -50.14 -10.24
N GLY B 148 3.68 -48.82 -10.27
CA GLY B 148 2.55 -47.98 -10.57
C GLY B 148 2.30 -46.87 -9.59
N ASN B 149 3.19 -46.73 -8.61
CA ASN B 149 3.14 -45.58 -7.71
C ASN B 149 3.50 -44.32 -8.47
N VAL B 150 2.76 -43.24 -8.22
CA VAL B 150 3.01 -41.95 -8.85
C VAL B 150 3.37 -40.94 -7.77
N LEU B 151 4.50 -40.27 -7.94
CA LEU B 151 4.98 -39.23 -7.05
C LEU B 151 4.88 -37.90 -7.77
N TYR B 152 4.08 -36.99 -7.23
CA TYR B 152 3.82 -35.70 -7.87
C TYR B 152 4.13 -34.57 -6.90
N SER B 153 5.06 -33.70 -7.26
CA SER B 153 5.51 -32.61 -6.40
C SER B 153 5.32 -31.26 -7.07
N ILE B 154 4.71 -30.31 -6.36
CA ILE B 154 4.36 -29.01 -6.91
C ILE B 154 4.77 -27.96 -5.89
N ARG B 155 5.49 -26.93 -6.31
CA ARG B 155 5.81 -25.81 -5.43
C ARG B 155 4.80 -24.71 -5.67
N ILE B 156 4.13 -24.26 -4.60
CA ILE B 156 2.99 -23.36 -4.68
C ILE B 156 3.20 -22.24 -3.67
N THR B 157 2.73 -21.04 -4.00
CA THR B 157 2.58 -19.97 -3.02
C THR B 157 1.09 -19.66 -2.86
N LEU B 158 0.65 -19.53 -1.62
CA LEU B 158 -0.77 -19.50 -1.29
C LEU B 158 -1.09 -18.34 -0.38
N VAL B 159 -2.28 -17.77 -0.56
CA VAL B 159 -2.75 -16.76 0.37
C VAL B 159 -3.95 -17.40 1.07
N LEU B 160 -3.69 -18.10 2.17
CA LEU B 160 -4.76 -18.79 2.88
C LEU B 160 -5.50 -17.84 3.81
N ALA B 161 -6.81 -18.01 3.92
CA ALA B 161 -7.60 -17.14 4.78
C ALA B 161 -7.96 -17.84 6.09
N CYS B 162 -7.52 -17.28 7.21
CA CYS B 162 -7.87 -17.82 8.51
C CYS B 162 -8.58 -16.77 9.37
N PRO B 163 -9.76 -17.08 9.88
CA PRO B 163 -10.43 -16.16 10.80
C PRO B 163 -9.64 -16.01 12.08
N MET B 164 -9.47 -14.78 12.54
CA MET B 164 -8.75 -14.53 13.78
C MET B 164 -9.48 -13.44 14.54
N ASP B 165 -9.18 -13.36 15.84
CA ASP B 165 -9.87 -12.40 16.68
C ASP B 165 -8.88 -11.80 17.68
N LEU B 166 -9.21 -10.61 18.14
CA LEU B 166 -8.35 -9.86 19.04
C LEU B 166 -9.15 -9.41 20.25
N LYS B 167 -9.80 -10.36 20.90
CA LYS B 167 -10.50 -10.06 22.15
C LYS B 167 -9.50 -9.69 23.23
N ASN B 168 -8.36 -10.37 23.24
CA ASN B 168 -7.26 -10.09 24.14
C ASN B 168 -5.97 -9.89 23.33
N PHE B 169 -5.81 -8.68 22.77
CA PHE B 169 -4.80 -8.43 21.75
C PHE B 169 -3.35 -8.65 22.18
N PRO B 170 -2.84 -8.14 23.33
CA PRO B 170 -1.44 -8.44 23.67
C PRO B 170 -1.16 -9.91 23.93
N MET B 171 -2.13 -10.67 24.43
CA MET B 171 -1.94 -12.08 24.75
C MET B 171 -3.00 -12.87 24.01
N ASP B 172 -2.75 -13.12 22.72
CA ASP B 172 -3.67 -13.90 21.92
C ASP B 172 -2.93 -15.04 21.24
N VAL B 173 -3.62 -16.14 21.02
CA VAL B 173 -3.04 -17.31 20.39
C VAL B 173 -3.91 -17.62 19.18
N GLN B 174 -3.47 -17.23 17.98
CA GLN B 174 -4.31 -17.46 16.83
C GLN B 174 -3.99 -18.81 16.22
N THR B 175 -4.96 -19.41 15.53
CA THR B 175 -4.71 -20.67 14.85
C THR B 175 -4.88 -20.52 13.34
N CYS B 176 -3.85 -20.92 12.59
CA CYS B 176 -3.90 -20.90 11.13
C CYS B 176 -4.34 -22.26 10.61
N ILE B 177 -5.44 -22.31 9.88
CA ILE B 177 -6.01 -23.59 9.44
C ILE B 177 -5.72 -23.75 7.96
N MET B 178 -5.05 -24.85 7.60
CA MET B 178 -4.80 -25.20 6.21
C MET B 178 -5.55 -26.49 5.93
N GLN B 179 -6.47 -26.44 4.99
CA GLN B 179 -7.32 -27.59 4.68
C GLN B 179 -7.34 -27.90 3.19
N LEU B 180 -7.13 -29.17 2.87
CA LEU B 180 -7.07 -29.68 1.50
C LEU B 180 -8.35 -30.45 1.28
N GLU B 181 -9.08 -30.13 0.22
CA GLU B 181 -10.34 -30.81 -0.02
C GLU B 181 -10.45 -31.14 -1.51
N SER B 182 -11.24 -32.16 -1.82
CA SER B 182 -11.49 -32.54 -3.20
C SER B 182 -12.53 -31.61 -3.83
N PHE B 183 -12.57 -31.60 -5.15
CA PHE B 183 -13.51 -30.77 -5.89
C PHE B 183 -14.31 -31.67 -6.82
N GLY B 184 -15.53 -32.03 -6.43
CA GLY B 184 -16.36 -32.84 -7.30
C GLY B 184 -16.19 -34.33 -7.21
N TYR B 185 -15.33 -34.86 -6.34
CA TYR B 185 -15.20 -36.29 -6.16
C TYR B 185 -15.66 -36.69 -4.77
N THR B 186 -16.48 -37.73 -4.70
CA THR B 186 -17.04 -38.24 -3.46
C THR B 186 -16.10 -39.23 -2.79
N MET B 187 -16.47 -39.63 -1.55
CA MET B 187 -15.67 -40.56 -0.76
C MET B 187 -15.53 -41.90 -1.46
N ASN B 188 -16.60 -42.37 -2.11
CA ASN B 188 -16.50 -43.63 -2.84
C ASN B 188 -15.52 -43.54 -4.01
N ASP B 189 -15.38 -42.36 -4.61
CA ASP B 189 -14.38 -42.18 -5.68
C ASP B 189 -12.98 -41.91 -5.15
N LEU B 190 -12.76 -40.75 -4.52
CA LEU B 190 -11.42 -40.34 -4.10
C LEU B 190 -11.35 -40.05 -2.60
N ILE B 191 -10.35 -40.63 -1.94
CA ILE B 191 -10.07 -40.40 -0.52
C ILE B 191 -8.60 -40.00 -0.41
N PHE B 192 -8.31 -38.93 0.33
CA PHE B 192 -6.92 -38.66 0.65
C PHE B 192 -6.73 -38.36 2.13
N GLU B 193 -5.59 -38.80 2.64
CA GLU B 193 -5.23 -38.64 4.05
C GLU B 193 -3.75 -38.31 4.16
N TRP B 194 -3.34 -37.98 5.37
CA TRP B 194 -1.95 -37.61 5.64
C TRP B 194 -1.00 -38.80 5.61
N ASP B 195 0.25 -38.49 5.35
CA ASP B 195 1.33 -39.48 5.42
C ASP B 195 1.52 -39.91 6.86
N GLU B 196 1.98 -41.15 7.03
CA GLU B 196 2.13 -41.74 8.36
C GLU B 196 3.16 -41.01 9.22
N LYS B 197 4.33 -40.70 8.66
CA LYS B 197 5.34 -39.96 9.40
C LYS B 197 5.85 -38.78 8.59
N GLY B 198 6.16 -37.70 9.29
CA GLY B 198 6.62 -36.46 8.66
C GLY B 198 5.65 -35.87 7.67
N ALA B 199 4.36 -35.86 8.01
CA ALA B 199 3.34 -35.32 7.11
C ALA B 199 3.51 -33.83 6.87
N VAL B 200 3.83 -33.06 7.91
CA VAL B 200 4.07 -31.63 7.78
C VAL B 200 5.45 -31.31 8.32
N GLN B 201 6.26 -30.66 7.50
CA GLN B 201 7.61 -30.26 7.87
C GLN B 201 7.77 -28.76 7.61
N VAL B 202 8.62 -28.12 8.39
CA VAL B 202 8.85 -26.68 8.32
C VAL B 202 10.35 -26.44 8.27
N ALA B 203 10.81 -25.65 7.30
CA ALA B 203 12.20 -25.24 7.25
C ALA B 203 12.53 -24.35 8.44
N ASP B 204 13.72 -24.55 9.00
CA ASP B 204 14.09 -23.85 10.22
C ASP B 204 14.46 -22.39 9.99
N GLY B 205 14.26 -21.60 11.04
CA GLY B 205 14.56 -20.18 11.08
C GLY B 205 13.58 -19.27 10.37
N LEU B 206 12.31 -19.29 10.78
CA LEU B 206 11.30 -18.46 10.15
C LEU B 206 11.50 -16.98 10.46
N THR B 207 11.85 -16.67 11.71
CA THR B 207 12.07 -15.31 12.24
C THR B 207 10.88 -14.37 12.03
N LEU B 208 9.66 -14.88 12.28
CA LEU B 208 8.43 -14.11 12.08
C LEU B 208 8.46 -12.82 12.89
N PRO B 209 7.99 -11.70 12.33
CA PRO B 209 8.02 -10.42 13.05
C PRO B 209 7.22 -10.36 14.34
N GLN B 210 5.99 -10.88 14.38
CA GLN B 210 5.23 -10.79 15.62
C GLN B 210 5.00 -12.13 16.30
N PHE B 211 4.46 -13.10 15.59
CA PHE B 211 4.12 -14.39 16.18
C PHE B 211 5.33 -15.31 16.24
N ILE B 212 5.20 -16.38 17.02
CA ILE B 212 6.14 -17.49 17.04
C ILE B 212 5.38 -18.74 16.63
N LEU B 213 5.93 -19.48 15.66
CA LEU B 213 5.29 -20.71 15.22
C LEU B 213 5.64 -21.84 16.18
N LYS B 214 4.60 -22.50 16.69
CA LYS B 214 4.75 -23.65 17.57
C LYS B 214 4.97 -24.93 16.78
N GLU B 215 5.45 -25.96 17.47
CA GLU B 215 5.78 -27.22 16.83
C GLU B 215 4.78 -28.36 17.04
N GLU B 216 3.59 -28.11 17.60
CA GLU B 216 2.62 -29.20 17.76
C GLU B 216 2.12 -29.73 16.41
N LYS B 217 1.62 -28.83 15.55
CA LYS B 217 1.19 -29.11 14.16
C LYS B 217 0.20 -30.28 14.07
N ASP B 218 -0.84 -30.22 14.90
CA ASP B 218 -1.83 -31.29 14.97
C ASP B 218 -2.63 -31.45 13.67
N LEU B 219 -2.91 -32.71 13.34
CA LEU B 219 -3.62 -33.08 12.12
C LEU B 219 -4.97 -33.71 12.45
N ARG B 220 -5.98 -33.41 11.64
CA ARG B 220 -7.32 -33.96 11.81
C ARG B 220 -7.94 -34.23 10.45
N TYR B 221 -9.21 -34.61 10.50
CA TYR B 221 -10.00 -34.94 9.33
C TYR B 221 -11.19 -34.00 9.27
N CYS B 222 -11.65 -33.72 8.07
CA CYS B 222 -12.98 -33.17 7.88
C CYS B 222 -13.66 -33.94 6.76
N THR B 223 -14.98 -34.07 6.87
CA THR B 223 -15.77 -34.69 5.83
C THR B 223 -16.90 -33.72 5.50
N LYS B 224 -16.79 -33.06 4.36
CA LYS B 224 -17.79 -32.08 3.96
C LYS B 224 -19.06 -32.82 3.55
N HIS B 225 -20.03 -32.86 4.45
CA HIS B 225 -21.32 -33.46 4.16
C HIS B 225 -22.19 -32.45 3.43
N TYR B 226 -22.47 -32.70 2.16
CA TYR B 226 -23.28 -31.80 1.35
C TYR B 226 -24.53 -32.51 0.91
N ASN B 227 -25.29 -31.84 0.04
CA ASN B 227 -26.47 -32.46 -0.57
C ASN B 227 -26.09 -33.61 -1.51
N THR B 228 -24.98 -33.45 -2.22
CA THR B 228 -24.58 -34.46 -3.20
C THR B 228 -23.99 -35.69 -2.52
N GLY B 229 -23.23 -35.49 -1.46
CA GLY B 229 -22.61 -36.59 -0.76
C GLY B 229 -21.44 -36.10 0.06
N LYS B 230 -20.76 -37.05 0.69
CA LYS B 230 -19.60 -36.74 1.49
C LYS B 230 -18.39 -36.46 0.61
N PHE B 231 -17.63 -35.43 0.96
CA PHE B 231 -16.40 -35.07 0.29
C PHE B 231 -15.23 -35.16 1.27
N THR B 232 -14.06 -35.56 0.77
CA THR B 232 -12.92 -35.75 1.65
C THR B 232 -12.23 -34.43 1.94
N CYS B 233 -11.63 -34.36 3.13
CA CYS B 233 -10.83 -33.21 3.51
C CYS B 233 -9.86 -33.60 4.60
N ILE B 234 -8.66 -33.05 4.56
CA ILE B 234 -7.69 -33.18 5.64
C ILE B 234 -7.24 -31.79 6.04
N GLU B 235 -6.84 -31.64 7.29
CA GLU B 235 -6.65 -30.31 7.85
C GLU B 235 -5.43 -30.31 8.76
N ALA B 236 -4.52 -29.38 8.53
CA ALA B 236 -3.35 -29.19 9.38
C ALA B 236 -3.41 -27.77 9.95
N ARG B 237 -3.43 -27.66 11.27
CA ARG B 237 -3.41 -26.34 11.86
C ARG B 237 -2.13 -26.04 12.62
N PHE B 238 -1.80 -24.74 12.67
CA PHE B 238 -0.60 -24.22 13.29
C PHE B 238 -0.95 -23.22 14.38
N HIS B 239 -0.28 -23.33 15.52
CA HIS B 239 -0.50 -22.43 16.65
C HIS B 239 0.54 -21.32 16.68
N LEU B 240 0.08 -20.08 16.79
CA LEU B 240 0.93 -18.89 16.83
C LEU B 240 0.79 -18.18 18.16
N GLU B 241 1.90 -17.89 18.82
CA GLU B 241 1.92 -17.19 20.10
C GLU B 241 2.64 -15.85 19.94
N ARG B 242 1.91 -14.76 20.20
CA ARG B 242 2.40 -13.40 20.02
C ARG B 242 3.35 -12.98 21.14
N GLN B 243 4.54 -12.50 20.74
CA GLN B 243 5.55 -11.99 21.66
C GLN B 243 5.20 -10.65 22.25
N MET B 244 5.38 -10.52 23.58
CA MET B 244 5.07 -9.32 24.34
C MET B 244 6.27 -8.42 24.62
N GLY B 245 7.35 -8.53 23.86
CA GLY B 245 8.51 -7.66 24.07
C GLY B 245 8.25 -6.17 23.97
N TYR B 246 7.91 -5.72 22.75
CA TYR B 246 7.62 -4.31 22.51
C TYR B 246 6.36 -3.87 23.23
N TYR B 247 5.39 -4.78 23.34
CA TYR B 247 4.14 -4.48 24.01
C TYR B 247 4.34 -4.26 25.51
N LEU B 248 5.17 -5.08 26.14
CA LEU B 248 5.44 -4.84 27.55
C LEU B 248 6.30 -3.60 27.76
N ILE B 249 7.39 -3.44 27.00
CA ILE B 249 8.31 -2.32 27.26
C ILE B 249 7.68 -0.96 26.98
N GLN B 250 6.89 -0.83 25.91
CA GLN B 250 6.22 0.39 25.52
C GLN B 250 4.77 0.23 25.90
N MET B 251 4.11 1.36 26.19
CA MET B 251 2.69 1.42 26.59
C MET B 251 2.44 0.93 28.01
N TYR B 252 2.68 -0.35 28.31
CA TYR B 252 2.34 -0.86 29.64
C TYR B 252 3.21 -0.23 30.73
N ILE B 253 4.53 -0.19 30.53
CA ILE B 253 5.46 0.36 31.52
C ILE B 253 5.35 1.89 31.65
N PRO B 254 5.30 2.69 30.55
CA PRO B 254 5.14 4.15 30.74
C PRO B 254 3.84 4.55 31.40
N SER B 255 2.71 3.94 31.03
CA SER B 255 1.42 4.27 31.65
C SER B 255 1.50 4.08 33.16
N LEU B 256 1.97 2.91 33.60
CA LEU B 256 2.21 2.62 35.01
C LEU B 256 3.01 3.73 35.68
N LEU B 257 4.14 4.12 35.05
CA LEU B 257 4.98 5.18 35.64
C LEU B 257 4.24 6.51 35.73
N ILE B 258 3.45 6.85 34.71
CA ILE B 258 2.68 8.10 34.72
C ILE B 258 1.63 8.10 35.83
N VAL B 259 1.04 6.94 36.12
CA VAL B 259 0.10 6.83 37.24
C VAL B 259 0.82 7.04 38.56
N ILE B 260 2.05 6.49 38.67
CA ILE B 260 2.84 6.69 39.88
C ILE B 260 3.16 8.17 40.06
N LEU B 261 3.60 8.85 38.98
CA LEU B 261 3.82 10.28 39.03
C LEU B 261 2.55 11.07 39.27
N SER B 262 1.40 10.53 38.93
CA SER B 262 0.16 11.21 39.25
C SER B 262 -0.04 11.23 40.76
N TRP B 263 0.34 10.15 41.44
CA TRP B 263 0.12 10.12 42.89
C TRP B 263 1.05 11.02 43.71
N VAL B 264 2.10 11.62 43.16
CA VAL B 264 2.95 12.51 43.97
C VAL B 264 2.22 13.78 44.41
N SER B 265 1.19 14.20 43.67
CA SER B 265 0.38 15.36 44.05
C SER B 265 -0.21 15.22 45.45
N PHE B 266 -0.50 14.00 45.89
CA PHE B 266 -0.96 13.76 47.26
C PHE B 266 0.12 14.18 48.26
N TRP B 267 1.38 13.82 48.00
CA TRP B 267 2.47 14.16 48.90
C TRP B 267 2.80 15.64 48.83
N ILE B 268 2.46 16.32 47.73
CA ILE B 268 2.66 17.77 47.65
C ILE B 268 1.69 18.45 48.60
N ASN B 269 2.17 19.48 49.32
CA ASN B 269 1.35 20.26 50.24
C ASN B 269 0.15 20.92 49.61
N MET B 270 -0.94 20.96 50.37
CA MET B 270 -2.23 21.44 49.89
C MET B 270 -2.18 22.89 49.43
N ASP B 271 -1.38 23.72 50.11
CA ASP B 271 -1.30 25.15 49.81
C ASP B 271 -0.80 25.44 48.40
N ALA B 272 -0.02 24.53 47.81
CA ALA B 272 0.53 24.79 46.48
C ALA B 272 -0.49 24.46 45.39
N ALA B 273 -1.45 25.39 45.25
CA ALA B 273 -2.50 25.24 44.23
C ALA B 273 -1.97 25.24 42.80
N PRO B 274 -1.07 26.16 42.36
CA PRO B 274 -0.56 26.05 40.99
C PRO B 274 0.24 24.78 40.74
N ALA B 275 1.06 24.36 41.72
CA ALA B 275 1.89 23.18 41.55
C ALA B 275 1.04 21.92 41.42
N ARG B 276 0.01 21.76 42.27
CA ARG B 276 -0.77 20.53 42.16
C ARG B 276 -1.68 20.54 40.94
N VAL B 277 -2.46 21.61 40.72
CA VAL B 277 -3.32 21.70 39.54
C VAL B 277 -2.51 21.49 38.26
N GLY B 278 -1.38 22.20 38.13
CA GLY B 278 -0.52 22.06 36.97
C GLY B 278 -0.01 20.65 36.76
N LEU B 279 0.48 20.01 37.83
CA LEU B 279 0.98 18.64 37.74
C LEU B 279 -0.12 17.67 37.34
N GLY B 280 -1.29 17.79 37.96
CA GLY B 280 -2.37 16.84 37.71
C GLY B 280 -2.87 16.90 36.28
N ILE B 281 -3.10 18.12 35.78
CA ILE B 281 -3.61 18.26 34.41
C ILE B 281 -2.52 17.84 33.43
N THR B 282 -1.25 18.15 33.73
CA THR B 282 -0.17 17.79 32.82
C THR B 282 -0.05 16.27 32.70
N THR B 283 -0.21 15.54 33.82
CA THR B 283 -0.20 14.08 33.77
C THR B 283 -1.37 13.54 32.93
N VAL B 284 -2.54 14.17 33.06
CA VAL B 284 -3.70 13.79 32.22
C VAL B 284 -3.39 14.00 30.75
N LEU B 285 -2.74 15.12 30.43
CA LEU B 285 -2.33 15.43 29.06
C LEU B 285 -1.33 14.39 28.58
N THR B 286 -0.42 13.99 29.47
CA THR B 286 0.66 13.07 29.14
C THR B 286 0.09 11.73 28.73
N MET B 287 -0.85 11.20 29.53
CA MET B 287 -1.47 9.92 29.16
C MET B 287 -2.31 10.04 27.90
N THR B 288 -3.04 11.14 27.73
CA THR B 288 -3.82 11.32 26.51
C THR B 288 -2.93 11.31 25.26
N THR B 289 -1.76 11.96 25.35
CA THR B 289 -0.78 11.89 24.27
C THR B 289 -0.23 10.49 24.04
N GLN B 290 0.06 9.75 25.13
CA GLN B 290 0.56 8.39 24.96
C GLN B 290 -0.45 7.47 24.28
N SER B 291 -1.72 7.54 24.70
CA SER B 291 -2.74 6.71 24.09
C SER B 291 -2.95 7.10 22.62
N SER B 292 -2.96 8.42 22.35
CA SER B 292 -3.18 8.91 21.00
C SER B 292 -2.04 8.47 20.08
N GLY B 293 -0.80 8.55 20.56
CA GLY B 293 0.30 8.07 19.74
C GLY B 293 0.28 6.57 19.53
N SER B 294 -0.06 5.81 20.58
CA SER B 294 0.01 4.36 20.48
C SER B 294 -1.07 3.73 19.61
N ARG B 295 -2.24 4.39 19.48
CA ARG B 295 -3.31 3.80 18.66
C ARG B 295 -2.91 3.66 17.20
N ALA B 296 -2.07 4.57 16.69
CA ALA B 296 -1.60 4.48 15.32
C ALA B 296 -0.81 3.20 15.08
N SER B 297 0.05 2.82 16.04
CA SER B 297 0.76 1.55 15.98
C SER B 297 -0.18 0.37 16.11
N LEU B 298 -1.22 0.49 16.92
CA LEU B 298 -2.10 -0.65 17.20
C LEU B 298 -2.92 -1.06 15.97
N PRO B 299 -3.38 -2.31 15.90
CA PRO B 299 -4.28 -2.74 14.82
C PRO B 299 -5.56 -1.93 14.75
N LYS B 300 -6.11 -1.85 13.54
CA LYS B 300 -7.30 -1.06 13.24
C LYS B 300 -8.57 -1.91 13.24
N VAL B 301 -9.03 -2.24 14.45
CA VAL B 301 -10.23 -3.04 14.62
C VAL B 301 -11.24 -2.22 15.41
N SER B 302 -12.48 -2.66 15.38
CA SER B 302 -13.58 -1.93 16.02
C SER B 302 -14.01 -2.46 17.37
N TYR B 303 -13.79 -3.74 17.68
CA TYR B 303 -14.18 -4.21 19.01
C TYR B 303 -13.09 -3.89 20.03
N VAL B 304 -13.49 -3.88 21.30
CA VAL B 304 -12.58 -3.59 22.40
C VAL B 304 -11.50 -4.69 22.51
N LYS B 305 -10.34 -4.30 23.02
CA LYS B 305 -9.23 -5.20 23.26
C LYS B 305 -8.78 -5.09 24.70
N ALA B 306 -7.61 -5.63 25.03
CA ALA B 306 -7.12 -5.58 26.40
C ALA B 306 -6.35 -4.30 26.68
N ILE B 307 -5.56 -3.87 25.70
CA ILE B 307 -4.79 -2.64 25.80
C ILE B 307 -5.71 -1.44 25.94
N ASP B 308 -6.89 -1.50 25.30
CA ASP B 308 -7.88 -0.42 25.40
C ASP B 308 -8.42 -0.32 26.82
N ILE B 309 -8.65 -1.46 27.47
CA ILE B 309 -9.12 -1.50 28.85
C ILE B 309 -8.06 -0.92 29.78
N TRP B 310 -6.79 -1.26 29.53
CA TRP B 310 -5.67 -0.76 30.33
C TRP B 310 -5.53 0.76 30.21
N MET B 311 -5.65 1.28 28.99
CA MET B 311 -5.55 2.72 28.75
C MET B 311 -6.73 3.47 29.37
N ALA B 312 -7.94 2.90 29.26
CA ALA B 312 -9.13 3.51 29.85
C ALA B 312 -9.03 3.57 31.37
N VAL B 313 -8.53 2.49 31.98
CA VAL B 313 -8.36 2.43 33.42
C VAL B 313 -7.31 3.44 33.88
N CYS B 314 -6.20 3.58 33.15
CA CYS B 314 -5.20 4.58 33.52
C CYS B 314 -5.78 5.99 33.41
N LEU B 315 -6.63 6.24 32.39
CA LEU B 315 -7.24 7.56 32.26
C LEU B 315 -8.15 7.82 33.46
N LEU B 316 -8.81 6.76 33.94
CA LEU B 316 -9.65 6.89 35.14
C LEU B 316 -8.80 7.29 36.33
N PHE B 317 -7.63 6.66 36.50
CA PHE B 317 -6.78 6.90 37.67
C PHE B 317 -6.27 8.34 37.71
N VAL B 318 -5.81 8.85 36.56
CA VAL B 318 -5.35 10.25 36.47
C VAL B 318 -6.52 11.20 36.68
N PHE B 319 -7.70 10.86 36.13
CA PHE B 319 -8.86 11.71 36.25
C PHE B 319 -9.35 11.77 37.69
N SER B 320 -9.41 10.62 38.35
CA SER B 320 -9.85 10.57 39.74
C SER B 320 -8.88 11.33 40.65
N ALA B 321 -7.57 11.24 40.36
CA ALA B 321 -6.61 11.96 41.17
C ALA B 321 -6.70 13.47 41.00
N LEU B 322 -7.07 13.96 39.81
CA LEU B 322 -7.32 15.38 39.68
C LEU B 322 -8.59 15.78 40.43
N LEU B 323 -9.63 14.95 40.31
CA LEU B 323 -10.92 15.25 40.95
C LEU B 323 -10.79 15.38 42.45
N GLU B 324 -9.99 14.51 43.09
CA GLU B 324 -9.88 14.64 44.54
C GLU B 324 -9.21 15.94 44.93
N TYR B 325 -8.22 16.40 44.14
CA TYR B 325 -7.59 17.67 44.46
C TYR B 325 -8.60 18.80 44.40
N ALA B 326 -9.52 18.71 43.44
CA ALA B 326 -10.50 19.79 43.37
C ALA B 326 -11.63 19.58 44.38
N ALA B 327 -11.70 18.40 44.96
CA ALA B 327 -12.68 18.05 45.99
C ALA B 327 -12.18 18.37 47.38
N VAL B 328 -10.86 18.46 47.55
CA VAL B 328 -10.22 18.80 48.81
C VAL B 328 -9.97 20.32 48.94
N ASN B 329 -9.59 21.01 47.87
CA ASN B 329 -9.33 22.44 47.94
C ASN B 329 -10.59 23.22 48.29
N PHE B 330 -11.73 22.78 47.75
CA PHE B 330 -12.99 23.42 48.10
C PHE B 330 -13.28 23.30 49.58
N ILE B 331 -12.96 22.14 50.16
CA ILE B 331 -13.21 21.87 51.58
C ILE B 331 -12.42 22.80 52.48
N ALA B 332 -11.17 23.11 52.13
CA ALA B 332 -10.40 23.93 53.06
C ALA B 332 -10.60 25.43 52.97
N ARG B 333 -11.23 25.98 51.92
CA ARG B 333 -11.41 27.43 51.99
C ARG B 333 -12.60 27.82 52.85
N GLN B 334 -13.70 27.08 52.75
CA GLN B 334 -14.87 27.34 53.60
C GLN B 334 -14.58 27.09 55.07
N LYS B 401 -11.08 25.28 61.61
CA LYS B 401 -9.86 24.47 61.53
C LYS B 401 -10.28 23.01 61.37
N LEU B 402 -11.59 22.78 61.55
CA LEU B 402 -12.15 21.45 61.35
C LEU B 402 -12.03 21.03 59.90
N PHE B 403 -12.31 21.96 58.98
CA PHE B 403 -12.22 21.69 57.55
C PHE B 403 -10.79 21.35 57.16
N ILE B 404 -9.81 22.07 57.75
CA ILE B 404 -8.39 21.81 57.53
C ILE B 404 -8.04 20.38 57.93
N SER B 405 -8.48 19.97 59.13
CA SER B 405 -8.28 18.60 59.61
C SER B 405 -8.91 17.58 58.68
N ARG B 406 -10.15 17.83 58.28
CA ARG B 406 -10.88 16.94 57.36
C ARG B 406 -10.18 16.81 56.02
N ALA B 407 -9.69 17.94 55.48
CA ALA B 407 -8.94 17.96 54.24
C ALA B 407 -7.67 17.13 54.32
N LYS B 408 -6.87 17.34 55.38
CA LYS B 408 -5.65 16.57 55.54
C LYS B 408 -5.93 15.08 55.74
N ARG B 409 -7.04 14.75 56.42
CA ARG B 409 -7.50 13.37 56.53
C ARG B 409 -7.78 12.76 55.17
N ILE B 410 -8.54 13.49 54.33
CA ILE B 410 -8.88 13.04 52.98
C ILE B 410 -7.62 12.82 52.16
N ASP B 411 -6.64 13.72 52.30
CA ASP B 411 -5.35 13.61 51.63
C ASP B 411 -4.64 12.30 52.00
N THR B 412 -4.46 12.05 53.31
CA THR B 412 -3.77 10.84 53.78
C THR B 412 -4.50 9.56 53.37
N VAL B 413 -5.84 9.56 53.52
CA VAL B 413 -6.67 8.41 53.10
C VAL B 413 -6.47 8.10 51.62
N SER B 414 -6.61 9.11 50.75
CA SER B 414 -6.41 8.82 49.33
C SER B 414 -4.96 8.52 48.97
N ARG B 415 -4.02 8.95 49.82
CA ARG B 415 -2.60 8.66 49.64
C ARG B 415 -2.32 7.18 49.77
N VAL B 416 -2.91 6.55 50.79
CA VAL B 416 -2.71 5.12 50.93
C VAL B 416 -3.76 4.32 50.16
N ALA B 417 -4.85 4.96 49.74
CA ALA B 417 -5.90 4.26 49.00
C ALA B 417 -5.50 3.94 47.57
N PHE B 418 -5.15 4.98 46.80
CA PHE B 418 -4.89 4.84 45.36
C PHE B 418 -3.85 3.82 44.91
N PRO B 419 -2.63 3.72 45.49
CA PRO B 419 -1.74 2.61 45.12
C PRO B 419 -2.35 1.25 45.38
N LEU B 420 -3.00 1.04 46.53
CA LEU B 420 -3.49 -0.28 46.89
C LEU B 420 -4.63 -0.72 45.96
N VAL B 421 -5.51 0.21 45.59
CA VAL B 421 -6.57 -0.08 44.63
C VAL B 421 -5.99 -0.37 43.25
N PHE B 422 -4.94 0.38 42.86
CA PHE B 422 -4.28 0.11 41.59
C PHE B 422 -3.65 -1.28 41.58
N LEU B 423 -3.08 -1.68 42.72
CA LEU B 423 -2.53 -3.02 42.86
C LEU B 423 -3.60 -4.10 42.72
N ILE B 424 -4.76 -3.89 43.37
CA ILE B 424 -5.87 -4.85 43.27
C ILE B 424 -6.34 -4.98 41.82
N PHE B 425 -6.42 -3.85 41.11
CA PHE B 425 -6.79 -3.87 39.70
C PHE B 425 -5.78 -4.67 38.89
N ASN B 426 -4.48 -4.40 39.12
CA ASN B 426 -3.42 -5.04 38.34
C ASN B 426 -3.48 -6.54 38.53
N ILE B 427 -3.64 -6.98 39.79
CA ILE B 427 -3.65 -8.42 40.08
C ILE B 427 -4.81 -9.08 39.37
N PHE B 428 -6.01 -8.46 39.46
CA PHE B 428 -7.19 -9.07 38.81
C PHE B 428 -7.03 -9.10 37.30
N TYR B 429 -6.55 -8.00 36.71
CA TYR B 429 -6.43 -7.88 35.26
C TYR B 429 -5.47 -8.93 34.71
N TRP B 430 -4.28 -9.05 35.32
CA TRP B 430 -3.29 -9.98 34.84
C TRP B 430 -3.74 -11.41 35.06
N ILE B 431 -4.35 -11.71 36.22
CA ILE B 431 -4.79 -13.06 36.53
C ILE B 431 -5.85 -13.48 35.51
N THR B 432 -6.79 -12.57 35.21
CA THR B 432 -7.88 -12.89 34.29
C THR B 432 -7.35 -13.19 32.90
N TYR B 433 -6.41 -12.36 32.41
CA TYR B 433 -5.86 -12.60 31.08
C TYR B 433 -5.04 -13.89 31.03
N LYS B 434 -4.27 -14.19 32.09
CA LYS B 434 -3.52 -15.46 32.10
C LYS B 434 -4.47 -16.65 32.08
N ILE B 435 -5.57 -16.58 32.85
CA ILE B 435 -6.53 -17.69 32.87
C ILE B 435 -7.18 -17.85 31.50
N ILE B 436 -7.57 -16.74 30.86
CA ILE B 436 -8.26 -16.82 29.57
C ILE B 436 -7.33 -17.37 28.49
N ARG B 437 -6.05 -16.93 28.45
CA ARG B 437 -5.10 -17.46 27.46
C ARG B 437 -4.84 -18.95 27.71
N SER B 438 -4.75 -19.34 29.00
CA SER B 438 -4.56 -20.75 29.34
C SER B 438 -5.76 -21.56 28.89
N GLU B 439 -6.97 -20.99 29.02
CA GLU B 439 -8.18 -21.65 28.56
C GLU B 439 -8.12 -21.84 27.05
N ASP B 440 -7.61 -20.82 26.33
CA ASP B 440 -7.49 -20.88 24.88
C ASP B 440 -6.52 -21.99 24.47
N ILE B 441 -5.43 -22.15 25.21
CA ILE B 441 -4.45 -23.17 24.88
C ILE B 441 -4.69 -24.39 25.77
N MET C 32 -18.78 -48.40 -22.77
CA MET C 32 -17.71 -47.75 -23.50
C MET C 32 -17.14 -46.61 -22.64
N PRO C 33 -15.97 -46.05 -22.98
CA PRO C 33 -15.35 -45.00 -22.14
C PRO C 33 -16.29 -43.82 -21.99
N PRO C 34 -16.53 -43.34 -20.75
CA PRO C 34 -17.53 -42.28 -20.55
C PRO C 34 -17.26 -41.01 -21.33
N SER C 35 -15.99 -40.61 -21.45
CA SER C 35 -15.68 -39.33 -22.09
C SER C 35 -16.12 -39.34 -23.55
N GLU C 36 -15.83 -40.46 -24.25
CA GLU C 36 -16.10 -40.49 -25.68
C GLU C 36 -17.59 -40.39 -25.95
N PHE C 37 -18.41 -40.89 -25.01
CA PHE C 37 -19.85 -40.79 -25.15
C PHE C 37 -20.27 -39.33 -25.22
N LEU C 38 -19.61 -38.51 -24.39
CA LEU C 38 -19.84 -37.06 -24.41
C LEU C 38 -19.41 -36.50 -25.74
N ASP C 39 -18.27 -37.02 -26.26
CA ASP C 39 -17.78 -36.54 -27.55
C ASP C 39 -18.87 -36.81 -28.59
N LYS C 40 -19.53 -37.98 -28.47
CA LYS C 40 -20.54 -38.38 -29.43
C LYS C 40 -21.68 -37.37 -29.38
N LEU C 41 -22.02 -36.98 -28.14
CA LEU C 41 -23.17 -36.11 -27.89
C LEU C 41 -22.92 -34.72 -28.46
N MET C 42 -21.77 -34.13 -28.18
CA MET C 42 -21.50 -32.74 -28.53
C MET C 42 -20.59 -32.59 -29.74
N GLY C 43 -20.30 -33.66 -30.43
CA GLY C 43 -19.37 -33.60 -31.53
C GLY C 43 -20.01 -33.09 -32.80
N LYS C 44 -19.17 -32.87 -33.81
CA LYS C 44 -19.58 -32.28 -35.08
C LYS C 44 -20.67 -33.12 -35.75
N VAL C 45 -20.63 -34.44 -35.53
CA VAL C 45 -21.54 -35.39 -36.16
C VAL C 45 -22.98 -35.04 -35.83
N SER C 46 -23.24 -34.69 -34.58
CA SER C 46 -24.58 -34.38 -34.11
C SER C 46 -24.71 -32.86 -34.20
N GLY C 47 -25.92 -32.39 -34.45
CA GLY C 47 -25.99 -30.96 -34.66
C GLY C 47 -26.12 -30.09 -33.42
N TYR C 48 -25.08 -30.05 -32.60
CA TYR C 48 -25.06 -29.16 -31.44
C TYR C 48 -24.12 -28.02 -31.76
N ASP C 49 -24.63 -26.82 -31.81
CA ASP C 49 -23.79 -25.65 -32.00
C ASP C 49 -23.77 -24.88 -30.68
N ALA C 50 -22.62 -24.88 -29.98
CA ALA C 50 -22.54 -24.22 -28.67
C ALA C 50 -22.93 -22.74 -28.61
N ARG C 51 -23.11 -22.13 -29.78
CA ARG C 51 -23.39 -20.72 -29.94
C ARG C 51 -24.88 -20.44 -30.02
N ILE C 52 -25.70 -21.49 -30.01
CA ILE C 52 -27.15 -21.38 -30.11
C ILE C 52 -27.80 -21.73 -28.78
N ARG C 53 -28.71 -20.88 -28.33
CA ARG C 53 -29.39 -21.07 -27.07
C ARG C 53 -30.27 -22.33 -27.13
N PRO C 54 -30.35 -23.10 -26.05
CA PRO C 54 -31.36 -24.17 -25.94
C PRO C 54 -32.77 -23.63 -26.05
N ASN C 55 -33.63 -24.38 -26.75
CA ASN C 55 -34.99 -23.94 -27.12
C ASN C 55 -34.94 -22.66 -27.94
N PHE C 56 -34.17 -22.71 -29.03
CA PHE C 56 -34.05 -21.59 -29.94
C PHE C 56 -35.39 -21.31 -30.60
N LYS C 57 -35.70 -20.03 -30.75
CA LYS C 57 -36.99 -19.52 -31.24
C LYS C 57 -38.15 -20.07 -30.41
N GLY C 58 -37.98 -20.10 -29.09
CA GLY C 58 -38.92 -20.74 -28.21
C GLY C 58 -39.05 -20.10 -26.83
N PRO C 59 -39.66 -20.83 -25.91
CA PRO C 59 -39.83 -20.34 -24.54
C PRO C 59 -38.51 -20.07 -23.86
N PRO C 60 -38.46 -19.06 -22.98
CA PRO C 60 -37.20 -18.65 -22.33
C PRO C 60 -36.56 -19.74 -21.46
N VAL C 61 -35.23 -19.81 -21.51
CA VAL C 61 -34.49 -20.74 -20.66
C VAL C 61 -34.48 -20.24 -19.23
N ASN C 62 -34.83 -21.10 -18.28
CA ASN C 62 -34.89 -20.71 -16.89
C ASN C 62 -33.65 -21.23 -16.18
N VAL C 63 -32.93 -20.36 -15.46
CA VAL C 63 -31.68 -20.76 -14.82
C VAL C 63 -31.79 -20.59 -13.31
N THR C 64 -31.63 -21.69 -12.57
CA THR C 64 -31.62 -21.62 -11.11
C THR C 64 -30.23 -21.20 -10.62
N CYS C 65 -30.17 -20.28 -9.66
CA CYS C 65 -28.90 -19.74 -9.19
C CYS C 65 -28.71 -19.94 -7.69
N ASN C 66 -27.59 -20.57 -7.31
CA ASN C 66 -27.22 -20.79 -5.92
C ASN C 66 -25.85 -20.18 -5.62
N ILE C 67 -25.73 -19.45 -4.52
CA ILE C 67 -24.48 -18.77 -4.16
C ILE C 67 -24.07 -19.21 -2.75
N PHE C 68 -22.81 -19.60 -2.58
CA PHE C 68 -22.21 -19.94 -1.30
C PHE C 68 -21.03 -19.01 -1.06
N ILE C 69 -20.98 -18.33 0.08
CA ILE C 69 -19.92 -17.37 0.38
C ILE C 69 -18.89 -18.04 1.29
N ASN C 70 -17.71 -18.34 0.75
CA ASN C 70 -16.61 -18.85 1.55
C ASN C 70 -16.03 -17.78 2.46
N SER C 71 -15.73 -16.60 1.92
CA SER C 71 -15.10 -15.56 2.72
C SER C 71 -15.62 -14.20 2.28
N PHE C 72 -15.86 -13.35 3.26
CA PHE C 72 -16.38 -12.00 3.07
C PHE C 72 -15.44 -11.10 3.86
N GLY C 73 -14.93 -10.05 3.23
CA GLY C 73 -14.04 -9.17 3.96
C GLY C 73 -13.43 -8.12 3.06
N SER C 74 -12.40 -7.47 3.64
CA SER C 74 -11.60 -6.42 3.00
C SER C 74 -12.44 -5.23 2.55
N ILE C 75 -13.39 -4.83 3.39
CA ILE C 75 -14.19 -3.64 3.10
C ILE C 75 -13.30 -2.41 3.22
N ALA C 76 -13.27 -1.60 2.17
CA ALA C 76 -12.44 -0.42 2.09
C ALA C 76 -13.31 0.80 1.81
N GLU C 77 -13.27 1.77 2.72
CA GLU C 77 -14.11 2.95 2.57
C GLU C 77 -13.60 3.88 1.47
N THR C 78 -12.28 3.98 1.29
CA THR C 78 -11.73 4.86 0.28
C THR C 78 -12.11 4.46 -1.15
N THR C 79 -11.70 3.27 -1.58
CA THR C 79 -12.04 2.79 -2.92
C THR C 79 -13.48 2.31 -3.08
N MET C 80 -14.21 2.12 -1.97
CA MET C 80 -15.63 1.73 -1.92
C MET C 80 -15.90 0.34 -2.51
N ASP C 81 -15.09 -0.64 -2.12
CA ASP C 81 -15.27 -2.00 -2.61
C ASP C 81 -14.94 -3.01 -1.52
N TYR C 82 -15.54 -4.21 -1.61
CA TYR C 82 -15.27 -5.30 -0.70
C TYR C 82 -14.98 -6.54 -1.53
N ARG C 83 -14.27 -7.49 -0.94
CA ARG C 83 -13.84 -8.70 -1.63
C ARG C 83 -14.54 -9.94 -1.09
N VAL C 84 -15.09 -10.76 -1.98
CA VAL C 84 -15.75 -12.01 -1.64
C VAL C 84 -15.20 -13.15 -2.47
N ASN C 85 -15.18 -14.34 -1.88
CA ASN C 85 -14.86 -15.59 -2.53
C ASN C 85 -16.14 -16.42 -2.50
N ILE C 86 -16.67 -16.78 -3.67
CA ILE C 86 -17.97 -17.45 -3.73
C ILE C 86 -17.90 -18.72 -4.58
N PHE C 87 -18.99 -19.48 -4.50
CA PHE C 87 -19.23 -20.73 -5.22
C PHE C 87 -20.52 -20.57 -6.03
N LEU C 88 -20.40 -19.97 -7.21
CA LEU C 88 -21.55 -19.78 -8.08
C LEU C 88 -22.03 -21.12 -8.63
N ARG C 89 -23.33 -21.36 -8.56
CA ARG C 89 -23.92 -22.65 -8.98
C ARG C 89 -25.16 -22.42 -9.82
N GLN C 90 -25.01 -22.51 -11.14
CA GLN C 90 -26.14 -22.35 -12.06
C GLN C 90 -26.76 -23.70 -12.44
N GLN C 91 -28.09 -23.78 -12.40
CA GLN C 91 -28.83 -24.94 -12.84
C GLN C 91 -29.81 -24.53 -13.94
N TRP C 92 -29.75 -25.19 -15.09
CA TRP C 92 -30.70 -24.92 -16.15
C TRP C 92 -30.98 -26.22 -16.91
N ASN C 93 -32.10 -26.25 -17.62
CA ASN C 93 -32.52 -27.44 -18.32
C ASN C 93 -32.28 -27.23 -19.80
N ASP C 94 -31.72 -28.26 -20.44
CA ASP C 94 -31.46 -28.26 -21.86
C ASP C 94 -32.34 -29.34 -22.49
N PRO C 95 -33.27 -28.98 -23.38
CA PRO C 95 -34.07 -29.99 -24.10
C PRO C 95 -33.28 -31.08 -24.79
N ARG C 96 -32.29 -30.70 -25.58
CA ARG C 96 -31.39 -31.64 -26.22
C ARG C 96 -30.31 -32.03 -25.21
N LEU C 97 -29.31 -32.80 -25.67
CA LEU C 97 -28.21 -33.31 -24.85
C LEU C 97 -28.73 -34.27 -23.79
N ALA C 98 -29.78 -35.01 -24.11
CA ALA C 98 -30.32 -36.00 -23.19
C ALA C 98 -30.08 -37.35 -23.84
N TYR C 99 -29.14 -38.08 -23.27
CA TYR C 99 -28.66 -39.33 -23.86
C TYR C 99 -29.67 -40.47 -23.72
N SER C 100 -30.12 -40.74 -22.50
CA SER C 100 -31.11 -41.76 -22.13
C SER C 100 -30.73 -43.18 -22.58
N GLU C 101 -29.46 -43.46 -22.87
CA GLU C 101 -29.00 -44.83 -23.22
C GLU C 101 -27.59 -45.03 -22.67
N TYR C 102 -27.49 -45.16 -21.35
CA TYR C 102 -26.20 -45.34 -20.67
C TYR C 102 -26.47 -45.84 -19.27
N PRO C 103 -25.59 -46.69 -18.71
CA PRO C 103 -25.77 -47.10 -17.31
C PRO C 103 -25.59 -45.97 -16.32
N ASP C 104 -24.61 -45.09 -16.56
CA ASP C 104 -24.31 -43.99 -15.64
C ASP C 104 -25.48 -43.01 -15.57
N ASP C 105 -25.76 -42.52 -14.37
CA ASP C 105 -26.88 -41.60 -14.23
C ASP C 105 -26.48 -40.17 -14.49
N SER C 106 -25.19 -39.84 -14.40
CA SER C 106 -24.70 -38.50 -14.68
C SER C 106 -23.38 -38.59 -15.42
N LEU C 107 -23.02 -37.51 -16.10
CA LEU C 107 -21.76 -37.43 -16.84
C LEU C 107 -21.01 -36.20 -16.38
N ASP C 108 -19.71 -36.35 -16.09
CA ASP C 108 -18.87 -35.22 -15.69
C ASP C 108 -17.98 -34.78 -16.86
N LEU C 109 -18.21 -33.58 -17.35
CA LEU C 109 -17.41 -33.04 -18.45
C LEU C 109 -16.06 -32.57 -17.92
N ASP C 110 -15.02 -32.77 -18.75
CA ASP C 110 -13.69 -32.26 -18.46
C ASP C 110 -13.70 -30.73 -18.37
N PRO C 111 -13.13 -30.13 -17.31
CA PRO C 111 -13.06 -28.67 -17.22
C PRO C 111 -12.30 -27.96 -18.33
N SER C 112 -11.30 -28.59 -18.94
CA SER C 112 -10.54 -27.93 -20.01
C SER C 112 -11.41 -27.65 -21.23
N MET C 113 -12.20 -28.64 -21.64
CA MET C 113 -13.07 -28.52 -22.81
C MET C 113 -14.48 -28.05 -22.43
N LEU C 114 -14.53 -26.87 -21.82
CA LEU C 114 -15.80 -26.28 -21.43
C LEU C 114 -16.43 -25.43 -22.50
N ASP C 115 -15.72 -25.18 -23.61
CA ASP C 115 -16.27 -24.41 -24.72
C ASP C 115 -17.44 -25.13 -25.38
N SER C 116 -17.43 -26.47 -25.32
CA SER C 116 -18.41 -27.28 -26.01
C SER C 116 -19.84 -27.03 -25.54
N ILE C 117 -20.08 -26.97 -24.24
CA ILE C 117 -21.43 -26.75 -23.74
C ILE C 117 -21.79 -25.27 -23.83
N TRP C 118 -23.08 -24.98 -24.03
CA TRP C 118 -23.55 -23.61 -24.02
C TRP C 118 -23.74 -23.20 -22.57
N LYS C 119 -23.09 -22.13 -22.17
CA LYS C 119 -23.17 -21.61 -20.82
C LYS C 119 -23.82 -20.24 -20.86
N PRO C 120 -24.74 -19.95 -19.94
CA PRO C 120 -25.33 -18.60 -19.92
C PRO C 120 -24.31 -17.55 -19.52
N ASP C 121 -24.39 -16.41 -20.19
CA ASP C 121 -23.45 -15.30 -19.98
C ASP C 121 -23.92 -14.42 -18.83
N LEU C 122 -23.66 -14.91 -17.62
CA LEU C 122 -24.06 -14.22 -16.40
C LEU C 122 -22.89 -13.39 -15.95
N PHE C 123 -23.10 -12.08 -15.76
CA PHE C 123 -22.04 -11.26 -15.22
C PHE C 123 -22.55 -10.50 -14.00
N PHE C 124 -21.67 -9.73 -13.39
CA PHE C 124 -21.98 -8.94 -12.20
C PHE C 124 -21.98 -7.47 -12.60
N ALA C 125 -23.09 -6.79 -12.33
CA ALA C 125 -23.25 -5.39 -12.74
C ALA C 125 -22.28 -4.46 -12.03
N ASN C 126 -21.91 -4.76 -10.79
CA ASN C 126 -21.03 -3.89 -10.02
C ASN C 126 -19.76 -4.66 -9.68
N GLU C 127 -18.88 -4.76 -10.67
CA GLU C 127 -17.64 -5.52 -10.58
C GLU C 127 -16.45 -4.63 -10.88
N LYS C 128 -15.58 -4.44 -9.90
CA LYS C 128 -14.29 -3.82 -10.19
C LYS C 128 -13.39 -4.80 -10.91
N GLY C 129 -13.18 -5.97 -10.32
CA GLY C 129 -12.36 -7.00 -10.93
C GLY C 129 -12.65 -8.38 -10.36
N ALA C 130 -12.59 -9.41 -11.20
CA ALA C 130 -12.77 -10.77 -10.74
C ALA C 130 -11.95 -11.71 -11.59
N ASN C 131 -11.51 -12.80 -10.97
CA ASN C 131 -10.79 -13.82 -11.71
C ASN C 131 -11.04 -15.21 -11.12
N PHE C 132 -10.80 -16.21 -11.95
CA PHE C 132 -10.93 -17.62 -11.62
C PHE C 132 -9.75 -18.08 -10.77
N HIS C 133 -9.83 -19.30 -10.27
CA HIS C 133 -8.78 -19.91 -9.48
C HIS C 133 -8.13 -21.06 -10.24
N GLU C 134 -6.80 -21.11 -10.19
CA GLU C 134 -6.04 -22.24 -10.70
C GLU C 134 -5.05 -22.64 -9.62
N VAL C 135 -5.54 -23.26 -8.54
CA VAL C 135 -4.61 -23.69 -7.50
C VAL C 135 -3.85 -24.95 -7.92
N THR C 136 -4.54 -25.97 -8.40
CA THR C 136 -3.91 -27.16 -8.95
C THR C 136 -4.53 -27.57 -10.27
N THR C 137 -5.86 -27.57 -10.29
CA THR C 137 -6.73 -27.83 -11.42
C THR C 137 -7.77 -26.73 -11.47
N ASP C 138 -8.50 -26.66 -12.59
CA ASP C 138 -9.58 -25.68 -12.72
C ASP C 138 -10.63 -25.95 -11.67
N ASN C 139 -11.04 -24.90 -10.95
CA ASN C 139 -12.10 -25.05 -9.97
C ASN C 139 -13.46 -24.93 -10.64
N LYS C 140 -13.70 -25.74 -11.67
CA LYS C 140 -14.94 -25.71 -12.44
C LYS C 140 -15.45 -27.14 -12.55
N LEU C 141 -16.72 -27.34 -12.23
CA LEU C 141 -17.34 -28.65 -12.33
C LEU C 141 -18.63 -28.53 -13.10
N LEU C 142 -18.78 -29.36 -14.14
CA LEU C 142 -20.02 -29.41 -14.90
C LEU C 142 -20.49 -30.84 -14.96
N ARG C 143 -21.75 -31.07 -14.59
CA ARG C 143 -22.35 -32.39 -14.56
C ARG C 143 -23.66 -32.39 -15.32
N ILE C 144 -23.85 -33.38 -16.19
CA ILE C 144 -25.03 -33.48 -17.04
C ILE C 144 -25.87 -34.66 -16.58
N SER C 145 -27.12 -34.40 -16.21
CA SER C 145 -28.01 -35.46 -15.76
C SER C 145 -28.60 -36.21 -16.95
N LYS C 146 -29.27 -37.32 -16.64
CA LYS C 146 -29.90 -38.16 -17.65
C LYS C 146 -30.97 -37.42 -18.43
N ASN C 147 -31.86 -36.71 -17.74
CA ASN C 147 -32.94 -35.98 -18.40
C ASN C 147 -32.45 -34.78 -19.19
N GLY C 148 -31.36 -34.15 -18.78
CA GLY C 148 -30.91 -32.95 -19.47
C GLY C 148 -30.66 -31.76 -18.57
N ASN C 149 -30.80 -31.96 -17.27
CA ASN C 149 -30.41 -30.93 -16.31
C ASN C 149 -28.89 -30.77 -16.33
N VAL C 150 -28.43 -29.52 -16.29
CA VAL C 150 -27.01 -29.21 -16.25
C VAL C 150 -26.69 -28.49 -14.96
N LEU C 151 -25.71 -29.01 -14.23
CA LEU C 151 -25.23 -28.42 -12.98
C LEU C 151 -23.84 -27.87 -13.22
N TYR C 152 -23.67 -26.57 -13.05
CA TYR C 152 -22.40 -25.90 -13.34
C TYR C 152 -21.96 -25.11 -12.11
N SER C 153 -20.78 -25.43 -11.59
CA SER C 153 -20.25 -24.80 -10.38
C SER C 153 -18.90 -24.16 -10.64
N ILE C 154 -18.75 -22.91 -10.20
CA ILE C 154 -17.55 -22.13 -10.47
C ILE C 154 -17.15 -21.44 -9.18
N ARG C 155 -15.90 -21.54 -8.78
CA ARG C 155 -15.40 -20.82 -7.63
C ARG C 155 -14.73 -19.53 -8.11
N ILE C 156 -15.18 -18.38 -7.58
CA ILE C 156 -14.81 -17.06 -8.10
C ILE C 156 -14.41 -16.20 -6.91
N THR C 157 -13.45 -15.30 -7.12
CA THR C 157 -13.19 -14.22 -6.19
C THR C 157 -13.51 -12.90 -6.87
N LEU C 158 -14.23 -12.02 -6.18
CA LEU C 158 -14.83 -10.85 -6.78
C LEU C 158 -14.53 -9.60 -5.97
N VAL C 159 -14.37 -8.48 -6.67
CA VAL C 159 -14.24 -7.21 -5.98
C VAL C 159 -15.50 -6.43 -6.35
N LEU C 160 -16.55 -6.60 -5.56
CA LEU C 160 -17.82 -5.93 -5.87
C LEU C 160 -17.81 -4.50 -5.36
N ALA C 161 -18.44 -3.60 -6.11
CA ALA C 161 -18.48 -2.20 -5.71
C ALA C 161 -19.84 -1.84 -5.13
N CYS C 162 -19.86 -1.41 -3.87
CA CYS C 162 -21.10 -0.96 -3.26
C CYS C 162 -20.99 0.47 -2.75
N PRO C 163 -21.87 1.36 -3.16
CA PRO C 163 -21.86 2.72 -2.63
C PRO C 163 -22.20 2.71 -1.15
N MET C 164 -21.42 3.46 -0.37
CA MET C 164 -21.68 3.55 1.06
C MET C 164 -21.48 4.98 1.49
N ASP C 165 -22.01 5.32 2.66
CA ASP C 165 -21.94 6.69 3.15
C ASP C 165 -21.70 6.68 4.64
N LEU C 166 -21.13 7.78 5.12
CA LEU C 166 -20.75 7.92 6.51
C LEU C 166 -21.31 9.22 7.06
N LYS C 167 -22.62 9.40 6.90
CA LYS C 167 -23.28 10.55 7.50
C LYS C 167 -23.25 10.45 9.01
N ASN C 168 -23.41 9.24 9.52
CA ASN C 168 -23.33 8.94 10.95
C ASN C 168 -22.33 7.80 11.16
N PHE C 169 -21.03 8.16 11.18
CA PHE C 169 -19.96 7.17 11.07
C PHE C 169 -19.90 6.15 12.22
N PRO C 170 -19.97 6.51 13.51
CA PRO C 170 -19.93 5.44 14.54
C PRO C 170 -21.12 4.51 14.50
N MET C 171 -22.29 4.98 14.09
CA MET C 171 -23.50 4.16 14.06
C MET C 171 -24.05 4.20 12.65
N ASP C 172 -23.47 3.39 11.78
CA ASP C 172 -23.94 3.31 10.40
C ASP C 172 -24.22 1.86 10.03
N VAL C 173 -25.19 1.67 9.13
CA VAL C 173 -25.57 0.33 8.71
C VAL C 173 -25.43 0.33 7.19
N GLN C 174 -24.34 -0.22 6.67
CA GLN C 174 -24.18 -0.17 5.23
C GLN C 174 -24.80 -1.42 4.60
N THR C 175 -25.20 -1.31 3.33
CA THR C 175 -25.74 -2.47 2.63
C THR C 175 -24.86 -2.83 1.45
N CYS C 176 -24.42 -4.10 1.39
CA CYS C 176 -23.64 -4.60 0.27
C CYS C 176 -24.56 -5.25 -0.75
N ILE C 177 -24.56 -4.76 -1.98
CA ILE C 177 -25.49 -5.24 -2.99
C ILE C 177 -24.73 -6.11 -3.98
N MET C 178 -25.18 -7.35 -4.14
CA MET C 178 -24.61 -8.27 -5.13
C MET C 178 -25.70 -8.56 -6.14
N GLN C 179 -25.46 -8.21 -7.39
CA GLN C 179 -26.46 -8.37 -8.44
C GLN C 179 -25.90 -9.10 -9.65
N LEU C 180 -26.65 -10.09 -10.11
CA LEU C 180 -26.28 -10.96 -11.23
C LEU C 180 -27.18 -10.53 -12.39
N GLU C 181 -26.59 -10.22 -13.54
CA GLU C 181 -27.39 -9.79 -14.67
C GLU C 181 -26.88 -10.45 -15.93
N SER C 182 -27.77 -10.58 -16.93
CA SER C 182 -27.38 -11.14 -18.22
C SER C 182 -26.66 -10.09 -19.05
N PHE C 183 -25.97 -10.56 -20.07
CA PHE C 183 -25.22 -9.68 -20.97
C PHE C 183 -25.68 -9.96 -22.39
N GLY C 184 -26.56 -9.14 -22.93
CA GLY C 184 -26.98 -9.32 -24.30
C GLY C 184 -28.14 -10.25 -24.55
N TYR C 185 -28.74 -10.84 -23.51
CA TYR C 185 -29.90 -11.69 -23.69
C TYR C 185 -31.12 -11.04 -23.03
N THR C 186 -32.23 -11.02 -23.76
CA THR C 186 -33.48 -10.41 -23.31
C THR C 186 -34.31 -11.40 -22.49
N MET C 187 -35.40 -10.89 -21.91
CA MET C 187 -36.29 -11.71 -21.08
C MET C 187 -36.92 -12.83 -21.88
N ASN C 188 -37.27 -12.57 -23.14
CA ASN C 188 -37.82 -13.63 -23.98
C ASN C 188 -36.81 -14.74 -24.24
N ASP C 189 -35.52 -14.41 -24.28
CA ASP C 189 -34.49 -15.44 -24.43
C ASP C 189 -34.11 -16.11 -23.11
N LEU C 190 -33.48 -15.37 -22.20
CA LEU C 190 -32.95 -15.95 -20.97
C LEU C 190 -33.51 -15.27 -19.72
N ILE C 191 -34.01 -16.07 -18.78
CA ILE C 191 -34.50 -15.61 -17.47
C ILE C 191 -33.78 -16.41 -16.40
N PHE C 192 -33.24 -15.73 -15.38
CA PHE C 192 -32.76 -16.47 -14.23
C PHE C 192 -33.27 -15.88 -12.93
N GLU C 193 -33.52 -16.76 -11.96
CA GLU C 193 -34.04 -16.40 -10.65
C GLU C 193 -33.37 -17.25 -9.59
N TRP C 194 -33.63 -16.90 -8.34
CA TRP C 194 -33.05 -17.59 -7.21
C TRP C 194 -33.65 -18.97 -6.98
N ASP C 195 -32.86 -19.82 -6.32
CA ASP C 195 -33.32 -21.13 -5.90
C ASP C 195 -34.37 -20.97 -4.81
N GLU C 196 -35.29 -21.94 -4.75
CA GLU C 196 -36.42 -21.88 -3.82
C GLU C 196 -35.98 -21.88 -2.36
N LYS C 197 -35.06 -22.77 -1.99
CA LYS C 197 -34.56 -22.82 -0.62
C LYS C 197 -33.05 -22.83 -0.60
N GLY C 198 -32.48 -22.16 0.40
CA GLY C 198 -31.04 -22.04 0.54
C GLY C 198 -30.34 -21.38 -0.63
N ALA C 199 -30.93 -20.30 -1.14
CA ALA C 199 -30.35 -19.60 -2.29
C ALA C 199 -29.01 -18.97 -1.96
N VAL C 200 -28.88 -18.37 -0.78
CA VAL C 200 -27.62 -17.78 -0.35
C VAL C 200 -27.22 -18.41 0.98
N GLN C 201 -26.00 -18.93 1.04
CA GLN C 201 -25.45 -19.55 2.23
C GLN C 201 -24.10 -18.92 2.53
N VAL C 202 -23.76 -18.88 3.81
CA VAL C 202 -22.52 -18.26 4.28
C VAL C 202 -21.83 -19.25 5.22
N ALA C 203 -20.54 -19.50 4.98
CA ALA C 203 -19.74 -20.30 5.90
C ALA C 203 -19.59 -19.59 7.23
N ASP C 204 -19.66 -20.35 8.31
CA ASP C 204 -19.67 -19.76 9.64
C ASP C 204 -18.29 -19.29 10.09
N GLY C 205 -18.29 -18.30 10.97
CA GLY C 205 -17.12 -17.70 11.57
C GLY C 205 -16.34 -16.74 10.68
N LEU C 206 -16.99 -15.67 10.22
CA LEU C 206 -16.31 -14.70 9.36
C LEU C 206 -15.27 -13.89 10.12
N THR C 207 -15.59 -13.49 11.36
CA THR C 207 -14.75 -12.67 12.25
C THR C 207 -14.30 -11.35 11.63
N LEU C 208 -15.21 -10.66 10.95
CA LEU C 208 -14.90 -9.40 10.26
C LEU C 208 -14.33 -8.37 11.24
N PRO C 209 -13.31 -7.62 10.83
CA PRO C 209 -12.69 -6.64 11.75
C PRO C 209 -13.61 -5.52 12.25
N GLN C 210 -14.42 -4.90 11.41
CA GLN C 210 -15.26 -3.83 11.89
C GLN C 210 -16.74 -4.16 11.90
N PHE C 211 -17.30 -4.58 10.78
CA PHE C 211 -18.72 -4.84 10.66
C PHE C 211 -19.08 -6.23 11.19
N ILE C 212 -20.38 -6.43 11.40
CA ILE C 212 -20.95 -7.75 11.68
C ILE C 212 -21.94 -8.07 10.58
N LEU C 213 -21.82 -9.24 9.98
CA LEU C 213 -22.75 -9.66 8.93
C LEU C 213 -24.03 -10.17 9.56
N LYS C 214 -25.15 -9.60 9.14
CA LYS C 214 -26.47 -10.02 9.58
C LYS C 214 -26.97 -11.21 8.76
N GLU C 215 -27.99 -11.88 9.29
CA GLU C 215 -28.52 -13.08 8.66
C GLU C 215 -29.85 -12.91 7.92
N GLU C 216 -30.34 -11.69 7.68
CA GLU C 216 -31.58 -11.55 6.93
C GLU C 216 -31.42 -11.98 5.47
N LYS C 217 -30.42 -11.45 4.76
CA LYS C 217 -30.03 -11.82 3.39
C LYS C 217 -31.20 -11.80 2.41
N ASP C 218 -31.94 -10.69 2.41
CA ASP C 218 -33.12 -10.55 1.58
C ASP C 218 -32.81 -10.54 0.08
N LEU C 219 -33.70 -11.18 -0.68
CA LEU C 219 -33.56 -11.35 -2.12
C LEU C 219 -34.66 -10.58 -2.85
N ARG C 220 -34.32 -9.99 -4.00
CA ARG C 220 -35.28 -9.26 -4.82
C ARG C 220 -34.95 -9.47 -6.28
N TYR C 221 -35.66 -8.74 -7.12
CA TYR C 221 -35.56 -8.80 -8.57
C TYR C 221 -35.17 -7.43 -9.07
N CYS C 222 -34.44 -7.39 -10.18
CA CYS C 222 -34.35 -6.18 -10.97
C CYS C 222 -34.56 -6.54 -12.43
N THR C 223 -35.15 -5.62 -13.18
CA THR C 223 -35.32 -5.78 -14.61
C THR C 223 -34.75 -4.54 -15.27
N LYS C 224 -33.58 -4.68 -15.89
CA LYS C 224 -32.93 -3.54 -16.53
C LYS C 224 -33.68 -3.19 -17.79
N HIS C 225 -34.52 -2.15 -17.71
CA HIS C 225 -35.25 -1.68 -18.88
C HIS C 225 -34.35 -0.74 -19.67
N TYR C 226 -33.94 -1.17 -20.86
CA TYR C 226 -33.06 -0.38 -21.71
C TYR C 226 -33.79 -0.02 -22.99
N ASN C 227 -33.04 0.57 -23.93
CA ASN C 227 -33.56 0.84 -25.25
C ASN C 227 -33.83 -0.44 -26.04
N THR C 228 -32.96 -1.44 -25.87
CA THR C 228 -33.10 -2.67 -26.63
C THR C 228 -34.23 -3.53 -26.10
N GLY C 229 -34.40 -3.58 -24.79
CA GLY C 229 -35.45 -4.39 -24.19
C GLY C 229 -35.12 -4.65 -22.73
N LYS C 230 -35.99 -5.44 -22.11
CA LYS C 230 -35.81 -5.81 -20.72
C LYS C 230 -34.72 -6.87 -20.58
N PHE C 231 -33.86 -6.70 -19.58
CA PHE C 231 -32.83 -7.66 -19.23
C PHE C 231 -33.04 -8.19 -17.83
N THR C 232 -32.71 -9.46 -17.61
CA THR C 232 -32.96 -10.06 -16.32
C THR C 232 -31.89 -9.71 -15.32
N CYS C 233 -32.28 -9.65 -14.04
CA CYS C 233 -31.33 -9.44 -12.96
C CYS C 233 -31.91 -9.95 -11.66
N ILE C 234 -31.06 -10.53 -10.82
CA ILE C 234 -31.45 -10.89 -9.47
C ILE C 234 -30.43 -10.29 -8.51
N GLU C 235 -30.87 -10.01 -7.29
CA GLU C 235 -30.07 -9.19 -6.39
C GLU C 235 -30.18 -9.73 -4.98
N ALA C 236 -29.03 -9.95 -4.35
CA ALA C 236 -28.96 -10.38 -2.95
C ALA C 236 -28.20 -9.31 -2.19
N ARG C 237 -28.82 -8.73 -1.18
CA ARG C 237 -28.10 -7.76 -0.36
C ARG C 237 -27.87 -8.24 1.07
N PHE C 238 -26.79 -7.73 1.65
CA PHE C 238 -26.33 -8.08 2.99
C PHE C 238 -26.25 -6.84 3.86
N HIS C 239 -26.74 -6.95 5.09
CA HIS C 239 -26.73 -5.85 6.05
C HIS C 239 -25.53 -5.97 7.00
N LEU C 240 -24.78 -4.89 7.14
CA LEU C 240 -23.61 -4.82 8.00
C LEU C 240 -23.81 -3.79 9.11
N GLU C 241 -23.59 -4.20 10.36
CA GLU C 241 -23.72 -3.33 11.52
C GLU C 241 -22.36 -3.15 12.19
N ARG C 242 -21.89 -1.91 12.25
CA ARG C 242 -20.58 -1.56 12.78
C ARG C 242 -20.55 -1.59 14.30
N GLN C 243 -19.59 -2.34 14.85
CA GLN C 243 -19.36 -2.45 16.29
C GLN C 243 -18.74 -1.19 16.89
N MET C 244 -19.30 -0.75 18.01
CA MET C 244 -18.88 0.45 18.73
C MET C 244 -17.95 0.19 19.92
N GLY C 245 -17.28 -0.95 19.97
CA GLY C 245 -16.34 -1.22 21.05
C GLY C 245 -15.20 -0.22 21.23
N TYR C 246 -14.31 -0.19 20.24
CA TYR C 246 -13.18 0.73 20.26
C TYR C 246 -13.63 2.18 20.16
N TYR C 247 -14.70 2.41 19.41
CA TYR C 247 -15.24 3.76 19.25
C TYR C 247 -15.81 4.30 20.54
N LEU C 248 -16.53 3.47 21.29
CA LEU C 248 -17.01 3.94 22.58
C LEU C 248 -15.88 4.11 23.59
N ILE C 249 -14.99 3.11 23.72
CA ILE C 249 -13.97 3.17 24.78
C ILE C 249 -12.96 4.30 24.55
N GLN C 250 -12.55 4.53 23.31
CA GLN C 250 -11.59 5.56 22.95
C GLN C 250 -12.39 6.68 22.31
N MET C 251 -11.88 7.91 22.43
CA MET C 251 -12.50 9.14 21.90
C MET C 251 -13.73 9.58 22.69
N TYR C 252 -14.82 8.79 22.70
CA TYR C 252 -16.04 9.26 23.36
C TYR C 252 -15.85 9.41 24.87
N ILE C 253 -15.30 8.38 25.52
CA ILE C 253 -15.10 8.39 26.99
C ILE C 253 -14.02 9.40 27.43
N PRO C 254 -12.82 9.46 26.79
CA PRO C 254 -11.83 10.48 27.23
C PRO C 254 -12.29 11.91 27.05
N SER C 255 -12.93 12.25 25.92
CA SER C 255 -13.43 13.61 25.71
C SER C 255 -14.36 14.02 26.83
N LEU C 256 -15.36 13.19 27.13
CA LEU C 256 -16.28 13.39 28.25
C LEU C 256 -15.52 13.68 29.54
N LEU C 257 -14.51 12.84 29.85
CA LEU C 257 -13.73 13.05 31.08
C LEU C 257 -12.97 14.38 31.07
N ILE C 258 -12.42 14.76 29.92
CA ILE C 258 -11.70 16.03 29.81
C ILE C 258 -12.64 17.22 30.01
N VAL C 259 -13.89 17.11 29.54
CA VAL C 259 -14.87 18.17 29.79
C VAL C 259 -15.20 18.26 31.28
N ILE C 260 -15.28 17.10 31.95
CA ILE C 260 -15.53 17.09 33.40
C ILE C 260 -14.37 17.76 34.12
N LEU C 261 -13.13 17.42 33.75
CA LEU C 261 -11.96 18.09 34.32
C LEU C 261 -11.89 19.56 33.94
N SER C 262 -12.50 19.96 32.84
CA SER C 262 -12.54 21.37 32.53
C SER C 262 -13.40 22.10 33.55
N TRP C 263 -14.49 21.46 33.99
CA TRP C 263 -15.36 22.17 34.94
C TRP C 263 -14.81 22.31 36.36
N VAL C 264 -13.70 21.67 36.74
CA VAL C 264 -13.17 21.87 38.10
C VAL C 264 -12.66 23.28 38.34
N SER C 265 -12.27 24.00 37.28
CA SER C 265 -11.84 25.40 37.38
C SER C 265 -12.88 26.27 38.05
N PHE C 266 -14.17 25.97 37.86
CA PHE C 266 -15.24 26.68 38.56
C PHE C 266 -15.11 26.52 40.06
N TRP C 267 -14.84 25.30 40.53
CA TRP C 267 -14.71 25.05 41.96
C TRP C 267 -13.41 25.61 42.51
N ILE C 268 -12.41 25.83 41.66
CA ILE C 268 -11.16 26.47 42.11
C ILE C 268 -11.46 27.93 42.42
N ASN C 269 -10.89 28.43 43.53
CA ASN C 269 -11.05 29.82 43.95
C ASN C 269 -10.57 30.83 42.92
N MET C 270 -11.31 31.95 42.86
CA MET C 270 -11.10 32.97 41.84
C MET C 270 -9.70 33.59 41.92
N ASP C 271 -9.17 33.73 43.13
CA ASP C 271 -7.88 34.37 43.34
C ASP C 271 -6.72 33.63 42.67
N ALA C 272 -6.84 32.32 42.45
CA ALA C 272 -5.75 31.54 41.86
C ALA C 272 -5.75 31.71 40.34
N ALA C 273 -5.27 32.87 39.90
CA ALA C 273 -5.17 33.16 38.47
C ALA C 273 -4.23 32.23 37.71
N PRO C 274 -2.98 31.92 38.18
CA PRO C 274 -2.17 30.96 37.42
C PRO C 274 -2.76 29.58 37.38
N ALA C 275 -3.34 29.11 38.49
CA ALA C 275 -3.91 27.76 38.54
C ALA C 275 -5.10 27.62 37.59
N ARG C 276 -6.02 28.61 37.57
CA ARG C 276 -7.16 28.44 36.68
C ARG C 276 -6.79 28.64 35.22
N VAL C 277 -6.08 29.74 34.88
CA VAL C 277 -5.66 29.96 33.48
C VAL C 277 -4.86 28.76 32.96
N GLY C 278 -3.88 28.29 33.74
CA GLY C 278 -3.08 27.14 33.34
C GLY C 278 -3.90 25.88 33.11
N LEU C 279 -4.83 25.58 34.04
CA LEU C 279 -5.69 24.41 33.91
C LEU C 279 -6.58 24.50 32.68
N GLY C 280 -7.19 25.67 32.47
CA GLY C 280 -8.14 25.82 31.38
C GLY C 280 -7.48 25.67 30.02
N ILE C 281 -6.33 26.34 29.83
CA ILE C 281 -5.66 26.26 28.54
C ILE C 281 -5.10 24.85 28.34
N THR C 282 -4.61 24.21 29.42
CA THR C 282 -4.05 22.88 29.29
C THR C 282 -5.14 21.88 28.86
N THR C 283 -6.35 22.02 29.40
CA THR C 283 -7.46 21.17 28.97
C THR C 283 -7.81 21.39 27.51
N VAL C 284 -7.76 22.66 27.05
CA VAL C 284 -7.98 22.96 25.63
C VAL C 284 -6.92 22.29 24.76
N LEU C 285 -5.66 22.34 25.22
CA LEU C 285 -4.55 21.68 24.52
C LEU C 285 -4.78 20.18 24.49
N THR C 286 -5.27 19.63 25.60
CA THR C 286 -5.47 18.19 25.75
C THR C 286 -6.49 17.70 24.73
N MET C 287 -7.63 18.39 24.61
CA MET C 287 -8.61 17.97 23.62
C MET C 287 -8.12 18.17 22.20
N THR C 288 -7.40 19.27 21.94
CA THR C 288 -6.86 19.47 20.60
C THR C 288 -5.91 18.34 20.20
N THR C 289 -5.07 17.88 21.14
CA THR C 289 -4.22 16.72 20.91
C THR C 289 -5.01 15.44 20.70
N GLN C 290 -6.09 15.22 21.48
CA GLN C 290 -6.88 14.02 21.29
C GLN C 290 -7.56 13.98 19.92
N SER C 291 -8.14 15.10 19.49
CA SER C 291 -8.78 15.15 18.17
C SER C 291 -7.75 14.96 17.06
N SER C 292 -6.60 15.62 17.21
CA SER C 292 -5.55 15.52 16.20
C SER C 292 -5.02 14.11 16.08
N GLY C 293 -4.82 13.42 17.20
CA GLY C 293 -4.40 12.03 17.13
C GLY C 293 -5.46 11.12 16.55
N SER C 294 -6.73 11.33 16.92
CA SER C 294 -7.78 10.42 16.50
C SER C 294 -8.14 10.53 15.02
N ARG C 295 -7.94 11.71 14.39
CA ARG C 295 -8.30 11.84 12.98
C ARG C 295 -7.49 10.91 12.08
N ALA C 296 -6.24 10.62 12.45
CA ALA C 296 -5.42 9.69 11.69
C ALA C 296 -6.04 8.30 11.64
N SER C 297 -6.57 7.84 12.77
CA SER C 297 -7.29 6.57 12.81
C SER C 297 -8.59 6.63 12.02
N LEU C 298 -9.27 7.78 12.03
CA LEU C 298 -10.59 7.87 11.40
C LEU C 298 -10.50 7.76 9.88
N PRO C 299 -11.59 7.37 9.20
CA PRO C 299 -11.62 7.36 7.74
C PRO C 299 -11.37 8.74 7.13
N LYS C 300 -10.82 8.72 5.92
CA LYS C 300 -10.44 9.93 5.19
C LYS C 300 -11.51 10.36 4.20
N VAL C 301 -12.56 10.98 4.73
CA VAL C 301 -13.66 11.47 3.91
C VAL C 301 -13.77 12.97 4.14
N SER C 302 -14.50 13.63 3.24
CA SER C 302 -14.63 15.07 3.25
C SER C 302 -15.91 15.61 3.86
N TYR C 303 -17.00 14.84 3.89
CA TYR C 303 -18.21 15.36 4.52
C TYR C 303 -18.15 15.14 6.02
N VAL C 304 -18.97 15.92 6.74
CA VAL C 304 -19.05 15.84 8.19
C VAL C 304 -19.61 14.48 8.62
N LYS C 305 -19.21 14.04 9.81
CA LYS C 305 -19.69 12.80 10.41
C LYS C 305 -20.24 13.10 11.80
N ALA C 306 -20.45 12.07 12.61
CA ALA C 306 -21.01 12.26 13.94
C ALA C 306 -19.91 12.53 14.96
N ILE C 307 -18.79 11.82 14.81
CA ILE C 307 -17.64 11.99 15.69
C ILE C 307 -17.09 13.40 15.56
N ASP C 308 -17.15 13.99 14.36
CA ASP C 308 -16.69 15.35 14.14
C ASP C 308 -17.55 16.35 14.90
N ILE C 309 -18.87 16.11 14.93
CA ILE C 309 -19.79 16.96 15.69
C ILE C 309 -19.49 16.87 17.17
N TRP C 310 -19.23 15.66 17.66
CA TRP C 310 -18.91 15.44 19.07
C TRP C 310 -17.62 16.14 19.47
N MET C 311 -16.58 16.05 18.63
CA MET C 311 -15.32 16.72 18.91
C MET C 311 -15.44 18.24 18.85
N ALA C 312 -16.22 18.76 17.89
CA ALA C 312 -16.44 20.19 17.78
C ALA C 312 -17.18 20.73 19.00
N VAL C 313 -18.18 19.99 19.46
CA VAL C 313 -18.96 20.39 20.64
C VAL C 313 -18.08 20.37 21.89
N CYS C 314 -17.22 19.35 22.05
CA CYS C 314 -16.33 19.34 23.20
C CYS C 314 -15.35 20.51 23.15
N LEU C 315 -14.88 20.88 21.94
CA LEU C 315 -13.97 22.03 21.83
C LEU C 315 -14.72 23.30 22.25
N LEU C 316 -16.02 23.37 21.92
CA LEU C 316 -16.83 24.51 22.35
C LEU C 316 -16.89 24.58 23.87
N PHE C 317 -17.10 23.43 24.53
CA PHE C 317 -17.27 23.39 25.99
C PHE C 317 -16.00 23.85 26.71
N VAL C 318 -14.83 23.37 26.27
CA VAL C 318 -13.56 23.78 26.85
C VAL C 318 -13.31 25.27 26.56
N PHE C 319 -13.66 25.71 25.36
CA PHE C 319 -13.42 27.09 24.97
C PHE C 319 -14.31 28.03 25.77
N SER C 320 -15.58 27.68 25.91
CA SER C 320 -16.50 28.50 26.68
C SER C 320 -16.11 28.57 28.15
N ALA C 321 -15.60 27.45 28.70
CA ALA C 321 -15.16 27.46 30.09
C ALA C 321 -13.93 28.33 30.32
N LEU C 322 -13.03 28.42 29.33
CA LEU C 322 -11.92 29.36 29.47
C LEU C 322 -12.44 30.80 29.38
N LEU C 323 -13.35 31.05 28.43
CA LEU C 323 -13.87 32.39 28.21
C LEU C 323 -14.54 32.95 29.45
N GLU C 324 -15.30 32.11 30.18
CA GLU C 324 -15.96 32.66 31.37
C GLU C 324 -14.93 33.06 32.41
N TYR C 325 -13.84 32.30 32.54
CA TYR C 325 -12.82 32.67 33.52
C TYR C 325 -12.23 34.02 33.15
N ALA C 326 -12.08 34.29 31.86
CA ALA C 326 -11.52 35.59 31.51
C ALA C 326 -12.59 36.68 31.53
N ALA C 327 -13.84 36.29 31.61
CA ALA C 327 -14.98 37.18 31.69
C ALA C 327 -15.33 37.54 33.12
N VAL C 328 -14.93 36.70 34.07
CA VAL C 328 -15.12 36.90 35.50
C VAL C 328 -13.95 37.63 36.15
N ASN C 329 -12.71 37.33 35.77
CA ASN C 329 -11.54 37.98 36.38
C ASN C 329 -11.54 39.47 36.07
N PHE C 330 -11.95 39.86 34.87
CA PHE C 330 -12.05 41.26 34.54
C PHE C 330 -13.04 41.98 35.45
N ILE C 331 -14.15 41.31 35.75
CA ILE C 331 -15.20 41.88 36.59
C ILE C 331 -14.71 42.18 38.01
N ALA C 332 -13.89 41.30 38.58
CA ALA C 332 -13.51 41.56 39.96
C ALA C 332 -12.34 42.52 40.18
N ARG C 333 -11.55 42.89 39.17
CA ARG C 333 -10.51 43.87 39.51
C ARG C 333 -11.06 45.30 39.54
N GLN C 334 -11.93 45.64 38.60
CA GLN C 334 -12.57 46.96 38.59
C GLN C 334 -13.46 47.17 39.81
N LYS C 401 -17.28 46.09 46.33
CA LYS C 401 -17.46 44.71 46.78
C LYS C 401 -18.66 44.12 46.02
N LEU C 402 -19.35 45.02 45.30
CA LEU C 402 -20.46 44.60 44.45
C LEU C 402 -19.97 43.72 43.33
N PHE C 403 -18.83 44.10 42.72
CA PHE C 403 -18.25 43.33 41.63
C PHE C 403 -17.84 41.95 42.12
N ILE C 404 -17.29 41.87 43.33
CA ILE C 404 -16.91 40.60 43.95
C ILE C 404 -18.13 39.69 44.08
N SER C 405 -19.24 40.24 44.60
CA SER C 405 -20.49 39.49 44.72
C SER C 405 -21.00 39.02 43.36
N ARG C 406 -20.99 39.91 42.36
CA ARG C 406 -21.41 39.59 41.00
C ARG C 406 -20.56 38.50 40.39
N ALA C 407 -19.24 38.57 40.58
CA ALA C 407 -18.30 37.56 40.10
C ALA C 407 -18.59 36.20 40.71
N LYS C 408 -18.74 36.14 42.04
CA LYS C 408 -19.04 34.86 42.70
C LYS C 408 -20.39 34.30 42.26
N ARG C 409 -21.37 35.19 42.02
CA ARG C 409 -22.66 34.78 41.46
C ARG C 409 -22.48 34.12 40.09
N ILE C 410 -21.71 34.77 39.22
CA ILE C 410 -21.44 34.25 37.87
C ILE C 410 -20.75 32.89 37.94
N ASP C 411 -19.83 32.74 38.89
CA ASP C 411 -19.13 31.47 39.14
C ASP C 411 -20.12 30.36 39.49
N THR C 412 -20.95 30.58 40.51
CA THR C 412 -21.93 29.58 40.94
C THR C 412 -22.95 29.24 39.85
N VAL C 413 -23.46 30.26 39.16
CA VAL C 413 -24.38 30.06 38.04
C VAL C 413 -23.76 29.18 36.96
N SER C 414 -22.55 29.51 36.50
CA SER C 414 -21.95 28.66 35.47
C SER C 414 -21.53 27.29 36.00
N ARG C 415 -21.36 27.18 37.32
CA ARG C 415 -21.02 25.91 37.97
C ARG C 415 -22.15 24.92 37.83
N VAL C 416 -23.38 25.38 38.06
CA VAL C 416 -24.50 24.47 37.90
C VAL C 416 -25.05 24.49 36.47
N ALA C 417 -24.68 25.50 35.67
CA ALA C 417 -25.16 25.58 34.30
C ALA C 417 -24.50 24.56 33.39
N PHE C 418 -23.17 24.59 33.30
CA PHE C 418 -22.42 23.78 32.33
C PHE C 418 -22.63 22.26 32.35
N PRO C 419 -22.63 21.55 33.50
CA PRO C 419 -23.01 20.13 33.45
C PRO C 419 -24.41 19.89 32.90
N LEU C 420 -25.39 20.69 33.32
CA LEU C 420 -26.78 20.44 32.94
C LEU C 420 -26.97 20.66 31.44
N VAL C 421 -26.35 21.70 30.88
CA VAL C 421 -26.39 21.93 29.43
C VAL C 421 -25.68 20.83 28.68
N PHE C 422 -24.56 20.33 29.22
CA PHE C 422 -23.87 19.22 28.59
C PHE C 422 -24.73 17.97 28.59
N LEU C 423 -25.49 17.76 29.67
CA LEU C 423 -26.42 16.64 29.75
C LEU C 423 -27.53 16.77 28.71
N ILE C 424 -28.10 17.98 28.55
CA ILE C 424 -29.13 18.20 27.54
C ILE C 424 -28.61 17.92 26.14
N PHE C 425 -27.36 18.35 25.86
CA PHE C 425 -26.74 18.07 24.57
C PHE C 425 -26.60 16.57 24.37
N ASN C 426 -26.10 15.86 25.40
CA ASN C 426 -25.84 14.42 25.27
C ASN C 426 -27.13 13.68 24.97
N ILE C 427 -28.20 14.04 25.69
CA ILE C 427 -29.48 13.34 25.53
C ILE C 427 -29.99 13.55 24.11
N PHE C 428 -29.94 14.80 23.62
CA PHE C 428 -30.44 15.07 22.27
C PHE C 428 -29.59 14.36 21.21
N TYR C 429 -28.26 14.41 21.36
CA TYR C 429 -27.36 13.83 20.37
C TYR C 429 -27.56 12.32 20.25
N TRP C 430 -27.60 11.64 21.40
CA TRP C 430 -27.76 10.19 21.40
C TRP C 430 -29.13 9.79 20.90
N ILE C 431 -30.18 10.52 21.32
CA ILE C 431 -31.53 10.18 20.91
C ILE C 431 -31.66 10.33 19.39
N THR C 432 -31.10 11.42 18.84
CA THR C 432 -31.19 11.69 17.41
C THR C 432 -30.50 10.60 16.61
N TYR C 433 -29.29 10.19 17.04
CA TYR C 433 -28.59 9.15 16.31
C TYR C 433 -29.29 7.80 16.41
N LYS C 434 -29.86 7.46 17.60
CA LYS C 434 -30.60 6.21 17.70
C LYS C 434 -31.82 6.22 16.79
N ILE C 435 -32.54 7.35 16.72
CA ILE C 435 -33.72 7.44 15.87
C ILE C 435 -33.32 7.30 14.40
N ILE C 436 -32.24 7.96 13.99
CA ILE C 436 -31.83 7.93 12.58
C ILE C 436 -31.37 6.53 12.18
N ARG C 437 -30.60 5.83 13.05
CA ARG C 437 -30.17 4.46 12.73
C ARG C 437 -31.38 3.52 12.68
N SER C 438 -32.35 3.71 13.59
CA SER C 438 -33.56 2.92 13.58
C SER C 438 -34.34 3.16 12.28
N GLU C 439 -34.36 4.41 11.82
CA GLU C 439 -35.01 4.74 10.55
C GLU C 439 -34.32 4.01 9.41
N ASP C 440 -32.97 3.95 9.45
CA ASP C 440 -32.20 3.27 8.43
C ASP C 440 -32.53 1.78 8.40
N ILE C 441 -32.70 1.17 9.57
CA ILE C 441 -33.01 -0.25 9.64
C ILE C 441 -34.51 -0.42 9.83
N MET D 32 -4.50 -5.69 -56.24
CA MET D 32 -4.83 -6.89 -55.48
C MET D 32 -4.92 -6.50 -53.99
N PRO D 33 -5.47 -7.38 -53.12
CA PRO D 33 -5.63 -7.01 -51.69
C PRO D 33 -4.29 -6.67 -51.07
N PRO D 34 -4.18 -5.54 -50.36
CA PRO D 34 -2.86 -5.13 -49.84
C PRO D 34 -2.20 -6.13 -48.93
N SER D 35 -2.98 -6.81 -48.08
CA SER D 35 -2.39 -7.71 -47.09
C SER D 35 -1.65 -8.85 -47.78
N GLU D 36 -2.28 -9.43 -48.83
CA GLU D 36 -1.70 -10.61 -49.44
C GLU D 36 -0.38 -10.27 -50.10
N PHE D 37 -0.23 -9.01 -50.56
CA PHE D 37 1.01 -8.58 -51.16
C PHE D 37 2.14 -8.70 -50.15
N LEU D 38 1.83 -8.34 -48.89
CA LEU D 38 2.78 -8.48 -47.79
C LEU D 38 3.09 -9.94 -47.59
N ASP D 39 2.04 -10.79 -47.69
CA ASP D 39 2.24 -12.22 -47.52
C ASP D 39 3.25 -12.68 -48.55
N LYS D 40 3.13 -12.13 -49.78
CA LYS D 40 3.99 -12.55 -50.88
C LYS D 40 5.42 -12.20 -50.52
N LEU D 41 5.58 -11.00 -49.94
CA LEU D 41 6.89 -10.45 -49.62
C LEU D 41 7.60 -11.27 -48.54
N MET D 42 6.90 -11.56 -47.45
CA MET D 42 7.51 -12.20 -46.29
C MET D 42 7.19 -13.69 -46.17
N GLY D 43 6.56 -14.26 -47.17
CA GLY D 43 6.15 -15.64 -47.09
C GLY D 43 7.27 -16.60 -47.35
N LYS D 44 6.97 -17.89 -47.14
CA LYS D 44 7.96 -18.95 -47.27
C LYS D 44 8.56 -19.00 -48.67
N VAL D 45 7.77 -18.62 -49.68
CA VAL D 45 8.19 -18.68 -51.08
C VAL D 45 9.44 -17.86 -51.31
N SER D 46 9.49 -16.68 -50.71
CA SER D 46 10.61 -15.77 -50.87
C SER D 46 11.54 -16.02 -49.70
N GLY D 47 12.83 -15.84 -49.91
CA GLY D 47 13.70 -16.21 -48.83
C GLY D 47 13.94 -15.19 -47.74
N TYR D 48 12.91 -14.86 -46.98
CA TYR D 48 13.05 -13.96 -45.85
C TYR D 48 12.98 -14.78 -44.59
N ASP D 49 14.05 -14.82 -43.82
CA ASP D 49 14.03 -15.50 -42.54
C ASP D 49 14.07 -14.45 -41.45
N ALA D 50 12.97 -14.25 -40.71
CA ALA D 50 12.89 -13.21 -39.69
C ALA D 50 13.98 -13.23 -38.61
N ARG D 51 14.76 -14.31 -38.56
CA ARG D 51 15.78 -14.56 -37.56
C ARG D 51 17.14 -14.07 -38.01
N ILE D 52 17.25 -13.57 -39.24
CA ILE D 52 18.50 -13.11 -39.82
C ILE D 52 18.47 -11.59 -39.95
N ARG D 53 19.54 -10.96 -39.49
CA ARG D 53 19.65 -9.50 -39.52
C ARG D 53 19.71 -9.02 -40.98
N PRO D 54 19.08 -7.89 -41.29
CA PRO D 54 19.29 -7.23 -42.59
C PRO D 54 20.75 -6.85 -42.80
N ASN D 55 21.23 -7.02 -44.04
CA ASN D 55 22.66 -6.88 -44.39
C ASN D 55 23.52 -7.84 -43.58
N PHE D 56 23.16 -9.12 -43.63
CA PHE D 56 23.90 -10.16 -42.95
C PHE D 56 25.30 -10.26 -43.54
N LYS D 57 26.28 -10.48 -42.65
CA LYS D 57 27.71 -10.47 -42.96
C LYS D 57 28.13 -9.18 -43.64
N GLY D 58 27.63 -8.05 -43.15
CA GLY D 58 27.81 -6.79 -43.80
C GLY D 58 27.89 -5.59 -42.87
N PRO D 59 27.74 -4.38 -43.44
CA PRO D 59 27.78 -3.16 -42.64
C PRO D 59 26.67 -3.12 -41.61
N PRO D 60 26.93 -2.50 -40.45
CA PRO D 60 25.96 -2.47 -39.34
C PRO D 60 24.64 -1.78 -39.67
N VAL D 61 23.54 -2.34 -39.16
CA VAL D 61 22.22 -1.73 -39.35
C VAL D 61 22.10 -0.53 -38.43
N ASN D 62 21.67 0.61 -38.99
CA ASN D 62 21.56 1.84 -38.22
C ASN D 62 20.09 2.06 -37.87
N VAL D 63 19.78 2.28 -36.59
CA VAL D 63 18.40 2.43 -36.17
C VAL D 63 18.17 3.82 -35.57
N THR D 64 17.27 4.59 -36.17
CA THR D 64 16.91 5.88 -35.61
C THR D 64 15.87 5.71 -34.50
N CYS D 65 16.06 6.41 -33.37
CA CYS D 65 15.20 6.24 -32.21
C CYS D 65 14.53 7.55 -31.80
N ASN D 66 13.20 7.55 -31.70
CA ASN D 66 12.42 8.70 -31.25
C ASN D 66 11.56 8.33 -30.05
N ILE D 67 11.55 9.16 -29.02
CA ILE D 67 10.80 8.88 -27.79
C ILE D 67 9.87 10.06 -27.50
N PHE D 68 8.60 9.77 -27.22
CA PHE D 68 7.60 10.74 -26.81
C PHE D 68 7.08 10.34 -25.44
N ILE D 69 7.09 11.25 -24.47
CA ILE D 69 6.67 10.94 -23.10
C ILE D 69 5.24 11.46 -22.90
N ASN D 70 4.28 10.53 -22.82
CA ASN D 70 2.91 10.90 -22.50
C ASN D 70 2.76 11.34 -21.05
N SER D 71 3.28 10.55 -20.11
CA SER D 71 3.12 10.85 -18.70
C SER D 71 4.37 10.45 -17.94
N PHE D 72 4.75 11.31 -17.01
CA PHE D 72 5.93 11.15 -16.17
C PHE D 72 5.45 11.35 -14.74
N GLY D 73 5.76 10.40 -13.86
CA GLY D 73 5.32 10.57 -12.49
C GLY D 73 5.62 9.36 -11.64
N SER D 74 4.99 9.36 -10.46
CA SER D 74 5.07 8.31 -9.45
C SER D 74 6.50 8.07 -8.97
N ILE D 75 7.25 9.15 -8.77
CA ILE D 75 8.60 9.01 -8.22
C ILE D 75 8.50 8.58 -6.76
N ALA D 76 9.19 7.50 -6.43
CA ALA D 76 9.17 6.90 -5.11
C ALA D 76 10.58 6.82 -4.57
N GLU D 77 10.83 7.48 -3.44
CA GLU D 77 12.16 7.49 -2.87
C GLU D 77 12.53 6.15 -2.25
N THR D 78 11.58 5.45 -1.64
CA THR D 78 11.87 4.18 -1.00
C THR D 78 12.35 3.11 -1.98
N THR D 79 11.51 2.73 -2.94
CA THR D 79 11.88 1.73 -3.92
C THR D 79 12.83 2.24 -5.01
N MET D 80 13.02 3.56 -5.12
CA MET D 80 13.94 4.24 -6.05
C MET D 80 13.58 4.03 -7.53
N ASP D 81 12.31 4.19 -7.86
CA ASP D 81 11.86 4.04 -9.24
C ASP D 81 10.77 5.05 -9.58
N TYR D 82 10.64 5.38 -10.86
CA TYR D 82 9.60 6.26 -11.35
C TYR D 82 8.93 5.59 -12.54
N ARG D 83 7.69 5.98 -12.82
CA ARG D 83 6.90 5.36 -13.88
C ARG D 83 6.66 6.34 -15.03
N VAL D 84 6.91 5.87 -16.26
CA VAL D 84 6.68 6.64 -17.48
C VAL D 84 5.85 5.83 -18.47
N ASN D 85 5.06 6.55 -19.24
CA ASN D 85 4.31 6.02 -20.38
C ASN D 85 4.90 6.69 -21.61
N ILE D 86 5.44 5.90 -22.55
CA ILE D 86 6.15 6.46 -23.69
C ILE D 86 5.66 5.86 -25.00
N PHE D 87 6.10 6.48 -26.08
CA PHE D 87 5.82 6.12 -27.49
C PHE D 87 7.15 5.87 -28.18
N LEU D 88 7.70 4.68 -28.01
CA LEU D 88 8.96 4.31 -28.66
C LEU D 88 8.78 4.21 -30.17
N ARG D 89 9.68 4.83 -30.92
CA ARG D 89 9.58 4.89 -32.38
C ARG D 89 10.93 4.59 -33.02
N GLN D 90 11.12 3.35 -33.48
CA GLN D 90 12.36 2.95 -34.14
C GLN D 90 12.25 3.06 -35.66
N GLN D 91 13.26 3.64 -36.29
CA GLN D 91 13.36 3.71 -37.75
C GLN D 91 14.65 3.05 -38.20
N TRP D 92 14.56 2.09 -39.11
CA TRP D 92 15.76 1.47 -39.66
C TRP D 92 15.50 1.10 -41.11
N ASN D 93 16.57 0.91 -41.86
CA ASN D 93 16.47 0.62 -43.28
C ASN D 93 16.77 -0.85 -43.50
N ASP D 94 15.96 -1.49 -44.32
CA ASP D 94 16.13 -2.87 -44.68
C ASP D 94 16.43 -2.92 -46.17
N PRO D 95 17.61 -3.41 -46.58
CA PRO D 95 17.92 -3.59 -48.02
C PRO D 95 16.88 -4.36 -48.81
N ARG D 96 16.49 -5.53 -48.34
CA ARG D 96 15.44 -6.32 -48.94
C ARG D 96 14.09 -5.79 -48.45
N LEU D 97 13.01 -6.49 -48.81
CA LEU D 97 11.63 -6.11 -48.48
C LEU D 97 11.26 -4.79 -49.15
N ALA D 98 11.80 -4.55 -50.33
CA ALA D 98 11.46 -3.36 -51.10
C ALA D 98 10.73 -3.83 -52.33
N TYR D 99 9.43 -3.58 -52.34
CA TYR D 99 8.55 -4.11 -53.37
C TYR D 99 8.72 -3.41 -54.71
N SER D 100 8.61 -2.08 -54.72
CA SER D 100 8.77 -1.21 -55.89
C SER D 100 7.83 -1.53 -57.06
N GLU D 101 6.73 -2.27 -56.84
CA GLU D 101 5.74 -2.56 -57.89
C GLU D 101 4.35 -2.59 -57.25
N TYR D 102 3.84 -1.42 -56.87
CA TYR D 102 2.53 -1.29 -56.24
C TYR D 102 2.10 0.16 -56.30
N PRO D 103 0.80 0.43 -56.44
CA PRO D 103 0.35 1.84 -56.39
C PRO D 103 0.54 2.49 -55.03
N ASP D 104 0.28 1.75 -53.95
CA ASP D 104 0.38 2.29 -52.59
C ASP D 104 1.82 2.67 -52.26
N ASP D 105 1.98 3.79 -51.57
CA ASP D 105 3.33 4.22 -51.26
C ASP D 105 3.84 3.60 -49.96
N SER D 106 2.95 3.13 -49.10
CA SER D 106 3.35 2.47 -47.86
C SER D 106 2.43 1.29 -47.60
N LEU D 107 2.89 0.36 -46.77
CA LEU D 107 2.12 -0.81 -46.41
C LEU D 107 2.04 -0.90 -44.89
N ASP D 108 0.84 -1.13 -44.35
CA ASP D 108 0.65 -1.28 -42.91
C ASP D 108 0.48 -2.75 -42.56
N LEU D 109 1.43 -3.28 -41.80
CA LEU D 109 1.37 -4.68 -41.38
C LEU D 109 0.38 -4.82 -40.22
N ASP D 110 -0.33 -5.95 -40.20
CA ASP D 110 -1.21 -6.30 -39.09
C ASP D 110 -0.41 -6.44 -37.80
N PRO D 111 -0.84 -5.81 -36.70
CA PRO D 111 -0.14 -5.98 -35.41
C PRO D 111 -0.08 -7.40 -34.86
N SER D 112 -1.07 -8.25 -35.15
CA SER D 112 -1.05 -9.62 -34.64
C SER D 112 0.13 -10.42 -35.19
N MET D 113 0.35 -10.33 -36.49
CA MET D 113 1.43 -11.05 -37.16
C MET D 113 2.71 -10.21 -37.27
N LEU D 114 3.22 -9.82 -36.10
CA LEU D 114 4.45 -9.05 -36.03
C LEU D 114 5.70 -9.90 -35.95
N ASP D 115 5.54 -11.22 -35.81
CA ASP D 115 6.69 -12.12 -35.78
C ASP D 115 7.42 -12.14 -37.11
N SER D 116 6.69 -11.88 -38.20
CA SER D 116 7.25 -12.00 -39.55
C SER D 116 8.40 -11.04 -39.81
N ILE D 117 8.28 -9.78 -39.42
CA ILE D 117 9.35 -8.81 -39.66
C ILE D 117 10.45 -8.98 -38.62
N TRP D 118 11.68 -8.69 -39.01
CA TRP D 118 12.79 -8.70 -38.06
C TRP D 118 12.78 -7.38 -37.32
N LYS D 119 12.72 -7.44 -36.01
CA LYS D 119 12.69 -6.27 -35.16
C LYS D 119 13.95 -6.25 -34.31
N PRO D 120 14.61 -5.11 -34.16
CA PRO D 120 15.78 -5.05 -33.29
C PRO D 120 15.42 -5.25 -31.83
N ASP D 121 16.27 -6.01 -31.14
CA ASP D 121 16.04 -6.36 -29.74
C ASP D 121 16.57 -5.26 -28.82
N LEU D 122 15.79 -4.20 -28.71
CA LEU D 122 16.15 -3.05 -27.91
C LEU D 122 15.52 -3.24 -26.54
N PHE D 123 16.33 -3.17 -25.49
CA PHE D 123 15.77 -3.24 -24.14
C PHE D 123 16.26 -2.05 -23.33
N PHE D 124 15.79 -1.96 -22.10
CA PHE D 124 16.14 -0.89 -21.17
C PHE D 124 17.02 -1.48 -20.09
N ALA D 125 18.22 -0.89 -19.92
CA ALA D 125 19.19 -1.41 -18.96
C ALA D 125 18.71 -1.31 -17.52
N ASN D 126 17.92 -0.28 -17.19
CA ASN D 126 17.48 -0.07 -15.81
C ASN D 126 15.96 -0.15 -15.80
N GLU D 127 15.46 -1.38 -15.82
CA GLU D 127 14.04 -1.69 -15.89
C GLU D 127 13.63 -2.57 -14.72
N LYS D 128 12.76 -2.05 -13.85
CA LYS D 128 12.13 -2.93 -12.87
C LYS D 128 11.07 -3.79 -13.53
N GLY D 129 10.12 -3.16 -14.22
CA GLY D 129 9.09 -3.89 -14.93
C GLY D 129 8.45 -3.05 -16.01
N ALA D 130 8.07 -3.67 -17.12
CA ALA D 130 7.38 -2.96 -18.18
C ALA D 130 6.44 -3.92 -18.89
N ASN D 131 5.34 -3.37 -19.41
CA ASN D 131 4.42 -4.18 -20.19
C ASN D 131 3.73 -3.33 -21.26
N PHE D 132 3.22 -4.02 -22.27
CA PHE D 132 2.50 -3.45 -23.38
C PHE D 132 1.08 -3.10 -22.97
N HIS D 133 0.36 -2.43 -23.87
CA HIS D 133 -1.02 -2.04 -23.64
C HIS D 133 -1.95 -2.80 -24.57
N GLU D 134 -3.06 -3.29 -24.01
CA GLU D 134 -4.13 -3.88 -24.79
C GLU D 134 -5.44 -3.24 -24.34
N VAL D 135 -5.65 -1.98 -24.70
CA VAL D 135 -6.90 -1.33 -24.32
C VAL D 135 -8.08 -1.83 -25.16
N THR D 136 -7.93 -1.83 -26.48
CA THR D 136 -8.93 -2.40 -27.38
C THR D 136 -8.28 -3.28 -28.43
N THR D 137 -7.21 -2.76 -29.02
CA THR D 137 -6.34 -3.40 -29.99
C THR D 137 -4.91 -3.20 -29.55
N ASP D 138 -3.99 -3.93 -30.18
CA ASP D 138 -2.57 -3.77 -29.90
C ASP D 138 -2.14 -2.35 -30.23
N ASN D 139 -1.45 -1.70 -29.28
CA ASN D 139 -0.94 -0.36 -29.55
C ASN D 139 0.40 -0.44 -30.28
N LYS D 140 0.45 -1.15 -31.39
CA LYS D 140 1.65 -1.36 -32.17
C LYS D 140 1.35 -1.04 -33.62
N LEU D 141 2.17 -0.21 -34.23
CA LEU D 141 2.00 0.15 -35.64
C LEU D 141 3.31 -0.06 -36.37
N LEU D 142 3.28 -0.79 -37.47
CA LEU D 142 4.46 -0.99 -38.30
C LEU D 142 4.08 -0.63 -39.73
N ARG D 143 4.88 0.24 -40.35
CA ARG D 143 4.64 0.70 -41.70
C ARG D 143 5.91 0.54 -42.52
N ILE D 144 5.78 -0.02 -43.73
CA ILE D 144 6.90 -0.30 -44.62
C ILE D 144 6.82 0.64 -45.81
N SER D 145 7.86 1.44 -46.02
CA SER D 145 7.90 2.35 -47.14
C SER D 145 8.29 1.63 -48.42
N LYS D 146 8.17 2.36 -49.53
CA LYS D 146 8.50 1.83 -50.85
C LYS D 146 9.96 1.42 -50.96
N ASN D 147 10.87 2.31 -50.52
CA ASN D 147 12.30 2.02 -50.62
C ASN D 147 12.76 0.93 -49.67
N GLY D 148 12.10 0.76 -48.53
CA GLY D 148 12.56 -0.22 -47.56
C GLY D 148 12.75 0.31 -46.16
N ASN D 149 12.41 1.57 -45.94
CA ASN D 149 12.38 2.12 -44.59
C ASN D 149 11.25 1.48 -43.80
N VAL D 150 11.53 1.14 -42.55
CA VAL D 150 10.54 0.55 -41.66
C VAL D 150 10.32 1.49 -40.48
N LEU D 151 9.06 1.84 -40.24
CA LEU D 151 8.65 2.69 -39.13
C LEU D 151 7.89 1.82 -38.14
N TYR D 152 8.40 1.72 -36.91
CA TYR D 152 7.81 0.85 -35.89
C TYR D 152 7.55 1.64 -34.63
N SER D 153 6.28 1.70 -34.20
CA SER D 153 5.86 2.49 -33.06
C SER D 153 5.19 1.62 -32.01
N ILE D 154 5.61 1.76 -30.75
CA ILE D 154 5.14 0.91 -29.66
C ILE D 154 4.84 1.83 -28.48
N ARG D 155 3.66 1.69 -27.89
CA ARG D 155 3.34 2.42 -26.67
C ARG D 155 3.61 1.53 -25.47
N ILE D 156 4.44 2.00 -24.54
CA ILE D 156 4.97 1.19 -23.44
C ILE D 156 4.79 1.97 -22.15
N THR D 157 4.55 1.26 -21.05
CA THR D 157 4.66 1.84 -19.71
C THR D 157 5.82 1.14 -18.99
N LEU D 158 6.66 1.93 -18.34
CA LEU D 158 7.93 1.45 -17.82
C LEU D 158 8.13 1.87 -16.38
N VAL D 159 8.78 0.99 -15.62
CA VAL D 159 9.17 1.37 -14.26
C VAL D 159 10.69 1.43 -14.29
N LEU D 160 11.24 2.59 -14.62
CA LEU D 160 12.69 2.72 -14.73
C LEU D 160 13.31 2.96 -13.36
N ALA D 161 14.50 2.39 -13.13
CA ALA D 161 15.16 2.55 -11.84
C ALA D 161 16.30 3.57 -11.94
N CYS D 162 16.20 4.65 -11.18
CA CYS D 162 17.28 5.63 -11.14
C CYS D 162 17.80 5.82 -9.73
N PRO D 163 19.11 5.66 -9.52
CA PRO D 163 19.68 5.93 -8.19
C PRO D 163 19.54 7.40 -7.85
N MET D 164 19.10 7.69 -6.63
CA MET D 164 18.98 9.06 -6.19
C MET D 164 19.46 9.16 -4.75
N ASP D 165 19.75 10.37 -4.33
CA ASP D 165 20.30 10.58 -2.99
C ASP D 165 19.70 11.83 -2.39
N LEU D 166 19.69 11.87 -1.06
CA LEU D 166 19.10 12.96 -0.30
C LEU D 166 20.08 13.48 0.71
N LYS D 167 21.28 13.83 0.25
CA LYS D 167 22.26 14.45 1.12
C LYS D 167 21.78 15.83 1.55
N ASN D 168 21.12 16.54 0.63
CA ASN D 168 20.52 17.84 0.90
C ASN D 168 19.06 17.81 0.46
N PHE D 169 18.20 17.25 1.33
CA PHE D 169 16.84 16.88 0.94
C PHE D 169 15.95 18.05 0.49
N PRO D 170 15.84 19.18 1.20
CA PRO D 170 14.98 20.26 0.67
C PRO D 170 15.45 20.85 -0.65
N MET D 171 16.76 20.87 -0.90
CA MET D 171 17.31 21.46 -2.13
C MET D 171 18.15 20.40 -2.81
N ASP D 172 17.48 19.49 -3.52
CA ASP D 172 18.18 18.45 -4.25
C ASP D 172 17.74 18.44 -5.70
N VAL D 173 18.65 18.06 -6.59
CA VAL D 173 18.37 18.02 -8.02
C VAL D 173 18.66 16.60 -8.46
N GLN D 174 17.63 15.77 -8.62
CA GLN D 174 17.91 14.40 -8.99
C GLN D 174 17.91 14.27 -10.52
N THR D 175 18.63 13.27 -11.02
CA THR D 175 18.64 13.03 -12.46
C THR D 175 18.04 11.66 -12.78
N CYS D 176 17.05 11.63 -13.66
CA CYS D 176 16.45 10.39 -14.11
C CYS D 176 17.12 9.93 -15.40
N ILE D 177 17.71 8.74 -15.39
CA ILE D 177 18.48 8.28 -16.55
C ILE D 177 17.65 7.21 -17.27
N MET D 178 17.41 7.43 -18.55
CA MET D 178 16.74 6.45 -19.41
C MET D 178 17.73 6.02 -20.46
N GLN D 179 18.05 4.74 -20.48
CA GLN D 179 19.05 4.21 -21.40
C GLN D 179 18.54 3.00 -22.18
N LEU D 180 18.74 3.04 -23.50
CA LEU D 180 18.29 2.02 -24.42
C LEU D 180 19.53 1.27 -24.85
N GLU D 181 19.53 -0.05 -24.72
CA GLU D 181 20.72 -0.82 -25.08
C GLU D 181 20.30 -2.07 -25.84
N SER D 182 21.19 -2.60 -26.67
CA SER D 182 20.94 -3.82 -27.39
C SER D 182 21.14 -5.03 -26.49
N PHE D 183 20.59 -6.17 -26.91
CA PHE D 183 20.70 -7.40 -26.16
C PHE D 183 21.29 -8.46 -27.07
N GLY D 184 22.59 -8.72 -26.94
CA GLY D 184 23.19 -9.77 -27.74
C GLY D 184 23.70 -9.38 -29.10
N TYR D 185 23.60 -8.12 -29.51
CA TYR D 185 24.13 -7.68 -30.79
C TYR D 185 25.28 -6.70 -30.56
N THR D 186 26.38 -6.92 -31.27
CA THR D 186 27.59 -6.10 -31.16
C THR D 186 27.51 -4.88 -32.08
N MET D 187 28.51 -3.99 -31.93
CA MET D 187 28.58 -2.77 -32.73
C MET D 187 28.71 -3.06 -34.21
N ASN D 188 29.46 -4.10 -34.57
CA ASN D 188 29.56 -4.47 -35.97
C ASN D 188 28.23 -4.95 -36.54
N ASP D 189 27.37 -5.56 -35.72
CA ASP D 189 26.04 -5.95 -36.18
C ASP D 189 25.03 -4.80 -36.12
N LEU D 190 24.67 -4.34 -34.92
CA LEU D 190 23.61 -3.35 -34.77
C LEU D 190 24.08 -2.11 -34.03
N ILE D 191 23.81 -0.93 -34.60
CA ILE D 191 24.10 0.36 -34.00
C ILE D 191 22.81 1.18 -33.98
N PHE D 192 22.47 1.78 -32.84
CA PHE D 192 21.38 2.74 -32.86
C PHE D 192 21.75 4.03 -32.15
N GLU D 193 21.23 5.14 -32.68
CA GLU D 193 21.50 6.47 -32.16
C GLU D 193 20.23 7.29 -32.23
N TRP D 194 20.28 8.48 -31.63
CA TRP D 194 19.14 9.38 -31.57
C TRP D 194 18.83 10.02 -32.91
N ASP D 195 17.58 10.44 -33.06
CA ASP D 195 17.14 11.21 -34.20
C ASP D 195 17.78 12.58 -34.17
N GLU D 196 17.99 13.15 -35.36
CA GLU D 196 18.69 14.43 -35.49
C GLU D 196 17.94 15.58 -34.82
N LYS D 197 16.62 15.69 -35.04
CA LYS D 197 15.85 16.73 -34.40
C LYS D 197 14.61 16.15 -33.74
N GLY D 198 14.23 16.72 -32.60
CA GLY D 198 13.09 16.25 -31.82
C GLY D 198 13.21 14.82 -31.35
N ALA D 199 14.38 14.41 -30.88
CA ALA D 199 14.60 13.04 -30.43
C ALA D 199 13.76 12.72 -29.20
N VAL D 200 13.65 13.63 -28.25
CA VAL D 200 12.83 13.43 -27.05
C VAL D 200 11.83 14.56 -26.96
N GLN D 201 10.56 14.21 -26.86
CA GLN D 201 9.47 15.16 -26.72
C GLN D 201 8.64 14.80 -25.51
N VAL D 202 8.03 15.82 -24.89
CA VAL D 202 7.23 15.65 -23.68
C VAL D 202 5.92 16.37 -23.89
N ALA D 203 4.81 15.68 -23.60
CA ALA D 203 3.50 16.30 -23.62
C ALA D 203 3.40 17.34 -22.51
N ASP D 204 2.76 18.46 -22.82
CA ASP D 204 2.73 19.58 -21.88
C ASP D 204 1.75 19.35 -20.74
N GLY D 205 2.04 20.00 -19.62
CA GLY D 205 1.26 19.98 -18.40
C GLY D 205 1.36 18.73 -17.56
N LEU D 206 2.58 18.41 -17.11
CA LEU D 206 2.79 17.21 -16.29
C LEU D 206 2.17 17.36 -14.91
N THR D 207 2.31 18.54 -14.29
CA THR D 207 1.83 18.88 -12.94
C THR D 207 2.32 17.94 -11.85
N LEU D 208 3.61 17.60 -11.90
CA LEU D 208 4.21 16.66 -10.94
C LEU D 208 4.03 17.15 -9.51
N PRO D 209 3.71 16.26 -8.57
CA PRO D 209 3.50 16.69 -7.17
C PRO D 209 4.69 17.34 -6.48
N GLN D 210 5.90 16.80 -6.60
CA GLN D 210 7.02 17.42 -5.91
C GLN D 210 8.03 18.07 -6.83
N PHE D 211 8.55 17.34 -7.81
CA PHE D 211 9.59 17.85 -8.69
C PHE D 211 9.01 18.68 -9.82
N ILE D 212 9.88 19.41 -10.49
CA ILE D 212 9.58 20.10 -11.74
C ILE D 212 10.51 19.56 -12.81
N LEU D 213 9.94 19.14 -13.93
CA LEU D 213 10.74 18.63 -15.04
C LEU D 213 11.33 19.78 -15.83
N LYS D 214 12.66 19.76 -15.98
CA LYS D 214 13.38 20.76 -16.75
C LYS D 214 13.37 20.40 -18.23
N GLU D 215 13.70 21.38 -19.07
CA GLU D 215 13.65 21.22 -20.52
C GLU D 215 15.01 21.04 -21.20
N GLU D 216 16.11 20.85 -20.48
CA GLU D 216 17.39 20.64 -21.16
C GLU D 216 17.41 19.33 -21.95
N LYS D 217 17.09 18.20 -21.28
CA LYS D 217 16.94 16.86 -21.89
C LYS D 217 18.16 16.44 -22.70
N ASP D 218 19.33 16.57 -22.10
CA ASP D 218 20.59 16.26 -22.78
C ASP D 218 20.74 14.79 -23.15
N LEU D 219 21.32 14.55 -24.32
CA LEU D 219 21.52 13.22 -24.89
C LEU D 219 23.00 12.88 -24.97
N ARG D 220 23.33 11.62 -24.71
CA ARG D 220 24.71 11.15 -24.79
C ARG D 220 24.72 9.72 -25.31
N TYR D 221 25.91 9.15 -25.30
CA TYR D 221 26.18 7.81 -25.79
C TYR D 221 26.73 6.98 -24.64
N CYS D 222 26.47 5.69 -24.67
CA CYS D 222 27.24 4.74 -23.88
C CYS D 222 27.62 3.56 -24.77
N THR D 223 28.76 2.99 -24.49
CA THR D 223 29.21 1.79 -25.19
C THR D 223 29.57 0.77 -24.13
N LYS D 224 28.73 -0.23 -23.94
CA LYS D 224 28.98 -1.24 -22.92
C LYS D 224 30.10 -2.14 -23.38
N HIS D 225 31.31 -1.89 -22.87
CA HIS D 225 32.46 -2.72 -23.16
C HIS D 225 32.43 -3.95 -22.26
N TYR D 226 32.21 -5.11 -22.83
CA TYR D 226 32.13 -6.35 -22.07
C TYR D 226 33.25 -7.28 -22.53
N ASN D 227 33.21 -8.51 -22.01
CA ASN D 227 34.14 -9.54 -22.45
C ASN D 227 33.88 -9.95 -23.90
N THR D 228 32.61 -9.99 -24.30
CA THR D 228 32.27 -10.44 -25.64
C THR D 228 32.59 -9.37 -26.69
N GLY D 229 32.35 -8.11 -26.36
CA GLY D 229 32.59 -7.03 -27.28
C GLY D 229 31.82 -5.81 -26.87
N LYS D 230 31.93 -4.78 -27.71
CA LYS D 230 31.21 -3.53 -27.47
C LYS D 230 29.74 -3.68 -27.84
N PHE D 231 28.87 -3.15 -26.99
CA PHE D 231 27.44 -3.10 -27.21
C PHE D 231 26.95 -1.67 -27.29
N THR D 232 25.95 -1.41 -28.12
CA THR D 232 25.50 -0.05 -28.31
C THR D 232 24.54 0.38 -27.20
N CYS D 233 24.56 1.67 -26.90
CA CYS D 233 23.61 2.23 -25.94
C CYS D 233 23.47 3.72 -26.19
N ILE D 234 22.25 4.23 -26.03
CA ILE D 234 22.00 5.66 -26.04
C ILE D 234 21.25 6.03 -24.77
N GLU D 235 21.42 7.26 -24.32
CA GLU D 235 20.98 7.63 -22.98
C GLU D 235 20.39 9.03 -23.01
N ALA D 236 19.19 9.18 -22.48
CA ALA D 236 18.54 10.47 -22.34
C ALA D 236 18.27 10.70 -20.86
N ARG D 237 18.83 11.78 -20.30
CA ARG D 237 18.54 12.08 -18.91
C ARG D 237 17.71 13.35 -18.73
N PHE D 238 16.97 13.37 -17.63
CA PHE D 238 16.05 14.44 -17.29
C PHE D 238 16.41 15.01 -15.92
N HIS D 239 16.41 16.33 -15.81
CA HIS D 239 16.73 17.03 -14.57
C HIS D 239 15.46 17.43 -13.84
N LEU D 240 15.39 17.09 -12.55
CA LEU D 240 14.25 17.39 -11.69
C LEU D 240 14.66 18.32 -10.55
N GLU D 241 13.92 19.42 -10.38
CA GLU D 241 14.19 20.39 -9.32
C GLU D 241 13.01 20.42 -8.35
N ARG D 242 13.28 20.09 -7.09
CA ARG D 242 12.26 20.00 -6.04
C ARG D 242 11.82 21.38 -5.54
N GLN D 243 10.50 21.60 -5.56
CA GLN D 243 9.87 22.82 -5.07
C GLN D 243 9.89 22.92 -3.55
N MET D 244 10.26 24.10 -3.05
CA MET D 244 10.36 24.40 -1.63
C MET D 244 9.17 25.13 -1.05
N GLY D 245 8.01 25.08 -1.68
CA GLY D 245 6.83 25.73 -1.13
C GLY D 245 6.39 25.28 0.25
N TYR D 246 5.95 24.02 0.34
CA TYR D 246 5.51 23.45 1.61
C TYR D 246 6.67 23.32 2.58
N TYR D 247 7.86 23.04 2.06
CA TYR D 247 9.06 22.89 2.89
C TYR D 247 9.46 24.20 3.53
N LEU D 248 9.39 25.30 2.78
CA LEU D 248 9.69 26.58 3.39
C LEU D 248 8.60 27.03 4.36
N ILE D 249 7.32 26.94 3.96
CA ILE D 249 6.24 27.47 4.81
C ILE D 249 6.09 26.69 6.12
N GLN D 250 6.21 25.37 6.08
CA GLN D 250 6.08 24.51 7.23
C GLN D 250 7.48 24.09 7.61
N MET D 251 7.70 23.80 8.90
CA MET D 251 8.99 23.38 9.47
C MET D 251 10.01 24.51 9.57
N TYR D 252 10.46 25.08 8.43
CA TYR D 252 11.52 26.09 8.52
C TYR D 252 11.04 27.37 9.22
N ILE D 253 9.87 27.90 8.83
CA ILE D 253 9.33 29.12 9.41
C ILE D 253 8.87 28.94 10.86
N PRO D 254 8.11 27.87 11.25
CA PRO D 254 7.74 27.73 12.66
C PRO D 254 8.92 27.52 13.60
N SER D 255 9.91 26.71 13.22
CA SER D 255 11.09 26.50 14.07
C SER D 255 11.76 27.83 14.38
N LEU D 256 12.05 28.63 13.34
CA LEU D 256 12.58 29.97 13.49
C LEU D 256 11.78 30.79 14.50
N LEU D 257 10.44 30.80 14.35
CA LEU D 257 9.61 31.57 15.27
C LEU D 257 9.70 31.06 16.70
N ILE D 258 9.77 29.74 16.89
CA ILE D 258 9.88 29.16 18.22
C ILE D 258 11.22 29.53 18.87
N VAL D 259 12.29 29.62 18.07
CA VAL D 259 13.58 30.07 18.60
C VAL D 259 13.49 31.54 19.03
N ILE D 260 12.77 32.36 18.26
CA ILE D 260 12.57 33.76 18.63
C ILE D 260 11.80 33.85 19.94
N LEU D 261 10.72 33.07 20.07
CA LEU D 261 9.99 33.02 21.33
C LEU D 261 10.80 32.43 22.46
N SER D 262 11.79 31.62 22.16
CA SER D 262 12.67 31.13 23.22
C SER D 262 13.47 32.28 23.80
N TRP D 263 13.89 33.21 22.93
CA TRP D 263 14.72 34.31 23.45
C TRP D 263 13.97 35.36 24.29
N VAL D 264 12.64 35.36 24.37
CA VAL D 264 11.96 36.34 25.22
C VAL D 264 12.22 36.14 26.70
N SER D 265 12.58 34.90 27.12
CA SER D 265 12.93 34.62 28.51
C SER D 265 14.06 35.51 29.01
N PHE D 266 14.99 35.90 28.13
CA PHE D 266 16.04 36.84 28.48
C PHE D 266 15.45 38.18 28.92
N TRP D 267 14.47 38.68 28.17
CA TRP D 267 13.84 39.96 28.49
C TRP D 267 12.95 39.86 29.72
N ILE D 268 12.48 38.64 30.06
CA ILE D 268 11.70 38.46 31.28
C ILE D 268 12.63 38.64 32.48
N ASN D 269 12.14 39.34 33.52
CA ASN D 269 12.89 39.56 34.75
C ASN D 269 13.32 38.29 35.44
N MET D 270 14.52 38.35 36.04
CA MET D 270 15.16 37.20 36.65
C MET D 270 14.34 36.62 37.79
N ASP D 271 13.66 37.48 38.56
CA ASP D 271 12.90 37.05 39.73
C ASP D 271 11.76 36.09 39.39
N ALA D 272 11.23 36.15 38.17
CA ALA D 272 10.11 35.30 37.80
C ALA D 272 10.58 33.89 37.43
N ALA D 273 10.94 33.13 38.47
CA ALA D 273 11.39 31.76 38.27
C ALA D 273 10.34 30.83 37.66
N PRO D 274 9.05 30.80 38.10
CA PRO D 274 8.09 29.94 37.40
C PRO D 274 7.84 30.35 35.97
N ALA D 275 7.77 31.66 35.69
CA ALA D 275 7.50 32.14 34.35
C ALA D 275 8.63 31.78 33.39
N ARG D 276 9.90 31.97 33.80
CA ARG D 276 10.97 31.65 32.86
C ARG D 276 11.16 30.15 32.70
N VAL D 277 11.27 29.40 33.82
CA VAL D 277 11.41 27.94 33.72
C VAL D 277 10.28 27.32 32.89
N GLY D 278 9.04 27.70 33.18
CA GLY D 278 7.89 27.21 32.45
C GLY D 278 7.94 27.52 30.96
N LEU D 279 8.28 28.77 30.62
CA LEU D 279 8.39 29.17 29.22
C LEU D 279 9.48 28.40 28.50
N GLY D 280 10.65 28.28 29.13
CA GLY D 280 11.79 27.65 28.47
C GLY D 280 11.54 26.18 28.18
N ILE D 281 11.02 25.46 29.18
CA ILE D 281 10.78 24.03 28.98
C ILE D 281 9.64 23.83 27.99
N THR D 282 8.62 24.72 28.02
CA THR D 282 7.49 24.58 27.10
C THR D 282 7.96 24.77 25.66
N THR D 283 8.86 25.74 25.42
CA THR D 283 9.42 25.92 24.09
C THR D 283 10.21 24.69 23.63
N VAL D 284 10.96 24.07 24.55
CA VAL D 284 11.67 22.83 24.24
C VAL D 284 10.70 21.73 23.85
N LEU D 285 9.58 21.63 24.59
CA LEU D 285 8.54 20.66 24.29
C LEU D 285 7.93 20.94 22.93
N THR D 286 7.74 22.23 22.62
CA THR D 286 7.10 22.66 21.40
C THR D 286 7.92 22.23 20.19
N MET D 287 9.24 22.46 20.24
CA MET D 287 10.08 22.03 19.12
C MET D 287 10.17 20.52 19.03
N THR D 288 10.24 19.82 20.17
CA THR D 288 10.26 18.37 20.13
C THR D 288 9.01 17.80 19.46
N THR D 289 7.84 18.39 19.77
CA THR D 289 6.60 18.01 19.09
C THR D 289 6.62 18.33 17.60
N GLN D 290 7.15 19.50 17.21
CA GLN D 290 7.22 19.83 15.79
C GLN D 290 8.11 18.87 15.01
N SER D 291 9.29 18.54 15.55
CA SER D 291 10.17 17.61 14.87
C SER D 291 9.54 16.22 14.79
N SER D 292 8.92 15.79 15.89
CA SER D 292 8.30 14.47 15.94
C SER D 292 7.16 14.36 14.94
N GLY D 293 6.33 15.41 14.83
CA GLY D 293 5.28 15.38 13.84
C GLY D 293 5.79 15.42 12.41
N SER D 294 6.83 16.24 12.17
CA SER D 294 7.31 16.41 10.80
C SER D 294 8.05 15.20 10.23
N ARG D 295 8.68 14.38 11.10
CA ARG D 295 9.42 13.23 10.58
C ARG D 295 8.51 12.24 9.85
N ALA D 296 7.25 12.11 10.29
CA ALA D 296 6.30 11.23 9.62
C ALA D 296 6.07 11.64 8.17
N SER D 297 5.96 12.95 7.93
CA SER D 297 5.85 13.47 6.57
C SER D 297 7.15 13.27 5.78
N LEU D 298 8.30 13.38 6.45
CA LEU D 298 9.57 13.33 5.74
C LEU D 298 9.86 11.92 5.19
N PRO D 299 10.71 11.82 4.14
CA PRO D 299 11.12 10.50 3.64
C PRO D 299 11.81 9.64 4.69
N LYS D 300 11.68 8.33 4.51
CA LYS D 300 12.20 7.33 5.44
C LYS D 300 13.56 6.80 5.01
N VAL D 301 14.59 7.60 5.23
CA VAL D 301 15.96 7.23 4.88
C VAL D 301 16.78 7.25 6.17
N SER D 302 17.96 6.62 6.08
CA SER D 302 18.83 6.47 7.25
C SER D 302 19.98 7.45 7.33
N TYR D 303 20.44 8.03 6.23
CA TYR D 303 21.52 9.00 6.34
C TYR D 303 20.96 10.38 6.69
N VAL D 304 21.84 11.23 7.22
CA VAL D 304 21.46 12.58 7.61
C VAL D 304 21.08 13.40 6.37
N LYS D 305 20.22 14.39 6.58
CA LYS D 305 19.78 15.31 5.54
C LYS D 305 20.01 16.74 6.00
N ALA D 306 19.43 17.71 5.32
CA ALA D 306 19.61 19.11 5.69
C ALA D 306 18.60 19.55 6.74
N ILE D 307 17.36 19.08 6.58
CA ILE D 307 16.29 19.39 7.52
C ILE D 307 16.63 18.84 8.90
N ASP D 308 17.32 17.69 8.95
CA ASP D 308 17.73 17.09 10.22
C ASP D 308 18.74 17.97 10.93
N ILE D 309 19.67 18.56 10.18
CA ILE D 309 20.67 19.48 10.73
C ILE D 309 19.98 20.72 11.28
N TRP D 310 18.99 21.23 10.54
CA TRP D 310 18.24 22.41 10.97
C TRP D 310 17.47 22.16 12.26
N MET D 311 16.81 21.00 12.37
CA MET D 311 16.07 20.64 13.56
C MET D 311 16.99 20.41 14.75
N ALA D 312 18.15 19.78 14.53
CA ALA D 312 19.11 19.54 15.60
C ALA D 312 19.67 20.85 16.13
N VAL D 313 19.96 21.79 15.23
CA VAL D 313 20.49 23.10 15.60
C VAL D 313 19.44 23.88 16.40
N CYS D 314 18.17 23.84 15.97
CA CYS D 314 17.12 24.52 16.73
C CYS D 314 16.97 23.91 18.13
N LEU D 315 17.12 22.57 18.24
CA LEU D 315 17.03 21.94 19.56
C LEU D 315 18.18 22.42 20.43
N LEU D 316 19.35 22.63 19.82
CA LEU D 316 20.50 23.17 20.55
C LEU D 316 20.18 24.56 21.08
N PHE D 317 19.57 25.41 20.26
CA PHE D 317 19.29 26.80 20.64
C PHE D 317 18.31 26.88 21.83
N VAL D 318 17.24 26.09 21.78
CA VAL D 318 16.28 26.04 22.89
C VAL D 318 16.93 25.45 24.13
N PHE D 319 17.78 24.43 23.95
CA PHE D 319 18.42 23.77 25.08
C PHE D 319 19.42 24.71 25.74
N SER D 320 20.23 25.41 24.94
CA SER D 320 21.20 26.34 25.48
C SER D 320 20.52 27.50 26.20
N ALA D 321 19.37 27.97 25.68
CA ALA D 321 18.66 29.05 26.34
C ALA D 321 18.06 28.62 27.68
N LEU D 322 17.65 27.37 27.81
CA LEU D 322 17.21 26.90 29.12
C LEU D 322 18.41 26.80 30.07
N LEU D 323 19.53 26.27 29.56
CA LEU D 323 20.73 26.08 30.39
C LEU D 323 21.23 27.38 30.97
N GLU D 324 21.21 28.47 30.18
CA GLU D 324 21.70 29.72 30.76
C GLU D 324 20.81 30.20 31.88
N TYR D 325 19.49 30.00 31.77
CA TYR D 325 18.61 30.41 32.85
C TYR D 325 18.95 29.64 34.12
N ALA D 326 19.31 28.36 33.98
CA ALA D 326 19.65 27.63 35.19
C ALA D 326 21.07 27.91 35.64
N ALA D 327 21.86 28.54 34.78
CA ALA D 327 23.23 28.94 35.06
C ALA D 327 23.32 30.31 35.69
N VAL D 328 22.30 31.14 35.47
CA VAL D 328 22.18 32.48 36.04
C VAL D 328 21.44 32.49 37.38
N ASN D 329 20.38 31.69 37.55
CA ASN D 329 19.63 31.67 38.79
C ASN D 329 20.50 31.17 39.95
N PHE D 330 21.35 30.18 39.68
CA PHE D 330 22.26 29.71 40.71
C PHE D 330 23.20 30.82 41.17
N ILE D 331 23.66 31.64 40.23
CA ILE D 331 24.58 32.74 40.53
C ILE D 331 23.97 33.77 41.46
N ALA D 332 22.69 34.10 41.28
CA ALA D 332 22.15 35.16 42.13
C ALA D 332 21.67 34.74 43.52
N ARG D 333 21.49 33.45 43.83
CA ARG D 333 21.09 33.19 45.21
C ARG D 333 22.28 33.22 46.17
N GLN D 334 23.41 32.66 45.77
CA GLN D 334 24.62 32.72 46.59
C GLN D 334 25.13 34.14 46.78
N LYS D 401 25.89 41.73 46.38
CA LYS D 401 25.19 42.42 45.31
C LYS D 401 26.04 42.29 44.04
N LEU D 402 27.27 41.79 44.24
CA LEU D 402 28.17 41.53 43.12
C LEU D 402 27.60 40.44 42.23
N PHE D 403 27.05 39.39 42.84
CA PHE D 403 26.46 38.29 42.09
C PHE D 403 25.27 38.77 41.28
N ILE D 404 24.46 39.66 41.86
CA ILE D 404 23.33 40.27 41.17
C ILE D 404 23.78 41.01 39.92
N SER D 405 24.82 41.84 40.07
CA SER D 405 25.41 42.56 38.94
C SER D 405 25.93 41.60 37.87
N ARG D 406 26.66 40.56 38.29
CA ARG D 406 27.20 39.55 37.38
C ARG D 406 26.08 38.83 36.63
N ALA D 407 25.02 38.46 37.33
CA ALA D 407 23.86 37.81 36.74
C ALA D 407 23.20 38.68 35.68
N LYS D 408 22.93 39.96 36.01
CA LYS D 408 22.33 40.86 35.04
C LYS D 408 23.23 41.10 33.83
N ARG D 409 24.55 41.13 34.06
CA ARG D 409 25.52 41.20 32.97
C ARG D 409 25.41 40.00 32.04
N ILE D 410 25.36 38.80 32.62
CA ILE D 410 25.23 37.55 31.86
C ILE D 410 23.94 37.56 31.05
N ASP D 411 22.86 38.06 31.65
CA ASP D 411 21.56 38.20 30.98
C ASP D 411 21.66 39.08 29.73
N THR D 412 22.19 40.31 29.90
CA THR D 412 22.32 41.24 28.76
C THR D 412 23.25 40.71 27.67
N VAL D 413 24.40 40.12 28.07
CA VAL D 413 25.33 39.52 27.12
C VAL D 413 24.66 38.43 26.30
N SER D 414 23.98 37.48 26.96
CA SER D 414 23.31 36.44 26.16
C SER D 414 22.12 36.96 25.38
N ARG D 415 21.56 38.10 25.81
CA ARG D 415 20.44 38.74 25.12
C ARG D 415 20.87 39.23 23.75
N VAL D 416 22.04 39.86 23.67
CA VAL D 416 22.50 40.30 22.36
C VAL D 416 23.33 39.22 21.67
N ALA D 417 23.78 38.20 22.40
CA ALA D 417 24.58 37.14 21.79
C ALA D 417 23.76 36.20 20.93
N PHE D 418 22.72 35.58 21.51
CA PHE D 418 21.95 34.53 20.84
C PHE D 418 21.31 34.87 19.48
N PRO D 419 20.62 36.01 19.28
CA PRO D 419 20.19 36.34 17.90
C PRO D 419 21.34 36.45 16.91
N LEU D 420 22.44 37.09 17.29
CA LEU D 420 23.53 37.34 16.34
C LEU D 420 24.20 36.01 15.94
N VAL D 421 24.39 35.11 16.90
CA VAL D 421 24.95 33.79 16.59
C VAL D 421 23.98 32.99 15.73
N PHE D 422 22.67 33.10 15.99
CA PHE D 422 21.69 32.43 15.14
C PHE D 422 21.72 32.97 13.72
N LEU D 423 21.93 34.27 13.58
CA LEU D 423 22.08 34.90 12.27
C LEU D 423 23.31 34.38 11.53
N ILE D 424 24.45 34.27 12.24
CA ILE D 424 25.67 33.75 11.64
C ILE D 424 25.48 32.31 11.16
N PHE D 425 24.78 31.50 11.97
CA PHE D 425 24.48 30.12 11.57
C PHE D 425 23.62 30.12 10.32
N ASN D 426 22.57 30.96 10.29
CA ASN D 426 21.63 30.95 9.17
C ASN D 426 22.35 31.31 7.89
N ILE D 427 23.22 32.33 7.95
CA ILE D 427 23.92 32.80 6.76
C ILE D 427 24.82 31.70 6.23
N PHE D 428 25.57 31.04 7.14
CA PHE D 428 26.48 29.98 6.69
C PHE D 428 25.70 28.80 6.11
N TYR D 429 24.61 28.39 6.78
CA TYR D 429 23.84 27.22 6.37
C TYR D 429 23.24 27.43 4.98
N TRP D 430 22.60 28.59 4.78
CA TRP D 430 21.96 28.87 3.50
C TRP D 430 22.99 29.01 2.39
N ILE D 431 24.11 29.70 2.68
CA ILE D 431 25.14 29.93 1.67
C ILE D 431 25.71 28.59 1.24
N THR D 432 25.98 27.70 2.21
CA THR D 432 26.59 26.41 1.91
C THR D 432 25.66 25.58 1.04
N TYR D 433 24.37 25.54 1.38
CA TYR D 433 23.44 24.75 0.56
C TYR D 433 23.27 25.34 -0.84
N LYS D 434 23.23 26.68 -0.97
CA LYS D 434 23.13 27.27 -2.31
C LYS D 434 24.36 26.94 -3.14
N ILE D 435 25.56 26.99 -2.53
CA ILE D 435 26.78 26.67 -3.27
C ILE D 435 26.78 25.21 -3.69
N ILE D 436 26.36 24.30 -2.79
CA ILE D 436 26.40 22.87 -3.11
C ILE D 436 25.39 22.53 -4.22
N ARG D 437 24.16 23.12 -4.18
CA ARG D 437 23.19 22.88 -5.24
C ARG D 437 23.68 23.45 -6.57
N SER D 438 24.31 24.63 -6.53
CA SER D 438 24.87 25.23 -7.73
C SER D 438 25.97 24.34 -8.30
N GLU D 439 26.77 23.72 -7.42
CA GLU D 439 27.81 22.79 -7.85
C GLU D 439 27.17 21.59 -8.54
N ASP D 440 26.04 21.11 -7.99
CA ASP D 440 25.34 19.98 -8.57
C ASP D 440 24.83 20.31 -9.96
N ILE D 441 24.32 21.52 -10.15
CA ILE D 441 23.81 21.93 -11.45
C ILE D 441 24.87 22.73 -12.19
N MET E 32 -31.34 -22.22 -41.74
CA MET E 32 -30.10 -22.92 -41.46
C MET E 32 -29.51 -22.37 -40.16
N PRO E 33 -28.51 -23.05 -39.56
CA PRO E 33 -27.95 -22.58 -38.26
C PRO E 33 -27.41 -21.17 -38.39
N PRO E 34 -27.78 -20.25 -37.48
CA PRO E 34 -27.36 -18.85 -37.65
C PRO E 34 -25.87 -18.64 -37.72
N SER E 35 -25.09 -19.39 -36.93
CA SER E 35 -23.65 -19.16 -36.87
C SER E 35 -23.01 -19.40 -38.23
N GLU E 36 -23.41 -20.51 -38.88
CA GLU E 36 -22.74 -20.87 -40.13
C GLU E 36 -22.99 -19.83 -41.20
N PHE E 37 -24.14 -19.14 -41.12
CA PHE E 37 -24.45 -18.09 -42.07
C PHE E 37 -23.40 -16.99 -41.98
N LEU E 38 -22.99 -16.69 -40.73
CA LEU E 38 -21.93 -15.72 -40.49
C LEU E 38 -20.64 -16.24 -41.07
N ASP E 39 -20.40 -17.56 -40.91
CA ASP E 39 -19.18 -18.15 -41.46
C ASP E 39 -19.18 -17.90 -42.96
N LYS E 40 -20.36 -18.03 -43.59
CA LYS E 40 -20.47 -17.88 -45.04
C LYS E 40 -20.07 -16.46 -45.41
N LEU E 41 -20.54 -15.51 -44.58
CA LEU E 41 -20.35 -14.09 -44.84
C LEU E 41 -18.88 -13.71 -44.74
N MET E 42 -18.21 -14.12 -43.66
CA MET E 42 -16.85 -13.67 -43.39
C MET E 42 -15.79 -14.72 -43.70
N GLY E 43 -16.17 -15.79 -44.34
CA GLY E 43 -15.23 -16.88 -44.60
C GLY E 43 -14.35 -16.60 -45.78
N LYS E 44 -13.38 -17.49 -45.97
CA LYS E 44 -12.36 -17.34 -47.01
C LYS E 44 -13.00 -17.28 -48.40
N VAL E 45 -14.14 -17.96 -48.57
CA VAL E 45 -14.82 -18.07 -49.86
C VAL E 45 -15.18 -16.69 -50.39
N SER E 46 -15.66 -15.82 -49.50
CA SER E 46 -16.09 -14.49 -49.87
C SER E 46 -14.90 -13.58 -49.60
N GLY E 47 -14.77 -12.52 -50.39
CA GLY E 47 -13.56 -11.74 -50.19
C GLY E 47 -13.58 -10.69 -49.11
N TYR E 48 -13.68 -11.10 -47.85
CA TYR E 48 -13.61 -10.18 -46.73
C TYR E 48 -12.25 -10.36 -46.09
N ASP E 49 -11.43 -9.31 -46.12
CA ASP E 49 -10.16 -9.35 -45.42
C ASP E 49 -10.26 -8.44 -44.21
N ALA E 50 -10.28 -9.00 -42.99
CA ALA E 50 -10.44 -8.19 -41.78
C ALA E 50 -9.44 -7.05 -41.57
N ARG E 51 -8.39 -7.03 -42.38
CA ARG E 51 -7.28 -6.10 -42.28
C ARG E 51 -7.49 -4.87 -43.16
N ILE E 52 -8.58 -4.86 -43.94
CA ILE E 52 -8.90 -3.78 -44.86
C ILE E 52 -10.09 -2.98 -44.36
N ARG E 53 -9.94 -1.67 -44.33
CA ARG E 53 -11.00 -0.79 -43.85
C ARG E 53 -12.22 -0.87 -44.77
N PRO E 54 -13.43 -0.82 -44.21
CA PRO E 54 -14.64 -0.64 -45.04
C PRO E 54 -14.60 0.65 -45.83
N ASN E 55 -15.08 0.59 -47.09
CA ASN E 55 -14.96 1.69 -48.06
C ASN E 55 -13.50 2.06 -48.29
N PHE E 56 -12.72 1.05 -48.65
CA PHE E 56 -11.31 1.23 -48.95
C PHE E 56 -11.16 2.12 -50.18
N LYS E 57 -10.16 3.01 -50.13
CA LYS E 57 -9.91 4.05 -51.14
C LYS E 57 -11.16 4.91 -51.36
N GLY E 58 -11.83 5.28 -50.28
CA GLY E 58 -13.11 5.95 -50.37
C GLY E 58 -13.39 6.93 -49.24
N PRO E 59 -14.66 7.33 -49.11
CA PRO E 59 -15.06 8.26 -48.05
C PRO E 59 -14.81 7.69 -46.67
N PRO E 60 -14.46 8.57 -45.70
CA PRO E 60 -14.11 8.12 -44.34
C PRO E 60 -15.21 7.38 -43.60
N VAL E 61 -14.83 6.35 -42.86
CA VAL E 61 -15.79 5.60 -42.04
C VAL E 61 -16.16 6.42 -40.82
N ASN E 62 -17.46 6.57 -40.56
CA ASN E 62 -17.92 7.38 -39.45
C ASN E 62 -18.33 6.44 -38.31
N VAL E 63 -17.80 6.68 -37.11
CA VAL E 63 -18.08 5.78 -35.98
C VAL E 63 -18.79 6.54 -34.87
N THR E 64 -20.00 6.10 -34.52
CA THR E 64 -20.72 6.69 -33.40
C THR E 64 -20.23 6.10 -32.08
N CYS E 65 -20.00 6.95 -31.07
CA CYS E 65 -19.43 6.49 -29.80
C CYS E 65 -20.35 6.81 -28.63
N ASN E 66 -20.69 5.79 -27.83
CA ASN E 66 -21.50 5.94 -26.62
C ASN E 66 -20.75 5.38 -25.41
N ILE E 67 -20.73 6.13 -24.31
CA ILE E 67 -20.01 5.72 -23.10
C ILE E 67 -20.98 5.73 -21.92
N PHE E 68 -20.98 4.64 -21.14
CA PHE E 68 -21.75 4.51 -19.91
C PHE E 68 -20.79 4.25 -18.77
N ILE E 69 -20.86 5.05 -17.69
CA ILE E 69 -19.93 4.91 -16.57
C ILE E 69 -20.62 4.14 -15.45
N ASN E 70 -20.19 2.89 -15.23
CA ASN E 70 -20.68 2.11 -14.09
C ASN E 70 -20.16 2.63 -12.77
N SER E 71 -18.86 2.87 -12.67
CA SER E 71 -18.26 3.30 -11.42
C SER E 71 -17.12 4.26 -11.68
N PHE E 72 -17.07 5.30 -10.86
CA PHE E 72 -16.08 6.36 -10.94
C PHE E 72 -15.51 6.49 -9.54
N GLY E 73 -14.19 6.45 -9.41
CA GLY E 73 -13.60 6.57 -8.10
C GLY E 73 -12.11 6.36 -8.10
N SER E 74 -11.59 6.21 -6.88
CA SER E 74 -10.18 5.96 -6.58
C SER E 74 -9.27 7.07 -7.09
N ILE E 75 -9.71 8.32 -6.92
CA ILE E 75 -8.87 9.46 -7.29
C ILE E 75 -7.69 9.53 -6.34
N ALA E 76 -6.49 9.56 -6.89
CA ALA E 76 -5.25 9.58 -6.12
C ALA E 76 -4.44 10.79 -6.53
N GLU E 77 -4.15 11.66 -5.56
CA GLU E 77 -3.40 12.87 -5.84
C GLU E 77 -1.93 12.60 -6.11
N THR E 78 -1.34 11.62 -5.41
CA THR E 78 0.08 11.32 -5.60
C THR E 78 0.41 10.82 -7.01
N THR E 79 -0.16 9.69 -7.40
CA THR E 79 0.08 9.16 -8.74
C THR E 79 -0.66 9.88 -9.87
N MET E 80 -1.64 10.74 -9.54
CA MET E 80 -2.42 11.58 -10.45
C MET E 80 -3.27 10.78 -11.44
N ASP E 81 -3.99 9.78 -10.93
CA ASP E 81 -4.85 8.96 -11.78
C ASP E 81 -6.12 8.57 -11.04
N TYR E 82 -7.18 8.31 -11.80
CA TYR E 82 -8.46 7.85 -11.25
C TYR E 82 -8.89 6.62 -12.04
N ARG E 83 -9.73 5.79 -11.43
CA ARG E 83 -10.16 4.54 -12.03
C ARG E 83 -11.65 4.57 -12.37
N VAL E 84 -11.97 4.17 -13.60
CA VAL E 84 -13.35 4.08 -14.09
C VAL E 84 -13.61 2.71 -14.70
N ASN E 85 -14.85 2.27 -14.56
CA ASN E 85 -15.39 1.08 -15.21
C ASN E 85 -16.45 1.57 -16.18
N ILE E 86 -16.27 1.30 -17.48
CA ILE E 86 -17.17 1.86 -18.49
C ILE E 86 -17.67 0.77 -19.44
N PHE E 87 -18.66 1.17 -20.24
CA PHE E 87 -19.32 0.37 -21.27
C PHE E 87 -19.17 1.09 -22.60
N LEU E 88 -18.02 0.88 -23.25
CA LEU E 88 -17.76 1.50 -24.55
C LEU E 88 -18.67 0.89 -25.62
N ARG E 89 -19.30 1.74 -26.43
CA ARG E 89 -20.26 1.28 -27.43
C ARG E 89 -20.02 2.01 -28.75
N GLN E 90 -19.33 1.34 -29.68
CA GLN E 90 -19.07 1.89 -31.00
C GLN E 90 -20.10 1.45 -32.04
N GLN E 91 -20.60 2.40 -32.82
CA GLN E 91 -21.52 2.13 -33.93
C GLN E 91 -20.92 2.65 -35.22
N TRP E 92 -20.79 1.79 -36.23
CA TRP E 92 -20.31 2.23 -37.53
C TRP E 92 -20.99 1.42 -38.61
N ASN E 93 -20.98 1.94 -39.82
CA ASN E 93 -21.68 1.31 -40.94
C ASN E 93 -20.63 0.68 -41.85
N ASP E 94 -20.92 -0.55 -42.26
CA ASP E 94 -20.07 -1.29 -43.18
C ASP E 94 -20.85 -1.49 -44.46
N PRO E 95 -20.38 -0.95 -45.60
CA PRO E 95 -21.03 -1.20 -46.91
C PRO E 95 -21.26 -2.66 -47.24
N ARG E 96 -20.23 -3.48 -47.13
CA ARG E 96 -20.34 -4.91 -47.32
C ARG E 96 -20.85 -5.54 -46.03
N LEU E 97 -20.89 -6.88 -45.98
CA LEU E 97 -21.39 -7.65 -44.84
C LEU E 97 -22.87 -7.40 -44.62
N ALA E 98 -23.61 -7.16 -45.70
CA ALA E 98 -25.05 -6.97 -45.61
C ALA E 98 -25.67 -8.15 -46.33
N TYR E 99 -26.26 -9.03 -45.53
CA TYR E 99 -26.77 -10.31 -46.02
C TYR E 99 -28.05 -10.15 -46.85
N SER E 100 -29.06 -9.50 -46.27
CA SER E 100 -30.37 -9.21 -46.87
C SER E 100 -31.12 -10.45 -47.37
N GLU E 101 -30.79 -11.67 -46.90
CA GLU E 101 -31.51 -12.89 -47.26
C GLU E 101 -31.53 -13.83 -46.05
N TYR E 102 -32.31 -13.47 -45.03
CA TYR E 102 -32.41 -14.25 -43.80
C TYR E 102 -33.64 -13.79 -43.04
N PRO E 103 -34.34 -14.70 -42.35
CA PRO E 103 -35.47 -14.26 -41.51
C PRO E 103 -35.06 -13.37 -40.35
N ASP E 104 -33.94 -13.69 -39.69
CA ASP E 104 -33.47 -12.95 -38.53
C ASP E 104 -33.11 -11.51 -38.90
N ASP E 105 -33.46 -10.58 -38.04
CA ASP E 105 -33.17 -9.18 -38.36
C ASP E 105 -31.78 -8.76 -37.91
N SER E 106 -31.18 -9.50 -36.97
CA SER E 106 -29.83 -9.21 -36.53
C SER E 106 -29.08 -10.51 -36.31
N LEU E 107 -27.75 -10.44 -36.30
CA LEU E 107 -26.91 -11.60 -36.09
C LEU E 107 -25.95 -11.28 -34.94
N ASP E 108 -25.82 -12.21 -33.99
CA ASP E 108 -24.88 -12.05 -32.88
C ASP E 108 -23.64 -12.90 -33.09
N LEU E 109 -22.50 -12.24 -33.26
CA LEU E 109 -21.25 -12.95 -33.46
C LEU E 109 -20.74 -13.49 -32.12
N ASP E 110 -20.11 -14.67 -32.15
CA ASP E 110 -19.45 -15.25 -31.00
C ASP E 110 -18.31 -14.34 -30.52
N PRO E 111 -18.23 -14.03 -29.23
CA PRO E 111 -17.11 -13.22 -28.71
C PRO E 111 -15.72 -13.81 -28.89
N SER E 112 -15.59 -15.14 -28.91
CA SER E 112 -14.26 -15.73 -29.08
C SER E 112 -13.66 -15.41 -30.43
N MET E 113 -14.45 -15.54 -31.49
CA MET E 113 -13.99 -15.28 -32.86
C MET E 113 -14.29 -13.84 -33.30
N LEU E 114 -13.69 -12.91 -32.55
CA LEU E 114 -13.85 -11.49 -32.85
C LEU E 114 -12.79 -10.97 -33.82
N ASP E 115 -11.79 -11.78 -34.14
CA ASP E 115 -10.76 -11.37 -35.09
C ASP E 115 -11.33 -11.18 -36.48
N SER E 116 -12.40 -11.91 -36.81
CA SER E 116 -12.98 -11.91 -38.14
C SER E 116 -13.49 -10.55 -38.59
N ILE E 117 -14.20 -9.83 -37.74
CA ILE E 117 -14.73 -8.52 -38.11
C ILE E 117 -13.64 -7.47 -38.00
N TRP E 118 -13.71 -6.44 -38.83
CA TRP E 118 -12.80 -5.32 -38.73
C TRP E 118 -13.31 -4.38 -37.66
N LYS E 119 -12.49 -4.11 -36.67
CA LYS E 119 -12.83 -3.25 -35.56
C LYS E 119 -11.94 -2.02 -35.60
N PRO E 120 -12.49 -0.82 -35.41
CA PRO E 120 -11.65 0.37 -35.37
C PRO E 120 -10.72 0.37 -34.17
N ASP E 121 -9.48 0.81 -34.40
CA ASP E 121 -8.44 0.82 -33.38
C ASP E 121 -8.52 2.10 -32.55
N LEU E 122 -9.47 2.10 -31.62
CA LEU E 122 -9.73 3.25 -30.78
C LEU E 122 -8.94 3.04 -29.49
N PHE E 123 -8.09 3.99 -29.12
CA PHE E 123 -7.41 3.88 -27.85
C PHE E 123 -7.63 5.15 -27.03
N PHE E 124 -7.08 5.17 -25.83
CA PHE E 124 -7.20 6.30 -24.92
C PHE E 124 -5.84 6.97 -24.81
N ALA E 125 -5.80 8.27 -25.09
CA ALA E 125 -4.54 9.01 -25.11
C ALA E 125 -3.89 9.09 -23.74
N ASN E 126 -4.67 9.13 -22.67
CA ASN E 126 -4.13 9.27 -21.32
C ASN E 126 -4.53 8.04 -20.51
N GLU E 127 -3.80 6.96 -20.76
CA GLU E 127 -4.04 5.66 -20.16
C GLU E 127 -2.81 5.17 -19.41
N LYS E 128 -2.92 5.02 -18.09
CA LYS E 128 -1.88 4.31 -17.37
C LYS E 128 -1.97 2.81 -17.62
N GLY E 129 -3.14 2.23 -17.38
CA GLY E 129 -3.36 0.82 -17.64
C GLY E 129 -4.83 0.48 -17.75
N ALA E 130 -5.16 -0.47 -18.63
CA ALA E 130 -6.53 -0.91 -18.77
C ALA E 130 -6.56 -2.37 -19.16
N ASN E 131 -7.60 -3.07 -18.74
CA ASN E 131 -7.78 -4.45 -19.15
C ASN E 131 -9.26 -4.81 -19.23
N PHE E 132 -9.52 -5.87 -19.97
CA PHE E 132 -10.84 -6.44 -20.20
C PHE E 132 -11.28 -7.24 -18.97
N HIS E 133 -12.53 -7.67 -19.00
CA HIS E 133 -13.11 -8.48 -17.93
C HIS E 133 -13.40 -9.88 -18.42
N GLU E 134 -13.05 -10.88 -17.60
CA GLU E 134 -13.41 -12.25 -17.83
C GLU E 134 -14.00 -12.80 -16.53
N VAL E 135 -15.22 -12.37 -16.19
CA VAL E 135 -15.82 -12.89 -14.97
C VAL E 135 -16.34 -14.31 -15.16
N THR E 136 -17.10 -14.57 -16.23
CA THR E 136 -17.53 -15.91 -16.58
C THR E 136 -17.33 -16.19 -18.06
N THR E 137 -17.74 -15.22 -18.87
CA THR E 137 -17.60 -15.16 -20.32
C THR E 137 -17.04 -13.80 -20.68
N ASP E 138 -16.61 -13.66 -21.93
CA ASP E 138 -16.11 -12.38 -22.42
C ASP E 138 -17.22 -11.33 -22.35
N ASN E 139 -16.92 -10.18 -21.76
CA ASN E 139 -17.91 -9.11 -21.71
C ASN E 139 -17.87 -8.30 -23.00
N LYS E 140 -18.02 -8.97 -24.13
CA LYS E 140 -17.98 -8.36 -25.46
C LYS E 140 -19.19 -8.81 -26.24
N LEU E 141 -19.93 -7.87 -26.81
CA LEU E 141 -21.08 -8.20 -27.62
C LEU E 141 -20.98 -7.48 -28.95
N LEU E 142 -21.12 -8.22 -30.05
CA LEU E 142 -21.13 -7.63 -31.38
C LEU E 142 -22.38 -8.12 -32.10
N ARG E 143 -23.14 -7.18 -32.65
CA ARG E 143 -24.38 -7.48 -33.34
C ARG E 143 -24.38 -6.80 -34.70
N ILE E 144 -24.74 -7.55 -35.74
CA ILE E 144 -24.73 -7.06 -37.13
C ILE E 144 -26.17 -6.94 -37.60
N SER E 145 -26.56 -5.74 -38.01
CA SER E 145 -27.91 -5.51 -38.50
C SER E 145 -28.03 -5.96 -39.94
N LYS E 146 -29.28 -5.95 -40.42
CA LYS E 146 -29.59 -6.35 -41.79
C LYS E 146 -28.92 -5.46 -42.82
N ASN E 147 -29.02 -4.13 -42.64
CA ASN E 147 -28.44 -3.19 -43.60
C ASN E 147 -26.91 -3.18 -43.57
N GLY E 148 -26.30 -3.48 -42.42
CA GLY E 148 -24.86 -3.40 -42.34
C GLY E 148 -24.33 -2.57 -41.19
N ASN E 149 -25.23 -2.07 -40.35
CA ASN E 149 -24.82 -1.42 -39.11
C ASN E 149 -24.21 -2.45 -38.17
N VAL E 150 -23.11 -2.06 -37.52
CA VAL E 150 -22.44 -2.92 -36.55
C VAL E 150 -22.47 -2.25 -35.19
N LEU E 151 -22.97 -2.99 -34.19
CA LEU E 151 -23.03 -2.53 -32.81
C LEU E 151 -22.04 -3.34 -31.99
N TYR E 152 -21.06 -2.66 -31.41
CA TYR E 152 -19.97 -3.31 -30.68
C TYR E 152 -19.88 -2.73 -29.28
N SER E 153 -20.04 -3.57 -28.26
CA SER E 153 -20.05 -3.14 -26.87
C SER E 153 -18.98 -3.88 -26.06
N ILE E 154 -18.19 -3.13 -25.31
CA ILE E 154 -17.05 -3.67 -24.57
C ILE E 154 -17.09 -3.07 -23.17
N ARG E 155 -16.98 -3.91 -22.14
CA ARG E 155 -16.88 -3.41 -20.78
C ARG E 155 -15.41 -3.36 -20.39
N ILE E 156 -14.93 -2.20 -19.96
CA ILE E 156 -13.52 -1.93 -19.75
C ILE E 156 -13.36 -1.28 -18.38
N THR E 157 -12.24 -1.57 -17.70
CA THR E 157 -11.81 -0.79 -16.56
C THR E 157 -10.51 -0.07 -16.91
N LEU E 158 -10.44 1.21 -16.57
CA LEU E 158 -9.38 2.08 -17.07
C LEU E 158 -8.74 2.87 -15.94
N VAL E 159 -7.44 3.11 -16.05
CA VAL E 159 -6.78 3.99 -15.11
C VAL E 159 -6.37 5.20 -15.93
N LEU E 160 -7.25 6.20 -16.02
CA LEU E 160 -6.97 7.37 -16.83
C LEU E 160 -6.12 8.37 -16.06
N ALA E 161 -5.20 9.04 -16.75
CA ALA E 161 -4.34 10.02 -16.09
C ALA E 161 -4.80 11.44 -16.37
N CYS E 162 -5.15 12.17 -15.33
CA CYS E 162 -5.51 13.57 -15.50
C CYS E 162 -4.64 14.48 -14.65
N PRO E 163 -3.99 15.48 -15.26
CA PRO E 163 -3.21 16.44 -14.49
C PRO E 163 -4.13 17.24 -13.57
N MET E 164 -3.72 17.39 -12.32
CA MET E 164 -4.50 18.18 -11.37
C MET E 164 -3.54 19.01 -10.54
N ASP E 165 -4.08 20.03 -9.89
CA ASP E 165 -3.25 20.94 -9.11
C ASP E 165 -3.99 21.33 -7.84
N LEU E 166 -3.21 21.71 -6.84
CA LEU E 166 -3.73 22.06 -5.53
C LEU E 166 -3.19 23.41 -5.10
N LYS E 167 -3.36 24.40 -5.96
CA LYS E 167 -2.99 25.76 -5.59
C LYS E 167 -3.88 26.27 -4.48
N ASN E 168 -5.15 25.90 -4.52
CA ASN E 168 -6.13 26.22 -3.48
C ASN E 168 -6.82 24.94 -3.04
N PHE E 169 -6.14 24.20 -2.15
CA PHE E 169 -6.53 22.81 -1.84
C PHE E 169 -7.92 22.63 -1.23
N PRO E 170 -8.36 23.39 -0.20
CA PRO E 170 -9.73 23.16 0.30
C PRO E 170 -10.82 23.49 -0.71
N MET E 171 -10.59 24.46 -1.60
CA MET E 171 -11.61 24.87 -2.57
C MET E 171 -10.98 24.76 -3.95
N ASP E 172 -10.96 23.54 -4.47
CA ASP E 172 -10.43 23.31 -5.81
C ASP E 172 -11.45 22.56 -6.65
N VAL E 173 -11.43 22.82 -7.95
CA VAL E 173 -12.36 22.19 -8.87
C VAL E 173 -11.50 21.49 -9.93
N GLN E 174 -11.30 20.19 -9.81
CA GLN E 174 -10.44 19.53 -10.77
C GLN E 174 -11.27 19.05 -11.96
N THR E 175 -10.63 18.92 -13.12
CA THR E 175 -11.32 18.40 -14.29
C THR E 175 -10.70 17.08 -14.76
N CYS E 176 -11.51 16.04 -14.88
CA CYS E 176 -11.07 14.75 -15.39
C CYS E 176 -11.29 14.67 -16.88
N ILE E 177 -10.25 14.47 -17.68
CA ILE E 177 -10.38 14.50 -19.12
C ILE E 177 -10.29 13.07 -19.64
N MET E 178 -11.30 12.64 -20.37
CA MET E 178 -11.32 11.33 -21.02
C MET E 178 -11.34 11.58 -22.52
N GLN E 179 -10.31 11.10 -23.21
CA GLN E 179 -10.19 11.35 -24.64
C GLN E 179 -9.93 10.06 -25.42
N LEU E 180 -10.69 9.88 -26.48
CA LEU E 180 -10.64 8.71 -27.34
C LEU E 180 -9.99 9.14 -28.63
N GLU E 181 -8.93 8.45 -29.05
CA GLU E 181 -8.24 8.85 -30.26
C GLU E 181 -7.91 7.61 -31.09
N SER E 182 -7.75 7.81 -32.40
CA SER E 182 -7.37 6.72 -33.28
C SER E 182 -5.88 6.45 -33.19
N PHE E 183 -5.47 5.28 -33.65
CA PHE E 183 -4.07 4.88 -33.64
C PHE E 183 -3.66 4.50 -35.06
N GLY E 184 -3.01 5.41 -35.77
CA GLY E 184 -2.54 5.08 -37.09
C GLY E 184 -3.51 5.33 -38.24
N TYR E 185 -4.71 5.84 -37.98
CA TYR E 185 -5.65 6.15 -39.05
C TYR E 185 -5.88 7.65 -39.12
N THR E 186 -5.81 8.20 -40.32
CA THR E 186 -5.97 9.62 -40.57
C THR E 186 -7.44 9.99 -40.73
N MET E 187 -7.70 11.30 -40.81
CA MET E 187 -9.06 11.83 -40.96
C MET E 187 -9.71 11.35 -42.24
N ASN E 188 -8.93 11.27 -43.33
CA ASN E 188 -9.49 10.76 -44.58
C ASN E 188 -9.90 9.29 -44.46
N ASP E 189 -9.21 8.51 -43.63
CA ASP E 189 -9.61 7.12 -43.41
C ASP E 189 -10.72 6.98 -42.38
N LEU E 190 -10.45 7.28 -41.10
CA LEU E 190 -11.39 7.05 -40.02
C LEU E 190 -11.71 8.32 -39.24
N ILE E 191 -13.00 8.60 -39.05
CA ILE E 191 -13.50 9.71 -38.25
C ILE E 191 -14.48 9.15 -37.23
N PHE E 192 -14.32 9.53 -35.96
CA PHE E 192 -15.38 9.21 -35.00
C PHE E 192 -15.77 10.42 -34.17
N GLU E 193 -17.06 10.47 -33.84
CA GLU E 193 -17.65 11.57 -33.08
C GLU E 193 -18.68 11.01 -32.11
N TRP E 194 -19.16 11.88 -31.24
CA TRP E 194 -20.14 11.50 -30.23
C TRP E 194 -21.52 11.25 -30.80
N ASP E 195 -22.28 10.45 -30.06
CA ASP E 195 -23.69 10.23 -30.38
C ASP E 195 -24.48 11.50 -30.16
N GLU E 196 -25.55 11.65 -30.93
CA GLU E 196 -26.36 12.87 -30.90
C GLU E 196 -27.02 13.11 -29.54
N LYS E 197 -27.62 12.08 -28.96
CA LYS E 197 -28.24 12.23 -27.65
C LYS E 197 -27.79 11.11 -26.72
N GLY E 198 -27.63 11.45 -25.44
CA GLY E 198 -27.16 10.51 -24.44
C GLY E 198 -25.79 9.93 -24.71
N ALA E 199 -24.85 10.76 -25.16
CA ALA E 199 -23.50 10.29 -25.47
C ALA E 199 -22.77 9.79 -24.24
N VAL E 200 -22.90 10.47 -23.11
CA VAL E 200 -22.27 10.05 -21.86
C VAL E 200 -23.35 9.92 -20.80
N GLN E 201 -23.42 8.75 -20.18
CA GLN E 201 -24.37 8.46 -19.12
C GLN E 201 -23.62 7.95 -17.90
N VAL E 202 -24.17 8.20 -16.72
CA VAL E 202 -23.55 7.82 -15.46
C VAL E 202 -24.61 7.13 -14.60
N ALA E 203 -24.27 5.95 -14.08
CA ALA E 203 -25.15 5.27 -13.13
C ALA E 203 -25.26 6.07 -11.85
N ASP E 204 -26.45 6.12 -11.29
CA ASP E 204 -26.71 6.96 -10.14
C ASP E 204 -26.15 6.38 -8.85
N GLY E 205 -25.85 7.29 -7.92
CA GLY E 205 -25.34 6.99 -6.59
C GLY E 205 -23.87 6.62 -6.52
N LEU E 206 -22.99 7.52 -6.96
CA LEU E 206 -21.56 7.23 -6.94
C LEU E 206 -21.00 7.20 -5.51
N THR E 207 -21.46 8.15 -4.68
CA THR E 207 -21.04 8.33 -3.27
C THR E 207 -19.53 8.50 -3.09
N LEU E 208 -18.91 9.30 -3.97
CA LEU E 208 -17.46 9.51 -3.95
C LEU E 208 -17.01 10.04 -2.59
N PRO E 209 -15.87 9.55 -2.07
CA PRO E 209 -15.40 10.01 -0.74
C PRO E 209 -15.10 11.49 -0.62
N GLN E 210 -14.41 12.11 -1.57
CA GLN E 210 -14.09 13.52 -1.41
C GLN E 210 -14.82 14.43 -2.40
N PHE E 211 -14.72 14.16 -3.69
CA PHE E 211 -15.31 15.02 -4.71
C PHE E 211 -16.79 14.71 -4.91
N ILE E 212 -17.47 15.62 -5.59
CA ILE E 212 -18.82 15.41 -6.08
C ILE E 212 -18.79 15.54 -7.59
N LEU E 213 -19.35 14.56 -8.29
CA LEU E 213 -19.40 14.61 -9.74
C LEU E 213 -20.54 15.49 -10.20
N LYS E 214 -20.22 16.49 -11.03
CA LYS E 214 -21.20 17.39 -11.60
C LYS E 214 -21.84 16.77 -12.85
N GLU E 215 -22.97 17.35 -13.25
CA GLU E 215 -23.74 16.82 -14.37
C GLU E 215 -23.62 17.60 -15.68
N GLU E 216 -22.70 18.55 -15.82
CA GLU E 216 -22.57 19.25 -17.10
C GLU E 216 -22.08 18.33 -18.21
N LYS E 217 -20.96 17.63 -17.99
CA LYS E 217 -20.39 16.60 -18.88
C LYS E 217 -20.20 17.09 -20.32
N ASP E 218 -19.57 18.25 -20.46
CA ASP E 218 -19.38 18.89 -21.76
C ASP E 218 -18.47 18.08 -22.69
N LEU E 219 -18.84 18.08 -23.97
CA LEU E 219 -18.15 17.33 -25.02
C LEU E 219 -17.50 18.29 -26.02
N ARG E 220 -16.32 17.92 -26.49
CA ARG E 220 -15.59 18.72 -27.49
C ARG E 220 -14.88 17.79 -28.45
N TYR E 221 -14.08 18.40 -29.31
CA TYR E 221 -13.31 17.73 -30.35
C TYR E 221 -11.84 18.03 -30.12
N CYS E 222 -10.98 17.09 -30.50
CA CYS E 222 -9.59 17.39 -30.70
C CYS E 222 -9.14 16.78 -32.02
N THR E 223 -8.20 17.44 -32.67
CA THR E 223 -7.62 16.93 -33.90
C THR E 223 -6.11 16.95 -33.71
N LYS E 224 -5.52 15.77 -33.50
CA LYS E 224 -4.09 15.69 -33.27
C LYS E 224 -3.37 15.95 -34.59
N HIS E 225 -2.86 17.17 -34.75
CA HIS E 225 -2.08 17.52 -35.93
C HIS E 225 -0.65 17.08 -35.71
N TYR E 226 -0.22 16.09 -36.48
CA TYR E 226 1.13 15.56 -36.36
C TYR E 226 1.88 15.79 -37.67
N ASN E 227 3.08 15.22 -37.74
CA ASN E 227 3.85 15.25 -38.98
C ASN E 227 3.19 14.43 -40.08
N THR E 228 2.58 13.30 -39.71
CA THR E 228 1.99 12.41 -40.70
C THR E 228 0.67 12.96 -41.23
N GLY E 229 -0.12 13.56 -40.36
CA GLY E 229 -1.40 14.10 -40.76
C GLY E 229 -2.29 14.28 -39.55
N LYS E 230 -3.51 14.71 -39.83
CA LYS E 230 -4.49 14.91 -38.77
C LYS E 230 -5.06 13.58 -38.31
N PHE E 231 -5.20 13.43 -36.99
CA PHE E 231 -5.80 12.26 -36.37
C PHE E 231 -7.05 12.67 -35.60
N THR E 232 -8.05 11.79 -35.59
CA THR E 232 -9.31 12.15 -34.93
C THR E 232 -9.23 11.94 -33.43
N CYS E 233 -9.99 12.74 -32.70
CA CYS E 233 -10.12 12.58 -31.26
C CYS E 233 -11.40 13.23 -30.78
N ILE E 234 -12.05 12.60 -29.80
CA ILE E 234 -13.18 13.20 -29.12
C ILE E 234 -12.90 13.16 -27.62
N GLU E 235 -13.48 14.11 -26.89
CA GLU E 235 -13.07 14.33 -25.52
C GLU E 235 -14.28 14.65 -24.67
N ALA E 236 -14.45 13.93 -23.56
CA ALA E 236 -15.51 14.18 -22.59
C ALA E 236 -14.85 14.51 -21.27
N ARG E 237 -15.12 15.69 -20.72
CA ARG E 237 -14.58 16.02 -19.42
C ARG E 237 -15.65 16.13 -18.34
N PHE E 238 -15.23 15.84 -17.11
CA PHE E 238 -16.08 15.83 -15.93
C PHE E 238 -15.56 16.80 -14.88
N HIS E 239 -16.46 17.56 -14.29
CA HIS E 239 -16.12 18.54 -13.26
C HIS E 239 -16.35 17.97 -11.86
N LEU E 240 -15.34 18.07 -11.01
CA LEU E 240 -15.39 17.59 -9.63
C LEU E 240 -15.26 18.74 -8.64
N GLU E 241 -16.17 18.83 -7.69
CA GLU E 241 -16.15 19.86 -6.66
C GLU E 241 -15.95 19.22 -5.29
N ARG E 242 -14.86 19.60 -4.62
CA ARG E 242 -14.46 19.04 -3.33
C ARG E 242 -15.30 19.58 -2.19
N GLN E 243 -15.88 18.67 -1.41
CA GLN E 243 -16.67 19.00 -0.21
C GLN E 243 -15.81 19.47 0.95
N MET E 244 -16.25 20.57 1.59
CA MET E 244 -15.58 21.21 2.70
C MET E 244 -16.12 20.83 4.08
N GLY E 245 -16.82 19.72 4.21
CA GLY E 245 -17.33 19.30 5.50
C GLY E 245 -16.29 19.09 6.59
N TYR E 246 -15.45 18.08 6.41
CA TYR E 246 -14.39 17.77 7.35
C TYR E 246 -13.34 18.87 7.41
N TYR E 247 -13.09 19.50 6.27
CA TYR E 247 -12.12 20.58 6.18
C TYR E 247 -12.58 21.81 6.96
N LEU E 248 -13.85 22.16 6.87
CA LEU E 248 -14.32 23.27 7.67
C LEU E 248 -14.39 22.93 9.15
N ILE E 249 -14.97 21.77 9.51
CA ILE E 249 -15.16 21.45 10.93
C ILE E 249 -13.84 21.26 11.68
N GLN E 250 -12.86 20.61 11.07
CA GLN E 250 -11.56 20.34 11.66
C GLN E 250 -10.59 21.31 11.01
N MET E 251 -9.54 21.68 11.74
CA MET E 251 -8.49 22.61 11.31
C MET E 251 -8.95 24.06 11.27
N TYR E 252 -9.92 24.43 10.41
CA TYR E 252 -10.29 25.84 10.29
C TYR E 252 -10.94 26.36 11.58
N ILE E 253 -11.91 25.64 12.12
CA ILE E 253 -12.62 26.06 13.33
C ILE E 253 -11.74 26.00 14.60
N PRO E 254 -10.97 24.91 14.86
CA PRO E 254 -10.11 24.93 16.06
C PRO E 254 -9.04 26.00 16.04
N SER E 255 -8.35 26.22 14.91
CA SER E 255 -7.34 27.26 14.82
C SER E 255 -7.91 28.62 15.22
N LEU E 256 -9.04 28.99 14.60
CA LEU E 256 -9.77 30.21 14.95
C LEU E 256 -10.00 30.31 16.46
N LEU E 257 -10.51 29.23 17.07
CA LEU E 257 -10.77 29.25 18.51
C LEU E 257 -9.48 29.43 19.33
N ILE E 258 -8.39 28.79 18.90
CA ILE E 258 -7.12 28.93 19.61
C ILE E 258 -6.59 30.37 19.51
N VAL E 259 -6.82 31.04 18.38
CA VAL E 259 -6.43 32.44 18.25
C VAL E 259 -7.26 33.32 19.20
N ILE E 260 -8.55 32.98 19.34
CA ILE E 260 -9.42 33.71 20.27
C ILE E 260 -8.92 33.52 21.69
N LEU E 261 -8.60 32.28 22.07
CA LEU E 261 -8.02 32.01 23.39
C LEU E 261 -6.65 32.64 23.55
N SER E 262 -5.93 32.89 22.47
CA SER E 262 -4.67 33.59 22.61
C SER E 262 -4.92 35.02 23.05
N TRP E 263 -5.99 35.63 22.54
CA TRP E 263 -6.22 37.03 22.92
C TRP E 263 -6.71 37.26 24.35
N VAL E 264 -7.07 36.23 25.13
CA VAL E 264 -7.49 36.48 26.52
C VAL E 264 -6.35 36.99 27.41
N SER E 265 -5.09 36.69 27.04
CA SER E 265 -3.92 37.20 27.76
C SER E 265 -3.92 38.71 27.88
N PHE E 266 -4.46 39.42 26.87
CA PHE E 266 -4.61 40.86 26.94
C PHE E 266 -5.51 41.26 28.10
N TRP E 267 -6.63 40.56 28.28
CA TRP E 267 -7.56 40.87 29.35
C TRP E 267 -7.01 40.45 30.72
N ILE E 268 -6.07 39.51 30.75
CA ILE E 268 -5.42 39.13 32.01
C ILE E 268 -4.54 40.28 32.46
N ASN E 269 -4.57 40.58 33.77
CA ASN E 269 -3.76 41.63 34.37
C ASN E 269 -2.26 41.45 34.16
N MET E 270 -1.58 42.58 33.97
CA MET E 270 -0.17 42.62 33.63
C MET E 270 0.70 41.97 34.70
N ASP E 271 0.33 42.12 35.97
CA ASP E 271 1.13 41.61 37.09
C ASP E 271 1.28 40.10 37.07
N ALA E 272 0.33 39.37 36.47
CA ALA E 272 0.38 37.91 36.47
C ALA E 272 1.33 37.40 35.37
N ALA E 273 2.63 37.54 35.67
CA ALA E 273 3.65 37.08 34.73
C ALA E 273 3.64 35.57 34.48
N PRO E 274 3.53 34.67 35.49
CA PRO E 274 3.44 33.23 35.15
C PRO E 274 2.19 32.88 34.38
N ALA E 275 1.04 33.48 34.74
CA ALA E 275 -0.21 33.16 34.06
C ALA E 275 -0.18 33.58 32.59
N ARG E 276 0.32 34.79 32.29
CA ARG E 276 0.31 35.20 30.90
C ARG E 276 1.37 34.47 30.08
N VAL E 277 2.63 34.44 30.56
CA VAL E 277 3.68 33.72 29.83
C VAL E 277 3.28 32.27 29.58
N GLY E 278 2.80 31.58 30.63
CA GLY E 278 2.37 30.20 30.50
C GLY E 278 1.26 30.00 29.49
N LEU E 279 0.23 30.87 29.55
CA LEU E 279 -0.88 30.79 28.60
C LEU E 279 -0.44 31.03 27.17
N GLY E 280 0.40 32.05 26.96
CA GLY E 280 0.81 32.41 25.61
C GLY E 280 1.63 31.32 24.94
N ILE E 281 2.62 30.79 25.69
CA ILE E 281 3.47 29.75 25.10
C ILE E 281 2.64 28.47 24.90
N THR E 282 1.72 28.17 25.83
CA THR E 282 0.91 26.97 25.71
C THR E 282 0.04 27.03 24.46
N THR E 283 -0.54 28.20 24.17
CA THR E 283 -1.32 28.38 22.94
C THR E 283 -0.45 28.19 21.69
N VAL E 284 0.79 28.68 21.74
CA VAL E 284 1.73 28.48 20.63
C VAL E 284 2.00 26.99 20.43
N LEU E 285 2.18 26.27 21.54
CA LEU E 285 2.40 24.82 21.50
C LEU E 285 1.17 24.13 20.93
N THR E 286 -0.02 24.61 21.32
CA THR E 286 -1.28 24.01 20.92
C THR E 286 -1.44 24.09 19.41
N MET E 287 -1.19 25.27 18.82
CA MET E 287 -1.30 25.37 17.36
C MET E 287 -0.21 24.57 16.66
N THR E 288 1.01 24.56 17.19
CA THR E 288 2.06 23.76 16.57
C THR E 288 1.69 22.27 16.54
N THR E 289 1.10 21.77 17.62
CA THR E 289 0.57 20.40 17.64
C THR E 289 -0.57 20.19 16.65
N GLN E 290 -1.50 21.15 16.53
CA GLN E 290 -2.58 20.99 15.56
C GLN E 290 -2.09 20.93 14.13
N SER E 291 -1.15 21.83 13.77
CA SER E 291 -0.62 21.81 12.40
C SER E 291 0.16 20.53 12.15
N SER E 292 0.95 20.10 13.13
CA SER E 292 1.77 18.90 12.98
C SER E 292 0.88 17.66 12.81
N GLY E 293 -0.20 17.57 13.59
CA GLY E 293 -1.11 16.46 13.41
C GLY E 293 -1.84 16.50 12.09
N SER E 294 -2.27 17.69 11.67
CA SER E 294 -3.09 17.79 10.46
C SER E 294 -2.32 17.54 9.17
N ARG E 295 -1.01 17.82 9.14
CA ARG E 295 -0.26 17.61 7.90
C ARG E 295 -0.25 16.15 7.45
N ALA E 296 -0.27 15.21 8.41
CA ALA E 296 -0.33 13.80 8.08
C ALA E 296 -1.58 13.45 7.29
N SER E 297 -2.72 14.02 7.69
CA SER E 297 -3.96 13.86 6.93
C SER E 297 -3.90 14.53 5.57
N LEU E 298 -3.22 15.68 5.48
CA LEU E 298 -3.22 16.45 4.25
C LEU E 298 -2.45 15.75 3.14
N PRO E 299 -2.74 16.06 1.86
CA PRO E 299 -1.96 15.52 0.74
C PRO E 299 -0.48 15.87 0.82
N LYS E 300 0.33 14.99 0.23
CA LYS E 300 1.79 15.11 0.25
C LYS E 300 2.33 15.75 -1.01
N VAL E 301 2.19 17.08 -1.09
CA VAL E 301 2.67 17.83 -2.23
C VAL E 301 3.69 18.84 -1.72
N SER E 302 4.45 19.40 -2.65
CA SER E 302 5.54 20.31 -2.32
C SER E 302 5.23 21.79 -2.49
N TYR E 303 4.28 22.17 -3.34
CA TYR E 303 3.96 23.58 -3.45
C TYR E 303 2.99 24.00 -2.35
N VAL E 304 2.97 25.32 -2.10
CA VAL E 304 2.08 25.88 -1.07
C VAL E 304 0.63 25.70 -1.46
N LYS E 305 -0.24 25.63 -0.45
CA LYS E 305 -1.68 25.51 -0.62
C LYS E 305 -2.37 26.62 0.16
N ALA E 306 -3.68 26.50 0.35
CA ALA E 306 -4.42 27.53 1.07
C ALA E 306 -4.42 27.27 2.57
N ILE E 307 -4.54 25.99 2.95
CA ILE E 307 -4.53 25.59 4.34
C ILE E 307 -3.17 25.92 4.96
N ASP E 308 -2.09 25.84 4.18
CA ASP E 308 -0.76 26.19 4.67
C ASP E 308 -0.67 27.66 5.00
N ILE E 309 -1.28 28.51 4.16
CA ILE E 309 -1.31 29.95 4.40
C ILE E 309 -2.09 30.26 5.66
N TRP E 310 -3.21 29.57 5.86
CA TRP E 310 -4.04 29.75 7.05
C TRP E 310 -3.30 29.35 8.33
N MET E 311 -2.59 28.22 8.29
CA MET E 311 -1.82 27.76 9.45
C MET E 311 -0.65 28.69 9.74
N ALA E 312 0.03 29.18 8.70
CA ALA E 312 1.15 30.11 8.88
C ALA E 312 0.68 31.42 9.49
N VAL E 313 -0.47 31.92 9.04
CA VAL E 313 -1.04 33.16 9.55
C VAL E 313 -1.44 32.99 11.01
N CYS E 314 -2.06 31.86 11.37
CA CYS E 314 -2.42 31.63 12.77
C CYS E 314 -1.16 31.55 13.64
N LEU E 315 -0.08 30.95 13.12
CA LEU E 315 1.16 30.89 13.90
C LEU E 315 1.70 32.30 14.12
N LEU E 316 1.52 33.17 13.11
CA LEU E 316 1.93 34.57 13.25
C LEU E 316 1.14 35.24 14.37
N PHE E 317 -0.18 35.00 14.42
CA PHE E 317 -1.05 35.66 15.41
C PHE E 317 -0.68 35.27 16.83
N VAL E 318 -0.45 33.97 17.07
CA VAL E 318 -0.04 33.50 18.39
C VAL E 318 1.35 34.03 18.73
N PHE E 319 2.24 34.07 17.74
CA PHE E 319 3.60 34.53 17.97
C PHE E 319 3.63 36.01 18.29
N SER E 320 2.87 36.81 17.54
CA SER E 320 2.81 38.24 17.78
C SER E 320 2.20 38.56 19.14
N ALA E 321 1.19 37.76 19.56
CA ALA E 321 0.59 37.98 20.87
C ALA E 321 1.52 37.66 22.02
N LEU E 322 2.40 36.66 21.84
CA LEU E 322 3.41 36.43 22.87
C LEU E 322 4.42 37.57 22.89
N LEU E 323 4.85 38.02 21.69
CA LEU E 323 5.86 39.07 21.59
C LEU E 323 5.41 40.36 22.27
N GLU E 324 4.13 40.73 22.12
CA GLU E 324 3.71 41.96 22.77
C GLU E 324 3.78 41.84 24.28
N TYR E 325 3.46 40.66 24.82
CA TYR E 325 3.54 40.51 26.27
C TYR E 325 4.99 40.69 26.73
N ALA E 326 5.94 40.22 25.93
CA ALA E 326 7.32 40.41 26.36
C ALA E 326 7.82 41.81 26.03
N ALA E 327 7.08 42.54 25.21
CA ALA E 327 7.38 43.91 24.84
C ALA E 327 6.77 44.91 25.80
N VAL E 328 5.73 44.52 26.51
CA VAL E 328 5.05 45.33 27.53
C VAL E 328 5.64 45.12 28.93
N ASN E 329 6.00 43.90 29.31
CA ASN E 329 6.55 43.64 30.63
C ASN E 329 7.88 44.35 30.83
N PHE E 330 8.70 44.41 29.78
CA PHE E 330 9.95 45.14 29.87
C PHE E 330 9.71 46.61 30.14
N ILE E 331 8.67 47.18 29.52
CA ILE E 331 8.34 48.59 29.67
C ILE E 331 7.96 48.94 31.11
N ALA E 332 7.22 48.07 31.80
CA ALA E 332 6.80 48.47 33.13
C ALA E 332 7.81 48.24 34.25
N ARG E 333 8.89 47.47 34.08
CA ARG E 333 9.79 47.40 35.22
C ARG E 333 10.72 48.60 35.31
N GLN E 334 11.22 49.08 34.17
CA GLN E 334 12.06 50.28 34.15
C GLN E 334 11.28 51.52 34.58
N LYS E 401 5.72 56.22 36.86
CA LYS E 401 4.34 55.77 36.72
C LYS E 401 3.92 56.02 35.25
N LEU E 402 4.79 56.75 34.55
CA LEU E 402 4.57 57.00 33.13
C LEU E 402 4.65 55.71 32.34
N PHE E 403 5.63 54.86 32.67
CA PHE E 403 5.80 53.59 32.00
C PHE E 403 4.58 52.70 32.23
N ILE E 404 4.05 52.71 33.45
CA ILE E 404 2.83 51.97 33.79
C ILE E 404 1.67 52.40 32.91
N SER E 405 1.47 53.72 32.78
CA SER E 405 0.44 54.26 31.90
C SER E 405 0.64 53.85 30.46
N ARG E 406 1.88 53.96 29.96
CA ARG E 406 2.22 53.56 28.60
C ARG E 406 1.96 52.08 28.35
N ALA E 407 2.33 51.24 29.32
CA ALA E 407 2.10 49.80 29.24
C ALA E 407 0.60 49.49 29.15
N LYS E 408 -0.20 50.07 30.04
CA LYS E 408 -1.64 49.83 30.00
C LYS E 408 -2.27 50.34 28.71
N ARG E 409 -1.75 51.45 28.18
CA ARG E 409 -2.17 51.96 26.87
C ARG E 409 -1.89 50.94 25.77
N ILE E 410 -0.67 50.39 25.76
CA ILE E 410 -0.27 49.38 24.77
C ILE E 410 -1.17 48.15 24.86
N ASP E 411 -1.50 47.75 26.10
CA ASP E 411 -2.40 46.63 26.35
C ASP E 411 -3.77 46.86 25.71
N THR E 412 -4.41 48.00 26.03
CA THR E 412 -5.73 48.31 25.49
C THR E 412 -5.73 48.44 23.96
N VAL E 413 -4.71 49.13 23.42
CA VAL E 413 -4.57 49.26 21.96
C VAL E 413 -4.47 47.91 21.29
N SER E 414 -3.59 47.01 21.77
CA SER E 414 -3.50 45.71 21.12
C SER E 414 -4.73 44.84 21.40
N ARG E 415 -5.48 45.15 22.46
CA ARG E 415 -6.71 44.44 22.80
C ARG E 415 -7.76 44.67 21.74
N VAL E 416 -7.92 45.92 21.30
CA VAL E 416 -8.90 46.17 20.26
C VAL E 416 -8.28 46.02 18.87
N ALA E 417 -6.95 46.00 18.77
CA ALA E 417 -6.29 45.89 17.47
C ALA E 417 -6.39 44.48 16.90
N PHE E 418 -5.89 43.49 17.65
CA PHE E 418 -5.78 42.10 17.16
C PHE E 418 -7.04 41.43 16.62
N PRO E 419 -8.21 41.46 17.29
CA PRO E 419 -9.43 40.92 16.63
C PRO E 419 -9.75 41.61 15.32
N LEU E 420 -9.66 42.94 15.26
CA LEU E 420 -10.08 43.66 14.06
C LEU E 420 -9.16 43.35 12.88
N VAL E 421 -7.85 43.26 13.13
CA VAL E 421 -6.90 42.87 12.08
C VAL E 421 -7.14 41.44 11.64
N PHE E 422 -7.46 40.55 12.59
CA PHE E 422 -7.78 39.17 12.23
C PHE E 422 -9.03 39.10 11.35
N LEU E 423 -10.01 39.95 11.66
CA LEU E 423 -11.22 40.05 10.85
C LEU E 423 -10.91 40.54 9.43
N ILE E 424 -10.06 41.55 9.31
CA ILE E 424 -9.66 42.06 7.98
C ILE E 424 -8.96 40.98 7.17
N PHE E 425 -8.08 40.20 7.84
CA PHE E 425 -7.41 39.09 7.16
C PHE E 425 -8.43 38.06 6.69
N ASN E 426 -9.39 37.70 7.57
CA ASN E 426 -10.35 36.65 7.24
C ASN E 426 -11.18 37.07 6.04
N ILE E 427 -11.62 38.33 6.02
CA ILE E 427 -12.48 38.82 4.94
C ILE E 427 -11.72 38.76 3.63
N PHE E 428 -10.46 39.24 3.62
CA PHE E 428 -9.68 39.24 2.38
C PHE E 428 -9.39 37.81 1.91
N TYR E 429 -9.02 36.92 2.84
CA TYR E 429 -8.65 35.54 2.49
C TYR E 429 -9.83 34.81 1.86
N TRP E 430 -11.01 34.90 2.51
CA TRP E 430 -12.18 34.19 2.01
C TRP E 430 -12.65 34.78 0.71
N ILE E 431 -12.64 36.12 0.58
CA ILE E 431 -13.10 36.78 -0.64
C ILE E 431 -12.20 36.37 -1.80
N THR E 432 -10.89 36.35 -1.57
CA THR E 432 -9.94 36.02 -2.64
C THR E 432 -10.14 34.60 -3.11
N TYR E 433 -10.31 33.65 -2.17
CA TYR E 433 -10.51 32.27 -2.59
C TYR E 433 -11.85 32.07 -3.31
N LYS E 434 -12.92 32.75 -2.85
CA LYS E 434 -14.19 32.63 -3.56
C LYS E 434 -14.07 33.18 -4.98
N ILE E 435 -13.38 34.32 -5.15
CA ILE E 435 -13.21 34.90 -6.48
C ILE E 435 -12.41 33.96 -7.37
N ILE E 436 -11.33 33.38 -6.84
CA ILE E 436 -10.46 32.52 -7.67
C ILE E 436 -11.20 31.24 -8.07
N ARG E 437 -11.97 30.62 -7.15
CA ARG E 437 -12.74 29.42 -7.51
C ARG E 437 -13.83 29.75 -8.53
N SER E 438 -14.47 30.93 -8.38
CA SER E 438 -15.47 31.37 -9.35
C SER E 438 -14.82 31.58 -10.71
N GLU E 439 -13.60 32.11 -10.72
CA GLU E 439 -12.86 32.29 -11.98
C GLU E 439 -12.59 30.93 -12.61
N ASP E 440 -12.25 29.93 -11.79
CA ASP E 440 -11.98 28.58 -12.28
C ASP E 440 -13.23 27.98 -12.91
N ILE E 441 -14.40 28.21 -12.30
CA ILE E 441 -15.64 27.68 -12.83
C ILE E 441 -16.35 28.76 -13.64
C1 NAG F . 32.53 -32.50 -13.76
C2 NAG F . 33.08 -33.47 -14.77
C3 NAG F . 33.42 -34.80 -14.06
C4 NAG F . 34.29 -34.57 -12.81
C5 NAG F . 33.63 -33.49 -11.95
C6 NAG F . 34.46 -33.10 -10.75
C7 NAG F . 32.50 -33.90 -17.10
C8 NAG F . 31.39 -34.12 -18.09
N2 NAG F . 32.13 -33.70 -15.83
O3 NAG F . 34.10 -35.64 -14.98
O4 NAG F . 34.37 -35.79 -12.08
O5 NAG F . 33.48 -32.31 -12.74
O6 NAG F . 34.47 -34.13 -9.77
O7 NAG F . 33.68 -33.92 -17.44
C1 NAG F . 35.72 -36.30 -12.07
C2 NAG F . 35.69 -37.67 -11.42
C3 NAG F . 37.10 -38.25 -11.35
C4 NAG F . 37.82 -38.18 -12.70
C5 NAG F . 37.63 -36.80 -13.36
C6 NAG F . 38.11 -36.76 -14.78
C7 NAG F . 33.84 -38.02 -9.85
C8 NAG F . 33.38 -37.89 -8.43
N2 NAG F . 35.09 -37.61 -10.10
O3 NAG F . 37.03 -39.60 -10.91
O4 NAG F . 39.20 -38.43 -12.53
O5 NAG F . 36.24 -36.43 -13.37
O6 NAG F . 37.62 -37.87 -15.52
O7 NAG F . 33.12 -38.48 -10.73
C1 NAG G . -7.97 -47.27 0.41
C2 NAG G . -8.03 -48.62 -0.29
C3 NAG G . -9.33 -49.34 0.08
C4 NAG G . -9.57 -49.37 1.59
C5 NAG G . -9.40 -47.94 2.14
C6 NAG G . -9.50 -47.86 3.65
C7 NAG G . -7.27 -49.35 -2.49
C8 NAG G . -7.25 -49.03 -3.97
N2 NAG G . -7.91 -48.47 -1.72
O3 NAG G . -9.29 -50.66 -0.43
O4 NAG G . -10.90 -49.82 1.84
O5 NAG G . -8.09 -47.48 1.78
O6 NAG G . -10.82 -48.06 4.09
O7 NAG G . -6.74 -50.35 -2.04
C1 NAG G . -10.89 -51.09 2.53
C2 NAG G . -12.33 -51.57 2.61
C3 NAG G . -12.38 -52.90 3.36
C4 NAG G . -11.38 -53.91 2.81
C5 NAG G . -10.00 -53.26 2.60
C6 NAG G . -9.04 -54.15 1.84
C7 NAG G . -14.02 -49.80 2.56
C8 NAG G . -14.82 -48.84 3.38
N2 NAG G . -13.17 -50.58 3.25
O3 NAG G . -13.70 -53.44 3.26
O4 NAG G . -11.24 -55.00 3.71
O5 NAG G . -10.12 -52.05 1.84
O6 NAG G . -9.66 -54.70 0.69
O7 NAG G . -14.12 -49.87 1.35
C1 NAG H . -39.68 -20.68 -17.38
C2 NAG H . -40.37 -21.67 -18.30
C3 NAG H . -41.54 -20.98 -19.00
C4 NAG H . -42.45 -20.24 -18.04
C5 NAG H . -41.59 -19.35 -17.13
C6 NAG H . -42.37 -18.67 -16.03
C7 NAG H . -39.49 -23.47 -19.70
C8 NAG H . -38.45 -23.87 -20.70
N2 NAG H . -39.43 -22.21 -19.27
O3 NAG H . -42.28 -21.96 -19.73
O4 NAG H . -43.37 -19.43 -18.76
O5 NAG H . -40.61 -20.18 -16.48
O6 NAG H . -43.20 -17.63 -16.55
O7 NAG H . -40.35 -24.25 -19.31
C1 NAG H . -44.73 -19.90 -18.58
C2 NAG H . -45.61 -19.10 -19.52
C3 NAG H . -47.06 -19.52 -19.36
C4 NAG H . -47.23 -21.04 -19.43
C5 NAG H . -46.17 -21.76 -18.58
C6 NAG H . -46.14 -23.25 -18.82
C7 NAG H . -44.75 -16.88 -20.09
C8 NAG H . -44.69 -15.43 -19.71
N2 NAG H . -45.45 -17.67 -19.29
O3 NAG H . -47.86 -18.90 -20.36
O4 NAG H . -48.52 -21.41 -18.97
O5 NAG H . -44.85 -21.27 -18.90
O6 NAG H . -46.14 -23.55 -20.21
O7 NAG H . -44.18 -17.30 -21.09
C1 NAG I . 25.56 3.30 -40.46
C2 NAG I . 25.83 2.89 -41.90
C3 NAG I . 27.33 2.62 -42.06
C4 NAG I . 28.20 3.76 -41.52
C5 NAG I . 27.73 4.09 -40.11
C6 NAG I . 28.43 5.29 -39.51
C7 NAG I . 24.55 1.55 -43.49
C8 NAG I . 23.76 0.30 -43.69
N2 NAG I . 25.06 1.73 -42.26
O3 NAG I . 27.61 2.42 -43.45
O4 NAG I . 29.56 3.34 -41.49
O5 NAG I . 26.34 4.42 -40.15
O6 NAG I . 29.78 4.99 -39.17
O7 NAG I . 24.72 2.37 -44.38
C1 NAG I . 30.36 4.12 -42.42
C2 NAG I . 31.75 3.49 -42.45
C3 NAG I . 32.65 4.29 -43.39
C4 NAG I . 32.00 4.53 -44.75
C5 NAG I . 30.54 4.97 -44.60
C6 NAG I . 29.79 4.97 -45.92
C7 NAG I . 32.39 2.29 -40.42
C8 NAG I . 33.00 2.40 -39.05
N2 NAG I . 32.31 3.43 -41.11
O3 NAG I . 33.88 3.61 -43.55
O4 NAG I . 32.72 5.51 -45.48
O5 NAG I . 29.82 4.09 -43.73
O6 NAG I . 30.00 3.77 -46.63
O7 NAG I . 31.96 1.23 -40.86
C1 NAG J . -19.13 10.71 -42.69
C2 NAG J . -19.63 10.30 -44.07
C3 NAG J . -19.07 11.28 -45.12
C4 NAG J . -19.31 12.74 -44.73
C5 NAG J . -18.84 12.95 -43.28
C6 NAG J . -19.13 14.33 -42.75
C7 NAG J . -20.01 8.11 -45.08
C8 NAG J . -19.45 6.74 -45.32
N2 NAG J . -19.24 8.94 -44.38
O3 NAG J . -19.68 11.00 -46.37
O4 NAG J . -18.57 13.59 -45.61
O5 NAG J . -19.53 12.03 -42.44
O6 NAG J . -18.30 15.31 -43.35
O7 NAG J . -21.10 8.46 -45.53
C1 NAG J . -19.46 14.39 -46.42
C2 NAG J . -18.60 15.12 -47.43
C3 NAG J . -19.48 16.01 -48.31
C4 NAG J . -20.68 15.26 -48.88
C5 NAG J . -21.36 14.41 -47.81
C6 NAG J . -22.39 13.46 -48.37
C7 NAG J . -16.29 15.51 -46.74
C8 NAG J . -15.34 16.43 -46.02
N2 NAG J . -17.56 15.89 -46.78
O3 NAG J . -18.69 16.55 -49.37
O4 NAG J . -21.62 16.17 -49.42
O5 NAG J . -20.40 13.60 -47.11
O6 NAG J . -21.89 12.75 -49.50
O7 NAG J . -15.91 14.47 -47.26
C1 TCI K . 21.95 5.90 45.61
O1 TCI K . 21.16 4.95 43.61
C2 TCI K . 21.94 6.91 46.54
O2 TCI K . 19.49 9.18 45.18
C3 TCI K . 21.11 7.99 46.37
C4 TCI K . 20.27 8.08 45.28
C5 TCI K . 20.25 7.05 44.33
C6 TCI K . 21.13 5.98 44.49
C7 TCI K . 19.39 7.07 43.07
C8 TCI K . 17.92 7.39 43.19
C9 TCI K . 17.07 7.13 42.23
C10 TCI K . 17.36 6.11 41.16
C11 TCI K . 18.86 6.10 40.87
C12 TCI K . 19.48 5.77 42.22
C13 TCI K . 20.88 5.20 42.19
C14 TCI K . 20.84 3.87 41.45
C15 TCI K . 21.95 6.09 41.53
C16 TCI K . 15.60 7.45 42.44
C17 TCI K . 22.85 6.85 47.75
C18 TCI K . 24.30 6.89 47.27
C19 TCI K . 25.23 6.69 48.47
C20 TCI K . 26.74 6.81 48.16
C21 TCI K . 27.08 7.22 46.72
C1 TCI L . -13.39 4.98 48.88
O1 TCI L . -13.29 4.25 46.64
C2 TCI L . -13.11 5.92 49.85
O2 TCI L . -11.35 8.45 47.98
C3 TCI L . -12.42 7.06 49.52
C4 TCI L . -12.02 7.29 48.21
C5 TCI L . -12.32 6.37 47.21
C6 TCI L . -12.98 5.19 47.57
C7 TCI L . -11.89 6.52 45.76
C8 TCI L . -12.15 7.83 45.05
C9 TCI L . -12.09 7.94 43.75
C10 TCI L . -12.23 6.74 42.84
C11 TCI L . -11.61 5.52 43.53
C12 TCI L . -12.41 5.41 44.82
C13 TCI L . -12.41 4.04 45.49
C14 TCI L . -13.07 3.04 44.54
C15 TCI L . -11.03 3.50 45.88
C16 TCI L . -12.40 9.26 43.10
C17 TCI L . -13.53 5.69 51.28
C18 TCI L . -12.80 4.46 51.82
C19 TCI L . -13.32 4.13 53.22
C20 TCI L . -12.59 2.97 53.94
C21 TCI L . -11.39 2.38 53.19
C1 TCI M . -26.93 31.40 29.89
O1 TCI M . -26.26 30.07 28.07
C2 TCI M . -26.64 32.10 31.03
O2 TCI M . -23.09 31.54 31.38
C3 TCI M . -25.35 32.13 31.51
C4 TCI M . -24.34 31.46 30.84
C5 TCI M . -24.62 30.78 29.66
C6 TCI M . -25.94 30.72 29.21
C7 TCI M . -23.58 29.99 28.87
C8 TCI M . -22.26 30.65 28.54
C9 TCI M . -21.44 30.17 27.62
C10 TCI M . -21.94 29.25 26.53
C11 TCI M . -23.06 28.37 27.09
C12 TCI M . -24.10 29.38 27.55
C13 TCI M . -25.53 28.87 27.68
C14 TCI M . -26.00 28.42 26.30
C15 TCI M . -25.71 27.70 28.66
C16 TCI M . -20.16 30.90 27.31
C17 TCI M . -27.73 32.83 31.79
C18 TCI M . -28.74 31.81 32.30
C19 TCI M . -29.93 32.53 32.96
C20 TCI M . -30.98 31.62 33.61
C21 TCI M . -30.64 30.12 33.61
C1 TCI N . 30.27 32.97 24.40
O1 TCI N . 29.51 31.26 22.97
C2 TCI N . 30.11 33.78 25.50
O2 TCI N . 26.85 32.76 26.70
C3 TCI N . 28.95 33.69 26.24
C4 TCI N . 27.96 32.78 25.91
C5 TCI N . 28.13 31.93 24.82
C6 TCI N . 29.29 32.06 24.04
C7 TCI N . 27.09 30.93 24.35
C8 TCI N . 26.47 30.00 25.37
C9 TCI N . 25.81 28.91 25.02
C10 TCI N . 26.00 28.27 23.67
C11 TCI N . 26.30 29.36 22.63
C12 TCI N . 27.54 30.03 23.17
C13 TCI N . 28.38 30.80 22.16
C14 TCI N . 28.90 29.81 21.11
C15 TCI N . 27.66 31.94 21.44
C16 TCI N . 25.24 28.01 26.09
C17 TCI N . 31.16 34.79 25.88
C18 TCI N . 31.30 35.81 24.76
C19 TCI N . 32.46 36.77 25.06
C20 TCI N . 32.64 37.92 24.05
C21 TCI N . 31.58 38.02 22.95
C1 TCI O . 0.08 48.76 14.69
O1 TCI O . 0.23 46.81 13.37
C2 TCI O . 0.11 49.37 15.92
O2 TCI O . 0.59 46.58 18.17
C3 TCI O . 0.27 48.62 17.06
C4 TCI O . 0.43 47.24 16.99
C5 TCI O . 0.44 46.60 15.75
C6 TCI O . 0.24 47.37 14.60
C7 TCI O . 0.58 45.10 15.57
C8 TCI O . 1.68 44.37 16.29
C9 TCI O . 2.07 43.16 15.96
C10 TCI O . 1.77 42.59 14.61
C11 TCI O . 0.44 43.13 14.10
C12 TCI O . 0.66 44.63 14.09
C13 TCI O . -0.27 45.43 13.19
C14 TCI O . -0.03 45.01 11.75
C15 TCI O . -1.76 45.31 13.50
C16 TCI O . 3.20 42.51 16.71
C17 TCI O . -0.08 50.86 16.04
C18 TCI O . -1.47 51.23 15.52
C19 TCI O . -1.63 52.75 15.50
C20 TCI O . -3.03 53.27 15.10
C21 TCI O . -4.10 52.18 14.89
#